data_4IKD
# 
_entry.id   4IKD 
# 
_audit_conform.dict_name       mmcif_pdbx.dic 
_audit_conform.dict_version    5.403 
_audit_conform.dict_location   http://mmcif.pdb.org/dictionaries/ascii/mmcif_pdbx.dic 
# 
loop_
_database_2.database_id 
_database_2.database_code 
_database_2.pdbx_database_accession 
_database_2.pdbx_DOI 
PDB   4IKD         pdb_00004ikd 10.2210/pdb4ikd/pdb 
RCSB  RCSB076861   ?            ?                   
WWPDB D_1000076861 ?            ?                   
# 
loop_
_pdbx_audit_revision_history.ordinal 
_pdbx_audit_revision_history.data_content_type 
_pdbx_audit_revision_history.major_revision 
_pdbx_audit_revision_history.minor_revision 
_pdbx_audit_revision_history.revision_date 
_pdbx_audit_revision_history.part_number 
1 'Structure model' 1 0 2013-04-24 ? 
2 'Structure model' 1 1 2025-03-26 ? 
# 
_pdbx_audit_revision_details.ordinal             1 
_pdbx_audit_revision_details.revision_ordinal    1 
_pdbx_audit_revision_details.data_content_type   'Structure model' 
_pdbx_audit_revision_details.provider            repository 
_pdbx_audit_revision_details.type                'Initial release' 
_pdbx_audit_revision_details.description         ? 
_pdbx_audit_revision_details.details             ? 
# 
loop_
_pdbx_audit_revision_group.ordinal 
_pdbx_audit_revision_group.revision_ordinal 
_pdbx_audit_revision_group.data_content_type 
_pdbx_audit_revision_group.group 
1 2 'Structure model' 'Data collection'      
2 2 'Structure model' 'Database references'  
3 2 'Structure model' 'Derived calculations' 
4 2 'Structure model' 'Structure summary'    
# 
loop_
_pdbx_audit_revision_category.ordinal 
_pdbx_audit_revision_category.revision_ordinal 
_pdbx_audit_revision_category.data_content_type 
_pdbx_audit_revision_category.category 
1 2 'Structure model' chem_comp_atom            
2 2 'Structure model' chem_comp_bond            
3 2 'Structure model' database_2                
4 2 'Structure model' pdbx_entry_details        
5 2 'Structure model' pdbx_modification_feature 
6 2 'Structure model' struct_conn               
7 2 'Structure model' struct_ref_seq_dif        
8 2 'Structure model' struct_site               
# 
loop_
_pdbx_audit_revision_item.ordinal 
_pdbx_audit_revision_item.revision_ordinal 
_pdbx_audit_revision_item.data_content_type 
_pdbx_audit_revision_item.item 
1  2 'Structure model' '_database_2.pdbx_DOI'                
2  2 'Structure model' '_database_2.pdbx_database_accession' 
3  2 'Structure model' '_struct_conn.pdbx_dist_value'        
4  2 'Structure model' '_struct_conn.pdbx_leaving_atom_flag' 
5  2 'Structure model' '_struct_conn.ptnr1_auth_seq_id'      
6  2 'Structure model' '_struct_conn.ptnr1_label_asym_id'    
7  2 'Structure model' '_struct_conn.ptnr2_auth_seq_id'      
8  2 'Structure model' '_struct_ref_seq_dif.details'         
9  2 'Structure model' '_struct_site.pdbx_auth_asym_id'      
10 2 'Structure model' '_struct_site.pdbx_auth_comp_id'      
11 2 'Structure model' '_struct_site.pdbx_auth_seq_id'       
# 
_pdbx_database_status.entry_id                        4IKD 
_pdbx_database_status.status_code                     REL 
_pdbx_database_status.methods_development_category    ? 
_pdbx_database_status.deposit_site                    RCSB 
_pdbx_database_status.process_site                    PDBJ 
_pdbx_database_status.recvd_initial_deposition_date   2012-12-26 
_pdbx_database_status.status_code_sf                  REL 
_pdbx_database_status.status_code_mr                  ? 
_pdbx_database_status.SG_entry                        ? 
_pdbx_database_status.status_code_cs                  ? 
_pdbx_database_status.pdb_format_compatible           Y 
_pdbx_database_status.status_code_nmr_data            ? 
# 
_pdbx_database_related.db_name        PDB 
_pdbx_database_related.db_id          4IKB 
_pdbx_database_related.details        . 
_pdbx_database_related.content_type   unspecified 
# 
loop_
_audit_author.name 
_audit_author.pdbx_ordinal 
'Xu, J.'  1 
'Xu, T.'  2 
'Liu, J.' 3 
# 
_citation.id                        primary 
_citation.title                     
;Structure of Sorting Nexin 11 (SNX11) Reveals a Novel Extended PX Domain (PXe Domain) Critical for the Inhibition of Sorting Nexin 10 (SNX10) Induced Vacuolation
;
_citation.journal_abbrev            'to be published' 
_citation.journal_volume            ? 
_citation.page_first                ? 
_citation.page_last                 ? 
_citation.year                      ? 
_citation.journal_id_ASTM           ? 
_citation.country                   ? 
_citation.journal_id_ISSN           ? 
_citation.journal_id_CSD            0353 
_citation.book_publisher            ? 
_citation.pdbx_database_id_PubMed   ? 
_citation.pdbx_database_id_DOI      ? 
# 
loop_
_citation_author.citation_id 
_citation_author.name 
_citation_author.ordinal 
_citation_author.identifier_ORCID 
primary 'Xu, J.'  1 ? 
primary 'Xu, T.'  2 ? 
primary 'Liu, J.' 3 ? 
# 
loop_
_entity.id 
_entity.type 
_entity.src_method 
_entity.pdbx_description 
_entity.formula_weight 
_entity.pdbx_number_of_molecules 
_entity.pdbx_ec 
_entity.pdbx_mutation 
_entity.pdbx_fragment 
_entity.details 
1 polymer     man 'Sorting nexin-11' 20203.820 1   ? ? 'UNP residues 7-170' ? 
2 non-polymer syn 'CHLORIDE ION'     35.453    3   ? ? ?                    ? 
3 non-polymer syn 'SODIUM ION'       22.990    4   ? ? ?                    ? 
4 water       nat water              18.015    158 ? ? ?                    ? 
# 
_entity_poly.entity_id                      1 
_entity_poly.type                           'polypeptide(L)' 
_entity_poly.nstd_linkage                   no 
_entity_poly.nstd_monomer                   yes 
_entity_poly.pdbx_seq_one_letter_code       
;MSENQEQEEVITVRVQDPRVQNEGSWNSYVDY(MLY)IFLHTNS(MLY)AFTA(MLY)TSCVRRRYREFVWLR(MLY)QL
QRNAGLVPVPELPGKSTFFGTSDEFIE(MLY)RRQGLQHFLE(MLY)VLQSVVLLSDSQLHLFLQSQLSVPEIEACVQGR
STMTVSDAILRYAMSNCGWAQEERQSSSLEHHHHHH
;
_entity_poly.pdbx_seq_one_letter_code_can   
;MSENQEQEEVITVRVQDPRVQNEGSWNSYVDYKIFLHTNSKAFTAKTSCVRRRYREFVWLRKQLQRNAGLVPVPELPGKS
TFFGTSDEFIEKRRQGLQHFLEKVLQSVVLLSDSQLHLFLQSQLSVPEIEACVQGRSTMTVSDAILRYAMSNCGWAQEER
QSSSLEHHHHHH
;
_entity_poly.pdbx_strand_id                 A 
_entity_poly.pdbx_target_identifier         ? 
# 
loop_
_pdbx_entity_nonpoly.entity_id 
_pdbx_entity_nonpoly.name 
_pdbx_entity_nonpoly.comp_id 
2 'CHLORIDE ION' CL  
3 'SODIUM ION'   NA  
4 water          HOH 
# 
loop_
_entity_poly_seq.entity_id 
_entity_poly_seq.num 
_entity_poly_seq.mon_id 
_entity_poly_seq.hetero 
1 1   MET n 
1 2   SER n 
1 3   GLU n 
1 4   ASN n 
1 5   GLN n 
1 6   GLU n 
1 7   GLN n 
1 8   GLU n 
1 9   GLU n 
1 10  VAL n 
1 11  ILE n 
1 12  THR n 
1 13  VAL n 
1 14  ARG n 
1 15  VAL n 
1 16  GLN n 
1 17  ASP n 
1 18  PRO n 
1 19  ARG n 
1 20  VAL n 
1 21  GLN n 
1 22  ASN n 
1 23  GLU n 
1 24  GLY n 
1 25  SER n 
1 26  TRP n 
1 27  ASN n 
1 28  SER n 
1 29  TYR n 
1 30  VAL n 
1 31  ASP n 
1 32  TYR n 
1 33  MLY n 
1 34  ILE n 
1 35  PHE n 
1 36  LEU n 
1 37  HIS n 
1 38  THR n 
1 39  ASN n 
1 40  SER n 
1 41  MLY n 
1 42  ALA n 
1 43  PHE n 
1 44  THR n 
1 45  ALA n 
1 46  MLY n 
1 47  THR n 
1 48  SER n 
1 49  CYS n 
1 50  VAL n 
1 51  ARG n 
1 52  ARG n 
1 53  ARG n 
1 54  TYR n 
1 55  ARG n 
1 56  GLU n 
1 57  PHE n 
1 58  VAL n 
1 59  TRP n 
1 60  LEU n 
1 61  ARG n 
1 62  MLY n 
1 63  GLN n 
1 64  LEU n 
1 65  GLN n 
1 66  ARG n 
1 67  ASN n 
1 68  ALA n 
1 69  GLY n 
1 70  LEU n 
1 71  VAL n 
1 72  PRO n 
1 73  VAL n 
1 74  PRO n 
1 75  GLU n 
1 76  LEU n 
1 77  PRO n 
1 78  GLY n 
1 79  LYS n 
1 80  SER n 
1 81  THR n 
1 82  PHE n 
1 83  PHE n 
1 84  GLY n 
1 85  THR n 
1 86  SER n 
1 87  ASP n 
1 88  GLU n 
1 89  PHE n 
1 90  ILE n 
1 91  GLU n 
1 92  MLY n 
1 93  ARG n 
1 94  ARG n 
1 95  GLN n 
1 96  GLY n 
1 97  LEU n 
1 98  GLN n 
1 99  HIS n 
1 100 PHE n 
1 101 LEU n 
1 102 GLU n 
1 103 MLY n 
1 104 VAL n 
1 105 LEU n 
1 106 GLN n 
1 107 SER n 
1 108 VAL n 
1 109 VAL n 
1 110 LEU n 
1 111 LEU n 
1 112 SER n 
1 113 ASP n 
1 114 SER n 
1 115 GLN n 
1 116 LEU n 
1 117 HIS n 
1 118 LEU n 
1 119 PHE n 
1 120 LEU n 
1 121 GLN n 
1 122 SER n 
1 123 GLN n 
1 124 LEU n 
1 125 SER n 
1 126 VAL n 
1 127 PRO n 
1 128 GLU n 
1 129 ILE n 
1 130 GLU n 
1 131 ALA n 
1 132 CYS n 
1 133 VAL n 
1 134 GLN n 
1 135 GLY n 
1 136 ARG n 
1 137 SER n 
1 138 THR n 
1 139 MET n 
1 140 THR n 
1 141 VAL n 
1 142 SER n 
1 143 ASP n 
1 144 ALA n 
1 145 ILE n 
1 146 LEU n 
1 147 ARG n 
1 148 TYR n 
1 149 ALA n 
1 150 MET n 
1 151 SER n 
1 152 ASN n 
1 153 CYS n 
1 154 GLY n 
1 155 TRP n 
1 156 ALA n 
1 157 GLN n 
1 158 GLU n 
1 159 GLU n 
1 160 ARG n 
1 161 GLN n 
1 162 SER n 
1 163 SER n 
1 164 SER n 
1 165 LEU n 
1 166 GLU n 
1 167 HIS n 
1 168 HIS n 
1 169 HIS n 
1 170 HIS n 
1 171 HIS n 
1 172 HIS n 
# 
_entity_src_gen.entity_id                          1 
_entity_src_gen.pdbx_src_id                        1 
_entity_src_gen.pdbx_alt_source_flag               sample 
_entity_src_gen.pdbx_seq_type                      ? 
_entity_src_gen.pdbx_beg_seq_num                   ? 
_entity_src_gen.pdbx_end_seq_num                   ? 
_entity_src_gen.gene_src_common_name               human 
_entity_src_gen.gene_src_genus                     ? 
_entity_src_gen.pdbx_gene_src_gene                 SNX11 
_entity_src_gen.gene_src_species                   ? 
_entity_src_gen.gene_src_strain                    ? 
_entity_src_gen.gene_src_tissue                    ? 
_entity_src_gen.gene_src_tissue_fraction           ? 
_entity_src_gen.gene_src_details                   ? 
_entity_src_gen.pdbx_gene_src_fragment             ? 
_entity_src_gen.pdbx_gene_src_scientific_name      'Homo sapiens' 
_entity_src_gen.pdbx_gene_src_ncbi_taxonomy_id     9606 
_entity_src_gen.pdbx_gene_src_variant              ? 
_entity_src_gen.pdbx_gene_src_cell_line            ? 
_entity_src_gen.pdbx_gene_src_atcc                 ? 
_entity_src_gen.pdbx_gene_src_organ                ? 
_entity_src_gen.pdbx_gene_src_organelle            ? 
_entity_src_gen.pdbx_gene_src_cell                 ? 
_entity_src_gen.pdbx_gene_src_cellular_location    ? 
_entity_src_gen.host_org_common_name               ? 
_entity_src_gen.pdbx_host_org_scientific_name      'Escherichia coli' 
_entity_src_gen.pdbx_host_org_ncbi_taxonomy_id     562 
_entity_src_gen.host_org_genus                     ? 
_entity_src_gen.pdbx_host_org_gene                 ? 
_entity_src_gen.pdbx_host_org_organ                ? 
_entity_src_gen.host_org_species                   ? 
_entity_src_gen.pdbx_host_org_tissue               ? 
_entity_src_gen.pdbx_host_org_tissue_fraction      ? 
_entity_src_gen.pdbx_host_org_strain               ? 
_entity_src_gen.pdbx_host_org_variant              ? 
_entity_src_gen.pdbx_host_org_cell_line            ? 
_entity_src_gen.pdbx_host_org_atcc                 ? 
_entity_src_gen.pdbx_host_org_culture_collection   ? 
_entity_src_gen.pdbx_host_org_cell                 ? 
_entity_src_gen.pdbx_host_org_organelle            ? 
_entity_src_gen.pdbx_host_org_cellular_location    ? 
_entity_src_gen.pdbx_host_org_vector_type          plasmid 
_entity_src_gen.pdbx_host_org_vector               ? 
_entity_src_gen.host_org_details                   ? 
_entity_src_gen.expression_system_id               ? 
_entity_src_gen.plasmid_name                       ? 
_entity_src_gen.plasmid_details                    ? 
_entity_src_gen.pdbx_description                   ? 
# 
loop_
_chem_comp.id 
_chem_comp.type 
_chem_comp.mon_nstd_flag 
_chem_comp.name 
_chem_comp.pdbx_synonyms 
_chem_comp.formula 
_chem_comp.formula_weight 
ALA 'L-peptide linking' y ALANINE           ? 'C3 H7 N O2'     89.093  
ARG 'L-peptide linking' y ARGININE          ? 'C6 H15 N4 O2 1' 175.209 
ASN 'L-peptide linking' y ASPARAGINE        ? 'C4 H8 N2 O3'    132.118 
ASP 'L-peptide linking' y 'ASPARTIC ACID'   ? 'C4 H7 N O4'     133.103 
CL  non-polymer         . 'CHLORIDE ION'    ? 'Cl -1'          35.453  
CYS 'L-peptide linking' y CYSTEINE          ? 'C3 H7 N O2 S'   121.158 
GLN 'L-peptide linking' y GLUTAMINE         ? 'C5 H10 N2 O3'   146.144 
GLU 'L-peptide linking' y 'GLUTAMIC ACID'   ? 'C5 H9 N O4'     147.129 
GLY 'peptide linking'   y GLYCINE           ? 'C2 H5 N O2'     75.067  
HIS 'L-peptide linking' y HISTIDINE         ? 'C6 H10 N3 O2 1' 156.162 
HOH non-polymer         . WATER             ? 'H2 O'           18.015  
ILE 'L-peptide linking' y ISOLEUCINE        ? 'C6 H13 N O2'    131.173 
LEU 'L-peptide linking' y LEUCINE           ? 'C6 H13 N O2'    131.173 
LYS 'L-peptide linking' y LYSINE            ? 'C6 H15 N2 O2 1' 147.195 
MET 'L-peptide linking' y METHIONINE        ? 'C5 H11 N O2 S'  149.211 
MLY 'L-peptide linking' n N-DIMETHYL-LYSINE ? 'C8 H18 N2 O2'   174.241 
NA  non-polymer         . 'SODIUM ION'      ? 'Na 1'           22.990  
PHE 'L-peptide linking' y PHENYLALANINE     ? 'C9 H11 N O2'    165.189 
PRO 'L-peptide linking' y PROLINE           ? 'C5 H9 N O2'     115.130 
SER 'L-peptide linking' y SERINE            ? 'C3 H7 N O3'     105.093 
THR 'L-peptide linking' y THREONINE         ? 'C4 H9 N O3'     119.119 
TRP 'L-peptide linking' y TRYPTOPHAN        ? 'C11 H12 N2 O2'  204.225 
TYR 'L-peptide linking' y TYROSINE          ? 'C9 H11 N O3'    181.189 
VAL 'L-peptide linking' y VALINE            ? 'C5 H11 N O2'    117.146 
# 
loop_
_pdbx_poly_seq_scheme.asym_id 
_pdbx_poly_seq_scheme.entity_id 
_pdbx_poly_seq_scheme.seq_id 
_pdbx_poly_seq_scheme.mon_id 
_pdbx_poly_seq_scheme.ndb_seq_num 
_pdbx_poly_seq_scheme.pdb_seq_num 
_pdbx_poly_seq_scheme.auth_seq_num 
_pdbx_poly_seq_scheme.pdb_mon_id 
_pdbx_poly_seq_scheme.auth_mon_id 
_pdbx_poly_seq_scheme.pdb_strand_id 
_pdbx_poly_seq_scheme.pdb_ins_code 
_pdbx_poly_seq_scheme.hetero 
A 1 1   MET 1   7   ?   ?   ?   A . n 
A 1 2   SER 2   8   ?   ?   ?   A . n 
A 1 3   GLU 3   9   ?   ?   ?   A . n 
A 1 4   ASN 4   10  ?   ?   ?   A . n 
A 1 5   GLN 5   11  11  GLN GLN A . n 
A 1 6   GLU 6   12  12  GLU GLU A . n 
A 1 7   GLN 7   13  13  GLN GLN A . n 
A 1 8   GLU 8   14  14  GLU GLU A . n 
A 1 9   GLU 9   15  15  GLU GLU A . n 
A 1 10  VAL 10  16  16  VAL VAL A . n 
A 1 11  ILE 11  17  17  ILE ILE A . n 
A 1 12  THR 12  18  18  THR THR A . n 
A 1 13  VAL 13  19  19  VAL VAL A . n 
A 1 14  ARG 14  20  20  ARG ARG A . n 
A 1 15  VAL 15  21  21  VAL VAL A . n 
A 1 16  GLN 16  22  22  GLN GLN A . n 
A 1 17  ASP 17  23  23  ASP ASP A . n 
A 1 18  PRO 18  24  24  PRO PRO A . n 
A 1 19  ARG 19  25  25  ARG ARG A . n 
A 1 20  VAL 20  26  26  VAL VAL A . n 
A 1 21  GLN 21  27  27  GLN GLN A . n 
A 1 22  ASN 22  28  28  ASN ASN A . n 
A 1 23  GLU 23  29  29  GLU GLU A . n 
A 1 24  GLY 24  30  30  GLY GLY A . n 
A 1 25  SER 25  31  31  SER SER A . n 
A 1 26  TRP 26  32  32  TRP TRP A . n 
A 1 27  ASN 27  33  33  ASN ASN A . n 
A 1 28  SER 28  34  34  SER SER A . n 
A 1 29  TYR 29  35  35  TYR TYR A . n 
A 1 30  VAL 30  36  36  VAL VAL A . n 
A 1 31  ASP 31  37  37  ASP ASP A . n 
A 1 32  TYR 32  38  38  TYR TYR A . n 
A 1 33  MLY 33  39  39  MLY MLY A . n 
A 1 34  ILE 34  40  40  ILE ILE A . n 
A 1 35  PHE 35  41  41  PHE PHE A . n 
A 1 36  LEU 36  42  42  LEU LEU A . n 
A 1 37  HIS 37  43  43  HIS HIS A . n 
A 1 38  THR 38  44  44  THR THR A . n 
A 1 39  ASN 39  45  45  ASN ASN A . n 
A 1 40  SER 40  46  46  SER SER A . n 
A 1 41  MLY 41  47  47  MLY MLY A . n 
A 1 42  ALA 42  48  48  ALA ALA A . n 
A 1 43  PHE 43  49  49  PHE PHE A . n 
A 1 44  THR 44  50  50  THR THR A . n 
A 1 45  ALA 45  51  51  ALA ALA A . n 
A 1 46  MLY 46  52  52  MLY MLY A . n 
A 1 47  THR 47  53  53  THR THR A . n 
A 1 48  SER 48  54  54  SER SER A . n 
A 1 49  CYS 49  55  55  CYS CYS A . n 
A 1 50  VAL 50  56  56  VAL VAL A . n 
A 1 51  ARG 51  57  57  ARG ARG A . n 
A 1 52  ARG 52  58  58  ARG ARG A . n 
A 1 53  ARG 53  59  59  ARG ARG A . n 
A 1 54  TYR 54  60  60  TYR TYR A . n 
A 1 55  ARG 55  61  61  ARG ARG A . n 
A 1 56  GLU 56  62  62  GLU GLU A . n 
A 1 57  PHE 57  63  63  PHE PHE A . n 
A 1 58  VAL 58  64  64  VAL VAL A . n 
A 1 59  TRP 59  65  65  TRP TRP A . n 
A 1 60  LEU 60  66  66  LEU LEU A . n 
A 1 61  ARG 61  67  67  ARG ARG A . n 
A 1 62  MLY 62  68  68  MLY MLY A . n 
A 1 63  GLN 63  69  69  GLN GLN A . n 
A 1 64  LEU 64  70  70  LEU LEU A . n 
A 1 65  GLN 65  71  71  GLN GLN A . n 
A 1 66  ARG 66  72  72  ARG ARG A . n 
A 1 67  ASN 67  73  73  ASN ASN A . n 
A 1 68  ALA 68  74  74  ALA ALA A . n 
A 1 69  GLY 69  75  75  GLY GLY A . n 
A 1 70  LEU 70  76  76  LEU LEU A . n 
A 1 71  VAL 71  77  77  VAL VAL A . n 
A 1 72  PRO 72  78  78  PRO PRO A . n 
A 1 73  VAL 73  79  79  VAL VAL A . n 
A 1 74  PRO 74  80  80  PRO PRO A . n 
A 1 75  GLU 75  81  81  GLU GLU A . n 
A 1 76  LEU 76  82  82  LEU LEU A . n 
A 1 77  PRO 77  83  83  PRO PRO A . n 
A 1 78  GLY 78  84  84  GLY GLY A . n 
A 1 79  LYS 79  85  ?   ?   ?   A . n 
A 1 80  SER 80  86  ?   ?   ?   A . n 
A 1 81  THR 81  87  87  THR THR A . n 
A 1 82  PHE 82  88  88  PHE PHE A . n 
A 1 83  PHE 83  89  89  PHE PHE A . n 
A 1 84  GLY 84  90  90  GLY GLY A . n 
A 1 85  THR 85  91  91  THR THR A . n 
A 1 86  SER 86  92  92  SER SER A . n 
A 1 87  ASP 87  93  93  ASP ASP A . n 
A 1 88  GLU 88  94  94  GLU GLU A . n 
A 1 89  PHE 89  95  95  PHE PHE A . n 
A 1 90  ILE 90  96  96  ILE ILE A . n 
A 1 91  GLU 91  97  97  GLU GLU A . n 
A 1 92  MLY 92  98  98  MLY MLY A . n 
A 1 93  ARG 93  99  99  ARG ARG A . n 
A 1 94  ARG 94  100 100 ARG ARG A . n 
A 1 95  GLN 95  101 101 GLN GLN A . n 
A 1 96  GLY 96  102 102 GLY GLY A . n 
A 1 97  LEU 97  103 103 LEU LEU A . n 
A 1 98  GLN 98  104 104 GLN GLN A . n 
A 1 99  HIS 99  105 105 HIS HIS A . n 
A 1 100 PHE 100 106 106 PHE PHE A . n 
A 1 101 LEU 101 107 107 LEU LEU A . n 
A 1 102 GLU 102 108 108 GLU GLU A . n 
A 1 103 MLY 103 109 109 MLY MLY A . n 
A 1 104 VAL 104 110 110 VAL VAL A . n 
A 1 105 LEU 105 111 111 LEU LEU A . n 
A 1 106 GLN 106 112 112 GLN GLN A . n 
A 1 107 SER 107 113 113 SER SER A . n 
A 1 108 VAL 108 114 114 VAL VAL A . n 
A 1 109 VAL 109 115 115 VAL VAL A . n 
A 1 110 LEU 110 116 116 LEU LEU A . n 
A 1 111 LEU 111 117 117 LEU LEU A . n 
A 1 112 SER 112 118 118 SER SER A . n 
A 1 113 ASP 113 119 119 ASP ASP A . n 
A 1 114 SER 114 120 120 SER SER A . n 
A 1 115 GLN 115 121 121 GLN GLN A . n 
A 1 116 LEU 116 122 122 LEU LEU A . n 
A 1 117 HIS 117 123 123 HIS HIS A . n 
A 1 118 LEU 118 124 124 LEU LEU A . n 
A 1 119 PHE 119 125 125 PHE PHE A . n 
A 1 120 LEU 120 126 126 LEU LEU A . n 
A 1 121 GLN 121 127 127 GLN GLN A . n 
A 1 122 SER 122 128 128 SER SER A . n 
A 1 123 GLN 123 129 129 GLN GLN A . n 
A 1 124 LEU 124 130 130 LEU LEU A . n 
A 1 125 SER 125 131 131 SER SER A . n 
A 1 126 VAL 126 132 132 VAL VAL A . n 
A 1 127 PRO 127 133 133 PRO PRO A . n 
A 1 128 GLU 128 134 134 GLU GLU A . n 
A 1 129 ILE 129 135 135 ILE ILE A . n 
A 1 130 GLU 130 136 136 GLU GLU A . n 
A 1 131 ALA 131 137 137 ALA ALA A . n 
A 1 132 CYS 132 138 138 CYS CYS A . n 
A 1 133 VAL 133 139 139 VAL VAL A . n 
A 1 134 GLN 134 140 140 GLN GLN A . n 
A 1 135 GLY 135 141 141 GLY GLY A . n 
A 1 136 ARG 136 142 142 ARG ARG A . n 
A 1 137 SER 137 143 143 SER SER A . n 
A 1 138 THR 138 144 144 THR THR A . n 
A 1 139 MET 139 145 145 MET MET A . n 
A 1 140 THR 140 146 146 THR THR A . n 
A 1 141 VAL 141 147 147 VAL VAL A . n 
A 1 142 SER 142 148 148 SER SER A . n 
A 1 143 ASP 143 149 149 ASP ASP A . n 
A 1 144 ALA 144 150 150 ALA ALA A . n 
A 1 145 ILE 145 151 151 ILE ILE A . n 
A 1 146 LEU 146 152 152 LEU LEU A . n 
A 1 147 ARG 147 153 153 ARG ARG A . n 
A 1 148 TYR 148 154 154 TYR TYR A . n 
A 1 149 ALA 149 155 155 ALA ALA A . n 
A 1 150 MET 150 156 156 MET MET A . n 
A 1 151 SER 151 157 157 SER SER A . n 
A 1 152 ASN 152 158 158 ASN ASN A . n 
A 1 153 CYS 153 159 159 CYS CYS A . n 
A 1 154 GLY 154 160 160 GLY GLY A . n 
A 1 155 TRP 155 161 ?   ?   ?   A . n 
A 1 156 ALA 156 162 ?   ?   ?   A . n 
A 1 157 GLN 157 163 ?   ?   ?   A . n 
A 1 158 GLU 158 164 ?   ?   ?   A . n 
A 1 159 GLU 159 165 ?   ?   ?   A . n 
A 1 160 ARG 160 166 ?   ?   ?   A . n 
A 1 161 GLN 161 167 ?   ?   ?   A . n 
A 1 162 SER 162 168 ?   ?   ?   A . n 
A 1 163 SER 163 169 ?   ?   ?   A . n 
A 1 164 SER 164 170 ?   ?   ?   A . n 
A 1 165 LEU 165 171 ?   ?   ?   A . n 
A 1 166 GLU 166 172 ?   ?   ?   A . n 
A 1 167 HIS 167 173 ?   ?   ?   A . n 
A 1 168 HIS 168 174 ?   ?   ?   A . n 
A 1 169 HIS 169 175 ?   ?   ?   A . n 
A 1 170 HIS 170 176 ?   ?   ?   A . n 
A 1 171 HIS 171 177 ?   ?   ?   A . n 
A 1 172 HIS 172 178 ?   ?   ?   A . n 
# 
loop_
_pdbx_nonpoly_scheme.asym_id 
_pdbx_nonpoly_scheme.entity_id 
_pdbx_nonpoly_scheme.mon_id 
_pdbx_nonpoly_scheme.ndb_seq_num 
_pdbx_nonpoly_scheme.pdb_seq_num 
_pdbx_nonpoly_scheme.auth_seq_num 
_pdbx_nonpoly_scheme.pdb_mon_id 
_pdbx_nonpoly_scheme.auth_mon_id 
_pdbx_nonpoly_scheme.pdb_strand_id 
_pdbx_nonpoly_scheme.pdb_ins_code 
B 2 CL  1   201 1   CL  CL  A . 
C 2 CL  1   202 2   CL  CL  A . 
D 2 CL  1   203 3   CL  CL  A . 
E 3 NA  1   204 4   NA  NA  A . 
F 3 NA  1   205 5   NA  NA  A . 
G 3 NA  1   206 6   NA  NA  A . 
H 3 NA  1   207 7   NA  NA  A . 
I 4 HOH 1   301 1   HOH HOH A . 
I 4 HOH 2   302 2   HOH HOH A . 
I 4 HOH 3   303 5   HOH HOH A . 
I 4 HOH 4   304 6   HOH HOH A . 
I 4 HOH 5   305 7   HOH HOH A . 
I 4 HOH 6   306 8   HOH HOH A . 
I 4 HOH 7   307 9   HOH HOH A . 
I 4 HOH 8   308 10  HOH HOH A . 
I 4 HOH 9   309 11  HOH HOH A . 
I 4 HOH 10  310 12  HOH HOH A . 
I 4 HOH 11  311 13  HOH HOH A . 
I 4 HOH 12  312 14  HOH HOH A . 
I 4 HOH 13  313 15  HOH HOH A . 
I 4 HOH 14  314 16  HOH HOH A . 
I 4 HOH 15  315 17  HOH HOH A . 
I 4 HOH 16  316 18  HOH HOH A . 
I 4 HOH 17  317 19  HOH HOH A . 
I 4 HOH 18  318 20  HOH HOH A . 
I 4 HOH 19  319 21  HOH HOH A . 
I 4 HOH 20  320 22  HOH HOH A . 
I 4 HOH 21  321 23  HOH HOH A . 
I 4 HOH 22  322 24  HOH HOH A . 
I 4 HOH 23  323 25  HOH HOH A . 
I 4 HOH 24  324 27  HOH HOH A . 
I 4 HOH 25  325 28  HOH HOH A . 
I 4 HOH 26  326 29  HOH HOH A . 
I 4 HOH 27  327 30  HOH HOH A . 
I 4 HOH 28  328 31  HOH HOH A . 
I 4 HOH 29  329 32  HOH HOH A . 
I 4 HOH 30  330 33  HOH HOH A . 
I 4 HOH 31  331 34  HOH HOH A . 
I 4 HOH 32  332 35  HOH HOH A . 
I 4 HOH 33  333 37  HOH HOH A . 
I 4 HOH 34  334 38  HOH HOH A . 
I 4 HOH 35  335 39  HOH HOH A . 
I 4 HOH 36  336 40  HOH HOH A . 
I 4 HOH 37  337 41  HOH HOH A . 
I 4 HOH 38  338 42  HOH HOH A . 
I 4 HOH 39  339 43  HOH HOH A . 
I 4 HOH 40  340 44  HOH HOH A . 
I 4 HOH 41  341 45  HOH HOH A . 
I 4 HOH 42  342 46  HOH HOH A . 
I 4 HOH 43  343 47  HOH HOH A . 
I 4 HOH 44  344 49  HOH HOH A . 
I 4 HOH 45  345 50  HOH HOH A . 
I 4 HOH 46  346 51  HOH HOH A . 
I 4 HOH 47  347 52  HOH HOH A . 
I 4 HOH 48  348 53  HOH HOH A . 
I 4 HOH 49  349 54  HOH HOH A . 
I 4 HOH 50  350 55  HOH HOH A . 
I 4 HOH 51  351 56  HOH HOH A . 
I 4 HOH 52  352 58  HOH HOH A . 
I 4 HOH 53  353 59  HOH HOH A . 
I 4 HOH 54  354 60  HOH HOH A . 
I 4 HOH 55  355 62  HOH HOH A . 
I 4 HOH 56  356 64  HOH HOH A . 
I 4 HOH 57  357 65  HOH HOH A . 
I 4 HOH 58  358 66  HOH HOH A . 
I 4 HOH 59  359 67  HOH HOH A . 
I 4 HOH 60  360 68  HOH HOH A . 
I 4 HOH 61  361 69  HOH HOH A . 
I 4 HOH 62  362 70  HOH HOH A . 
I 4 HOH 63  363 71  HOH HOH A . 
I 4 HOH 64  364 72  HOH HOH A . 
I 4 HOH 65  365 73  HOH HOH A . 
I 4 HOH 66  366 74  HOH HOH A . 
I 4 HOH 67  367 75  HOH HOH A . 
I 4 HOH 68  368 76  HOH HOH A . 
I 4 HOH 69  369 77  HOH HOH A . 
I 4 HOH 70  370 78  HOH HOH A . 
I 4 HOH 71  371 80  HOH HOH A . 
I 4 HOH 72  372 81  HOH HOH A . 
I 4 HOH 73  373 82  HOH HOH A . 
I 4 HOH 74  374 83  HOH HOH A . 
I 4 HOH 75  375 84  HOH HOH A . 
I 4 HOH 76  376 85  HOH HOH A . 
I 4 HOH 77  377 86  HOH HOH A . 
I 4 HOH 78  378 87  HOH HOH A . 
I 4 HOH 79  379 89  HOH HOH A . 
I 4 HOH 80  380 90  HOH HOH A . 
I 4 HOH 81  381 91  HOH HOH A . 
I 4 HOH 82  382 92  HOH HOH A . 
I 4 HOH 83  383 93  HOH HOH A . 
I 4 HOH 84  384 94  HOH HOH A . 
I 4 HOH 85  385 95  HOH HOH A . 
I 4 HOH 86  386 96  HOH HOH A . 
I 4 HOH 87  387 97  HOH HOH A . 
I 4 HOH 88  388 98  HOH HOH A . 
I 4 HOH 89  389 99  HOH HOH A . 
I 4 HOH 90  390 100 HOH HOH A . 
I 4 HOH 91  391 101 HOH HOH A . 
I 4 HOH 92  392 102 HOH HOH A . 
I 4 HOH 93  393 103 HOH HOH A . 
I 4 HOH 94  394 104 HOH HOH A . 
I 4 HOH 95  395 105 HOH HOH A . 
I 4 HOH 96  396 106 HOH HOH A . 
I 4 HOH 97  397 107 HOH HOH A . 
I 4 HOH 98  398 108 HOH HOH A . 
I 4 HOH 99  399 109 HOH HOH A . 
I 4 HOH 100 400 110 HOH HOH A . 
I 4 HOH 101 401 111 HOH HOH A . 
I 4 HOH 102 402 113 HOH HOH A . 
I 4 HOH 103 403 115 HOH HOH A . 
I 4 HOH 104 404 116 HOH HOH A . 
I 4 HOH 105 405 118 HOH HOH A . 
I 4 HOH 106 406 119 HOH HOH A . 
I 4 HOH 107 407 120 HOH HOH A . 
I 4 HOH 108 408 122 HOH HOH A . 
I 4 HOH 109 409 124 HOH HOH A . 
I 4 HOH 110 410 125 HOH HOH A . 
I 4 HOH 111 411 126 HOH HOH A . 
I 4 HOH 112 412 128 HOH HOH A . 
I 4 HOH 113 413 129 HOH HOH A . 
I 4 HOH 114 414 130 HOH HOH A . 
I 4 HOH 115 415 131 HOH HOH A . 
I 4 HOH 116 416 132 HOH HOH A . 
I 4 HOH 117 417 134 HOH HOH A . 
I 4 HOH 118 418 135 HOH HOH A . 
I 4 HOH 119 419 137 HOH HOH A . 
I 4 HOH 120 420 140 HOH HOH A . 
I 4 HOH 121 421 141 HOH HOH A . 
I 4 HOH 122 422 143 HOH HOH A . 
I 4 HOH 123 423 144 HOH HOH A . 
I 4 HOH 124 424 145 HOH HOH A . 
I 4 HOH 125 425 146 HOH HOH A . 
I 4 HOH 126 426 147 HOH HOH A . 
I 4 HOH 127 427 148 HOH HOH A . 
I 4 HOH 128 428 151 HOH HOH A . 
I 4 HOH 129 429 152 HOH HOH A . 
I 4 HOH 130 430 153 HOH HOH A . 
I 4 HOH 131 431 154 HOH HOH A . 
I 4 HOH 132 432 155 HOH HOH A . 
I 4 HOH 133 433 156 HOH HOH A . 
I 4 HOH 134 434 157 HOH HOH A . 
I 4 HOH 135 435 158 HOH HOH A . 
I 4 HOH 136 436 159 HOH HOH A . 
I 4 HOH 137 437 160 HOH HOH A . 
I 4 HOH 138 438 161 HOH HOH A . 
I 4 HOH 139 439 162 HOH HOH A . 
I 4 HOH 140 440 163 HOH HOH A . 
I 4 HOH 141 441 164 HOH HOH A . 
I 4 HOH 142 442 165 HOH HOH A . 
I 4 HOH 143 443 166 HOH HOH A . 
I 4 HOH 144 444 168 HOH HOH A . 
I 4 HOH 145 445 169 HOH HOH A . 
I 4 HOH 146 446 170 HOH HOH A . 
I 4 HOH 147 447 171 HOH HOH A . 
I 4 HOH 148 448 172 HOH HOH A . 
I 4 HOH 149 449 173 HOH HOH A . 
I 4 HOH 150 450 175 HOH HOH A . 
I 4 HOH 151 451 179 HOH HOH A . 
I 4 HOH 152 452 180 HOH HOH A . 
I 4 HOH 153 453 181 HOH HOH A . 
I 4 HOH 154 454 182 HOH HOH A . 
I 4 HOH 155 455 183 HOH HOH A . 
I 4 HOH 156 456 184 HOH HOH A . 
I 4 HOH 157 457 185 HOH HOH A . 
I 4 HOH 158 458 186 HOH HOH A . 
# 
loop_
_software.pdbx_ordinal 
_software.name 
_software.version 
_software.date 
_software.type 
_software.contact_author 
_software.contact_author_email 
_software.classification 
_software.location 
_software.language 
_software.citation_id 
1 SCALA       3.3.20 2011/05/18       other   'Phil R. Evans'      pre@mrc-lmb.cam.ac.uk    'data scaling'    
http://www.ccp4.ac.uk/dist/html/scala.html   Fortran_77 ? 
2 MOLREP      .      ?                program 'Alexei Vaguine'     alexei@ysbl.york.ac.uk   phasing           
http://www.ccp4.ac.uk/dist/html/molrep.html  Fortran_77 ? 
3 REFMAC      .      ?                program 'Garib N. Murshudov' garib@ysbl.york.ac.uk    refinement        
http://www.ccp4.ac.uk/dist/html/refmac5.html Fortran_77 ? 
4 PDB_EXTRACT 3.11   'April 22, 2011' package PDB                  deposit@deposit.rcsb.org 'data extraction' 
http://sw-tools.pdb.org/apps/PDB_EXTRACT/    C++        ? 
# 
_cell.length_a           40.120 
_cell.length_b           62.400 
_cell.length_c           66.060 
_cell.angle_alpha        90.000 
_cell.angle_beta         90.000 
_cell.angle_gamma        90.000 
_cell.entry_id           4IKD 
_cell.pdbx_unique_axis   ? 
_cell.Z_PDB              4 
_cell.length_a_esd       ? 
_cell.length_b_esd       ? 
_cell.length_c_esd       ? 
_cell.angle_alpha_esd    ? 
_cell.angle_beta_esd     ? 
_cell.angle_gamma_esd    ? 
# 
_symmetry.space_group_name_H-M             'P 21 21 21' 
_symmetry.entry_id                         4IKD 
_symmetry.Int_Tables_number                19 
_symmetry.pdbx_full_space_group_name_H-M   ? 
_symmetry.cell_setting                     ? 
_symmetry.space_group_name_Hall            ? 
# 
_exptl.crystals_number   1 
_exptl.entry_id          4IKD 
_exptl.method            'X-RAY DIFFRACTION' 
# 
_exptl_crystal.id                    1 
_exptl_crystal.pdbx_mosaicity        0.280 
_exptl_crystal.pdbx_mosaicity_esd    ? 
_exptl_crystal.density_Matthews      2.05 
_exptl_crystal.density_diffrn        ? 
_exptl_crystal.density_meas          ? 
_exptl_crystal.density_meas_temp     ? 
_exptl_crystal.density_percent_sol   39.89 
_exptl_crystal.size_max              ? 
_exptl_crystal.size_mid              ? 
_exptl_crystal.size_min              ? 
_exptl_crystal.size_rad              ? 
_exptl_crystal.description           ? 
_exptl_crystal.F_000                 ? 
_exptl_crystal.preparation           ? 
# 
_exptl_crystal_grow.crystal_id      1 
_exptl_crystal_grow.method          'VAPOR DIFFUSION' 
_exptl_crystal_grow.pH              7.5 
_exptl_crystal_grow.temp            293 
_exptl_crystal_grow.pdbx_details    '0.1M HEPES pH 7.5, 20% PEG 8000, vapor diffusion, temperature 293K' 
_exptl_crystal_grow.temp_details    ? 
_exptl_crystal_grow.pdbx_pH_range   ? 
# 
_diffrn.id                     1 
_diffrn.ambient_temp           ? 
_diffrn.ambient_temp_details   ? 
_diffrn.crystal_id             1 
# 
_diffrn_detector.diffrn_id              1 
_diffrn_detector.detector               CCD 
_diffrn_detector.type                   'MARMOSAIC 225 mm CCD' 
_diffrn_detector.pdbx_collection_date   ? 
_diffrn_detector.details                ? 
# 
_diffrn_radiation.diffrn_id                        1 
_diffrn_radiation.pdbx_diffrn_protocol             'SINGLE WAVELENGTH' 
_diffrn_radiation.monochromator                    ? 
_diffrn_radiation.wavelength_id                    1 
_diffrn_radiation.pdbx_monochromatic_or_laue_m_l   M 
_diffrn_radiation.pdbx_scattering_type             x-ray 
# 
_diffrn_radiation_wavelength.id           1 
_diffrn_radiation_wavelength.wavelength   0.9791 
_diffrn_radiation_wavelength.wt           1.0 
# 
_diffrn_source.diffrn_id                   1 
_diffrn_source.source                      SYNCHROTRON 
_diffrn_source.type                        'SSRF BEAMLINE BL17U' 
_diffrn_source.pdbx_wavelength_list        0.9791 
_diffrn_source.pdbx_wavelength             ? 
_diffrn_source.pdbx_synchrotron_site       SSRF 
_diffrn_source.pdbx_synchrotron_beamline   BL17U 
# 
_reflns.entry_id                     4IKD 
_reflns.d_resolution_high            1.600 
_reflns.d_resolution_low             45.362 
_reflns.number_all                   22474 
_reflns.number_obs                   22474 
_reflns.pdbx_netI_over_sigmaI        7.200 
_reflns.pdbx_Rsym_value              0.123 
_reflns.pdbx_redundancy              4.200 
_reflns.percent_possible_obs         99.700 
_reflns.observed_criterion_sigma_F   ? 
_reflns.observed_criterion_sigma_I   ? 
_reflns.pdbx_Rmerge_I_obs            ? 
_reflns.B_iso_Wilson_estimate        ? 
_reflns.R_free_details               ? 
_reflns.limit_h_max                  ? 
_reflns.limit_h_min                  ? 
_reflns.limit_k_max                  ? 
_reflns.limit_k_min                  ? 
_reflns.limit_l_max                  ? 
_reflns.limit_l_min                  ? 
_reflns.observed_criterion_F_max     ? 
_reflns.observed_criterion_F_min     ? 
_reflns.pdbx_chi_squared             ? 
_reflns.pdbx_scaling_rejects         ? 
_reflns.pdbx_ordinal                 1 
_reflns.pdbx_diffrn_id               1 
# 
loop_
_reflns_shell.d_res_high 
_reflns_shell.d_res_low 
_reflns_shell.number_measured_obs 
_reflns_shell.number_measured_all 
_reflns_shell.number_unique_obs 
_reflns_shell.pdbx_rejects 
_reflns_shell.Rmerge_I_obs 
_reflns_shell.meanI_over_sigI_obs 
_reflns_shell.pdbx_Rsym_value 
_reflns_shell.pdbx_chi_squared 
_reflns_shell.pdbx_redundancy 
_reflns_shell.percent_possible_obs 
_reflns_shell.pdbx_netI_over_sigmaI_obs 
_reflns_shell.number_possible 
_reflns_shell.number_unique_all 
_reflns_shell.Rmerge_F_all 
_reflns_shell.Rmerge_F_obs 
_reflns_shell.Rmerge_I_all 
_reflns_shell.meanI_over_sigI_all 
_reflns_shell.percent_possible_all 
_reflns_shell.pdbx_Rrim_I_all 
_reflns_shell.pdbx_Rpim_I_all 
_reflns_shell.pdbx_ordinal 
_reflns_shell.pdbx_diffrn_id 
1.600 1.690  ? 13827 ? ? 0.521 1.400 0.521 ? 4.200 ? 2.800  ? 3254 ? ? 0.598 ? 99.800  0.598 0.288 1  1 
1.690 1.790  ? 13056 ? ? 0.358 2.000 0.358 ? 4.300 ? 3.800  ? 3049 ? ? 0.410 ? 99.900  0.410 0.196 2  1 
1.790 1.910  ? 12382 ? ? 0.230 3.100 0.230 ? 4.300 ? 5.300  ? 2891 ? ? 0.263 ? 100.000 0.263 0.126 3  1 
1.910 2.070  ? 11510 ? ? 0.161 4.100 0.161 ? 4.300 ? 7.000  ? 2689 ? ? 0.185 ? 99.900  0.185 0.088 4  1 
2.070 2.260  ? 10607 ? ? 0.134 4.500 0.134 ? 4.300 ? 8.500  ? 2495 ? ? 0.154 ? 100.000 0.154 0.074 5  1 
2.260 2.530  ? 9607  ? ? 0.121 4.900 0.121 ? 4.200 ? 9.500  ? 2270 ? ? 0.139 ? 100.000 0.139 0.067 6  1 
2.530 2.920  ? 8399  ? ? 0.120 4.600 0.120 ? 4.200 ? 10.300 ? 2016 ? ? 0.137 ? 99.900  0.137 0.066 7  1 
2.920 3.580  ? 6944  ? ? 0.119 4.500 0.119 ? 4.100 ? 11.200 ? 1693 ? ? 0.136 ? 99.000  0.136 0.065 8  1 
3.580 5.060  ? 5241  ? ? 0.099 5.600 0.099 ? 3.900 ? 11.600 ? 1356 ? ? 0.115 ? 98.900  0.115 0.057 9  1 
5.060 34.291 ? 2871  ? ? 0.102 5.200 0.102 ? 3.800 ? 11.300 ? 761  ? ? 0.120 ? 95.000  0.120 0.061 10 1 
# 
_refine.entry_id                                 4IKD 
_refine.ls_d_res_high                            1.6000 
_refine.ls_d_res_low                             34.2900 
_refine.pdbx_ls_sigma_F                          0.000 
_refine.pdbx_data_cutoff_high_absF               ? 
_refine.pdbx_data_cutoff_low_absF                ? 
_refine.ls_percent_reflns_obs                    99.0300 
_refine.ls_number_reflns_obs                     22322 
_refine.ls_number_reflns_all                     ? 
_refine.pdbx_ls_cross_valid_method               THROUGHOUT 
_refine.pdbx_R_Free_selection_details            RANDOM 
_refine.details                                  'HYDROGENS HAVE BEEN ADDED IN THE RIDING POSITIONS U VALUES: REFINED INDIVIDUALLY' 
_refine.ls_R_factor_all                          ? 
_refine.ls_R_factor_obs                          0.1885 
_refine.ls_R_factor_R_work                       0.1860 
_refine.ls_wR_factor_R_work                      0.2013 
_refine.ls_R_factor_R_free                       0.2374 
_refine.ls_wR_factor_R_free                      0.2509 
_refine.ls_percent_reflns_R_free                 5.1000 
_refine.ls_number_reflns_R_free                  1142 
_refine.ls_R_factor_R_free_error                 ? 
_refine.B_iso_mean                               24.3801 
_refine.solvent_model_param_bsol                 ? 
_refine.solvent_model_param_ksol                 ? 
_refine.pdbx_isotropic_thermal_model             ? 
_refine.aniso_B[1][1]                            -0.3500 
_refine.aniso_B[2][2]                            0.7600 
_refine.aniso_B[3][3]                            -0.4100 
_refine.aniso_B[1][2]                            0.0000 
_refine.aniso_B[1][3]                            0.0000 
_refine.aniso_B[2][3]                            0.0000 
_refine.correlation_coeff_Fo_to_Fc               0.9570 
_refine.correlation_coeff_Fo_to_Fc_free          0.9210 
_refine.overall_SU_R_Cruickshank_DPI             0.0925 
_refine.overall_SU_R_free                        0.1008 
_refine.pdbx_overall_ESU_R                       0.0920 
_refine.pdbx_overall_ESU_R_Free                  0.1010 
_refine.overall_SU_ML                            0.0590 
_refine.overall_SU_B                             1.6360 
_refine.solvent_model_details                    MASK 
_refine.pdbx_solvent_vdw_probe_radii             1.2000 
_refine.pdbx_solvent_ion_probe_radii             0.8000 
_refine.pdbx_solvent_shrinkage_radii             0.8000 
_refine.ls_number_parameters                     ? 
_refine.ls_number_restraints                     ? 
_refine.pdbx_starting_model                      ? 
_refine.pdbx_method_to_determine_struct          'MOLECULAR REPLACEMENT' 
_refine.pdbx_stereochemistry_target_values       'MAXIMUM LIKELIHOOD' 
_refine.pdbx_stereochem_target_val_spec_case     ? 
_refine.overall_FOM_work_R_set                   0.8703 
_refine.B_iso_max                                76.680 
_refine.B_iso_min                                9.890 
_refine.pdbx_overall_phase_error                 ? 
_refine.occupancy_max                            1.000 
_refine.occupancy_min                            0.500 
_refine.pdbx_ls_sigma_I                          ? 
_refine.ls_redundancy_reflns_obs                 ? 
_refine.ls_R_factor_R_free_error_details         ? 
_refine.pdbx_data_cutoff_high_rms_absF           ? 
_refine.overall_FOM_free_R_set                   ? 
_refine.pdbx_diffrn_id                           1 
_refine.pdbx_refine_id                           'X-RAY DIFFRACTION' 
_refine.pdbx_TLS_residual_ADP_flag               ? 
_refine.pdbx_overall_SU_R_free_Cruickshank_DPI   ? 
_refine.pdbx_overall_SU_R_Blow_DPI               ? 
_refine.pdbx_overall_SU_R_free_Blow_DPI          ? 
# 
_refine_hist.pdbx_refine_id                   'X-RAY DIFFRACTION' 
_refine_hist.cycle_id                         LAST 
_refine_hist.pdbx_number_atoms_protein        1214 
_refine_hist.pdbx_number_atoms_nucleic_acid   0 
_refine_hist.pdbx_number_atoms_ligand         7 
_refine_hist.number_atoms_solvent             158 
_refine_hist.number_atoms_total               1379 
_refine_hist.d_res_high                       1.6000 
_refine_hist.d_res_low                        34.2900 
# 
loop_
_refine_ls_restr.type 
_refine_ls_restr.number 
_refine_ls_restr.dev_ideal 
_refine_ls_restr.dev_ideal_target 
_refine_ls_restr.weight 
_refine_ls_restr.pdbx_restraint_function 
_refine_ls_restr.pdbx_refine_id 
r_bond_refined_d       1299 0.015  0.019  ? ? 'X-RAY DIFFRACTION' 
r_bond_other_d         910  0.001  0.020  ? ? 'X-RAY DIFFRACTION' 
r_angle_refined_deg    1771 1.751  1.978  ? ? 'X-RAY DIFFRACTION' 
r_angle_other_deg      2212 0.965  3.000  ? ? 'X-RAY DIFFRACTION' 
r_dihedral_angle_1_deg 167  5.835  5.000  ? ? 'X-RAY DIFFRACTION' 
r_dihedral_angle_2_deg 66   31.183 23.182 ? ? 'X-RAY DIFFRACTION' 
r_dihedral_angle_3_deg 216  15.095 15.000 ? ? 'X-RAY DIFFRACTION' 
r_dihedral_angle_4_deg 14   15.037 15.000 ? ? 'X-RAY DIFFRACTION' 
r_chiral_restr         203  0.112  0.200  ? ? 'X-RAY DIFFRACTION' 
r_gen_planes_refined   1440 0.009  0.020  ? ? 'X-RAY DIFFRACTION' 
r_gen_planes_other     283  0.001  0.020  ? ? 'X-RAY DIFFRACTION' 
# 
_refine_ls_shell.d_res_high                       1.6000 
_refine_ls_shell.d_res_low                        1.6410 
_refine_ls_shell.pdbx_total_number_of_bins_used   20 
_refine_ls_shell.percent_reflns_obs               99.6700 
_refine_ls_shell.number_reflns_R_work             1425 
_refine_ls_shell.R_factor_all                     ? 
_refine_ls_shell.R_factor_R_work                  0.2760 
_refine_ls_shell.R_factor_R_free                  0.3320 
_refine_ls_shell.percent_reflns_R_free            ? 
_refine_ls_shell.number_reflns_R_free             66 
_refine_ls_shell.R_factor_R_free_error            ? 
_refine_ls_shell.number_reflns_all                1491 
_refine_ls_shell.number_reflns_obs                ? 
_refine_ls_shell.pdbx_refine_id                   'X-RAY DIFFRACTION' 
_refine_ls_shell.redundancy_reflns_obs            ? 
# 
_struct.entry_id                  4IKD 
_struct.title                     'Crystal structure of SNX11 PX domain' 
_struct.pdbx_model_details        ? 
_struct.pdbx_CASP_flag            ? 
_struct.pdbx_model_type_details   ? 
# 
_struct_keywords.entry_id        4IKD 
_struct_keywords.text            'SNX11, PX domain, PROTEIN TRANSPORT' 
_struct_keywords.pdbx_keywords   'PROTEIN TRANSPORT' 
# 
loop_
_struct_asym.id 
_struct_asym.pdbx_blank_PDB_chainid_flag 
_struct_asym.pdbx_modified 
_struct_asym.entity_id 
_struct_asym.details 
A N N 1 ? 
B N N 2 ? 
C N N 2 ? 
D N N 2 ? 
E N N 3 ? 
F N N 3 ? 
G N N 3 ? 
H N N 3 ? 
I N N 4 ? 
# 
_struct_ref.id                         1 
_struct_ref.db_name                    UNP 
_struct_ref.db_code                    SNX11_HUMAN 
_struct_ref.pdbx_db_accession          Q9Y5W9 
_struct_ref.entity_id                  1 
_struct_ref.pdbx_seq_one_letter_code   
;MSENQEQEEVITVRVQDPRVQNEGSWNSYVDYKIFLHTNSKAFTAKTSCVRRRYREFVWLRKQLQRNAGLVPVPELPGKS
TFFGTSDEFIEKRRQGLQHFLEKVLQSVVLLSDSQLHLFLQSQLSVPEIEACVQGRSTMTVSDAILRYAMSNCGWAQEER
QSSS
;
_struct_ref.pdbx_align_begin           7 
_struct_ref.pdbx_db_isoform            ? 
# 
_struct_ref_seq.align_id                      1 
_struct_ref_seq.ref_id                        1 
_struct_ref_seq.pdbx_PDB_id_code              4IKD 
_struct_ref_seq.pdbx_strand_id                A 
_struct_ref_seq.seq_align_beg                 1 
_struct_ref_seq.pdbx_seq_align_beg_ins_code   ? 
_struct_ref_seq.seq_align_end                 164 
_struct_ref_seq.pdbx_seq_align_end_ins_code   ? 
_struct_ref_seq.pdbx_db_accession             Q9Y5W9 
_struct_ref_seq.db_align_beg                  7 
_struct_ref_seq.pdbx_db_align_beg_ins_code    ? 
_struct_ref_seq.db_align_end                  170 
_struct_ref_seq.pdbx_db_align_end_ins_code    ? 
_struct_ref_seq.pdbx_auth_seq_align_beg       7 
_struct_ref_seq.pdbx_auth_seq_align_end       170 
# 
loop_
_struct_ref_seq_dif.align_id 
_struct_ref_seq_dif.pdbx_pdb_id_code 
_struct_ref_seq_dif.mon_id 
_struct_ref_seq_dif.pdbx_pdb_strand_id 
_struct_ref_seq_dif.seq_num 
_struct_ref_seq_dif.pdbx_pdb_ins_code 
_struct_ref_seq_dif.pdbx_seq_db_name 
_struct_ref_seq_dif.pdbx_seq_db_accession_code 
_struct_ref_seq_dif.db_mon_id 
_struct_ref_seq_dif.pdbx_seq_db_seq_num 
_struct_ref_seq_dif.details 
_struct_ref_seq_dif.pdbx_auth_seq_num 
_struct_ref_seq_dif.pdbx_ordinal 
1 4IKD LEU A 165 ? UNP Q9Y5W9 ? ? 'expression tag' 171 1 
1 4IKD GLU A 166 ? UNP Q9Y5W9 ? ? 'expression tag' 172 2 
1 4IKD HIS A 167 ? UNP Q9Y5W9 ? ? 'expression tag' 173 3 
1 4IKD HIS A 168 ? UNP Q9Y5W9 ? ? 'expression tag' 174 4 
1 4IKD HIS A 169 ? UNP Q9Y5W9 ? ? 'expression tag' 175 5 
1 4IKD HIS A 170 ? UNP Q9Y5W9 ? ? 'expression tag' 176 6 
1 4IKD HIS A 171 ? UNP Q9Y5W9 ? ? 'expression tag' 177 7 
1 4IKD HIS A 172 ? UNP Q9Y5W9 ? ? 'expression tag' 178 8 
# 
_pdbx_struct_assembly.id                   1 
_pdbx_struct_assembly.details              author_and_software_defined_assembly 
_pdbx_struct_assembly.method_details       PISA 
_pdbx_struct_assembly.oligomeric_details   monomeric 
_pdbx_struct_assembly.oligomeric_count     1 
# 
_pdbx_struct_assembly_gen.assembly_id       1 
_pdbx_struct_assembly_gen.oper_expression   1 
_pdbx_struct_assembly_gen.asym_id_list      A,B,C,D,E,F,G,H,I 
# 
_pdbx_struct_oper_list.id                   1 
_pdbx_struct_oper_list.type                 'identity operation' 
_pdbx_struct_oper_list.name                 1_555 
_pdbx_struct_oper_list.symmetry_operation   x,y,z 
_pdbx_struct_oper_list.matrix[1][1]         1.0000000000 
_pdbx_struct_oper_list.matrix[1][2]         0.0000000000 
_pdbx_struct_oper_list.matrix[1][3]         0.0000000000 
_pdbx_struct_oper_list.vector[1]            0.0000000000 
_pdbx_struct_oper_list.matrix[2][1]         0.0000000000 
_pdbx_struct_oper_list.matrix[2][2]         1.0000000000 
_pdbx_struct_oper_list.matrix[2][3]         0.0000000000 
_pdbx_struct_oper_list.vector[2]            0.0000000000 
_pdbx_struct_oper_list.matrix[3][1]         0.0000000000 
_pdbx_struct_oper_list.matrix[3][2]         0.0000000000 
_pdbx_struct_oper_list.matrix[3][3]         1.0000000000 
_pdbx_struct_oper_list.vector[3]            0.0000000000 
# 
_struct_biol.id        1 
_struct_biol.details   ? 
# 
loop_
_struct_conf.conf_type_id 
_struct_conf.id 
_struct_conf.pdbx_PDB_helix_id 
_struct_conf.beg_label_comp_id 
_struct_conf.beg_label_asym_id 
_struct_conf.beg_label_seq_id 
_struct_conf.pdbx_beg_PDB_ins_code 
_struct_conf.end_label_comp_id 
_struct_conf.end_label_asym_id 
_struct_conf.end_label_seq_id 
_struct_conf.pdbx_end_PDB_ins_code 
_struct_conf.beg_auth_comp_id 
_struct_conf.beg_auth_asym_id 
_struct_conf.beg_auth_seq_id 
_struct_conf.end_auth_comp_id 
_struct_conf.end_auth_asym_id 
_struct_conf.end_auth_seq_id 
_struct_conf.pdbx_PDB_helix_class 
_struct_conf.details 
_struct_conf.pdbx_PDB_helix_length 
HELX_P HELX_P1 1 TYR A 54  ? ALA A 68  ? TYR A 60  ALA A 74  1 ? 15 
HELX_P HELX_P2 2 THR A 85  ? LEU A 105 ? THR A 91  LEU A 111 1 ? 21 
HELX_P HELX_P3 3 SER A 107 ? SER A 112 ? SER A 113 SER A 118 1 ? 6  
HELX_P HELX_P4 4 ASP A 113 ? SER A 122 ? ASP A 119 SER A 128 1 ? 10 
HELX_P HELX_P5 5 SER A 125 ? GLN A 134 ? SER A 131 GLN A 140 1 ? 10 
HELX_P HELX_P6 6 THR A 140 ? SER A 151 ? THR A 146 SER A 157 1 ? 12 
# 
_struct_conf_type.id          HELX_P 
_struct_conf_type.criteria    ? 
_struct_conf_type.reference   ? 
# 
loop_
_struct_conn.id 
_struct_conn.conn_type_id 
_struct_conn.pdbx_leaving_atom_flag 
_struct_conn.pdbx_PDB_id 
_struct_conn.ptnr1_label_asym_id 
_struct_conn.ptnr1_label_comp_id 
_struct_conn.ptnr1_label_seq_id 
_struct_conn.ptnr1_label_atom_id 
_struct_conn.pdbx_ptnr1_label_alt_id 
_struct_conn.pdbx_ptnr1_PDB_ins_code 
_struct_conn.pdbx_ptnr1_standard_comp_id 
_struct_conn.ptnr1_symmetry 
_struct_conn.ptnr2_label_asym_id 
_struct_conn.ptnr2_label_comp_id 
_struct_conn.ptnr2_label_seq_id 
_struct_conn.ptnr2_label_atom_id 
_struct_conn.pdbx_ptnr2_label_alt_id 
_struct_conn.pdbx_ptnr2_PDB_ins_code 
_struct_conn.ptnr1_auth_asym_id 
_struct_conn.ptnr1_auth_comp_id 
_struct_conn.ptnr1_auth_seq_id 
_struct_conn.ptnr2_auth_asym_id 
_struct_conn.ptnr2_auth_comp_id 
_struct_conn.ptnr2_auth_seq_id 
_struct_conn.ptnr2_symmetry 
_struct_conn.pdbx_ptnr3_label_atom_id 
_struct_conn.pdbx_ptnr3_label_seq_id 
_struct_conn.pdbx_ptnr3_label_comp_id 
_struct_conn.pdbx_ptnr3_label_asym_id 
_struct_conn.pdbx_ptnr3_label_alt_id 
_struct_conn.pdbx_ptnr3_PDB_ins_code 
_struct_conn.details 
_struct_conn.pdbx_dist_value 
_struct_conn.pdbx_value_order 
_struct_conn.pdbx_role 
covale1  covale both ? A TYR 32  C  ? ? ? 1_555 A MLY 33  N ? ? A TYR 38  A MLY 39  1_555 ? ? ? ? ? ? ? 1.330 ? ? 
covale2  covale both ? A MLY 33  C  ? ? ? 1_555 A ILE 34  N ? ? A MLY 39  A ILE 40  1_555 ? ? ? ? ? ? ? 1.339 ? ? 
covale3  covale both ? A SER 40  C  ? ? ? 1_555 A MLY 41  N ? ? A SER 46  A MLY 47  1_555 ? ? ? ? ? ? ? 1.337 ? ? 
covale4  covale both ? A MLY 41  C  ? ? ? 1_555 A ALA 42  N ? ? A MLY 47  A ALA 48  1_555 ? ? ? ? ? ? ? 1.334 ? ? 
covale5  covale both ? A ALA 45  C  ? ? ? 1_555 A MLY 46  N ? ? A ALA 51  A MLY 52  1_555 ? ? ? ? ? ? ? 1.321 ? ? 
covale6  covale both ? A MLY 46  C  ? ? ? 1_555 A THR 47  N ? ? A MLY 52  A THR 53  1_555 ? ? ? ? ? ? ? 1.316 ? ? 
covale7  covale both ? A ARG 61  C  ? ? ? 1_555 A MLY 62  N ? ? A ARG 67  A MLY 68  1_555 ? ? ? ? ? ? ? 1.328 ? ? 
covale8  covale both ? A MLY 62  C  ? ? ? 1_555 A GLN 63  N ? ? A MLY 68  A GLN 69  1_555 ? ? ? ? ? ? ? 1.327 ? ? 
covale9  covale both ? A GLU 91  C  ? ? ? 1_555 A MLY 92  N ? ? A GLU 97  A MLY 98  1_555 ? ? ? ? ? ? ? 1.316 ? ? 
covale10 covale both ? A MLY 92  C  ? ? ? 1_555 A ARG 93  N ? ? A MLY 98  A ARG 99  1_555 ? ? ? ? ? ? ? 1.333 ? ? 
covale11 covale both ? A GLU 102 C  ? ? ? 1_555 A MLY 103 N ? ? A GLU 108 A MLY 109 1_555 ? ? ? ? ? ? ? 1.315 ? ? 
covale12 covale both ? A MLY 103 C  ? ? ? 1_555 A VAL 104 N ? ? A MLY 109 A VAL 110 1_555 ? ? ? ? ? ? ? 1.325 ? ? 
metalc1  metalc ?    ? E NA  .   NA ? ? ? 1_555 I HOH .   O ? ? A NA  204 A HOH 325 1_555 ? ? ? ? ? ? ? 2.542 ? ? 
metalc2  metalc ?    ? F NA  .   NA ? ? ? 1_555 I HOH .   O ? ? A NA  205 A HOH 357 1_555 ? ? ? ? ? ? ? 2.648 ? ? 
metalc3  metalc ?    ? G NA  .   NA ? ? ? 1_555 I HOH .   O ? ? A NA  206 A HOH 316 1_555 ? ? ? ? ? ? ? 2.594 ? ? 
metalc4  metalc ?    ? H NA  .   NA ? ? ? 1_555 I HOH .   O ? ? A NA  207 A HOH 331 1_555 ? ? ? ? ? ? ? 2.988 ? ? 
# 
loop_
_struct_conn_type.id 
_struct_conn_type.criteria 
_struct_conn_type.reference 
covale ? ? 
metalc ? ? 
# 
loop_
_pdbx_modification_feature.ordinal 
_pdbx_modification_feature.label_comp_id 
_pdbx_modification_feature.label_asym_id 
_pdbx_modification_feature.label_seq_id 
_pdbx_modification_feature.label_alt_id 
_pdbx_modification_feature.modified_residue_label_comp_id 
_pdbx_modification_feature.modified_residue_label_asym_id 
_pdbx_modification_feature.modified_residue_label_seq_id 
_pdbx_modification_feature.modified_residue_label_alt_id 
_pdbx_modification_feature.auth_comp_id 
_pdbx_modification_feature.auth_asym_id 
_pdbx_modification_feature.auth_seq_id 
_pdbx_modification_feature.PDB_ins_code 
_pdbx_modification_feature.symmetry 
_pdbx_modification_feature.modified_residue_auth_comp_id 
_pdbx_modification_feature.modified_residue_auth_asym_id 
_pdbx_modification_feature.modified_residue_auth_seq_id 
_pdbx_modification_feature.modified_residue_PDB_ins_code 
_pdbx_modification_feature.modified_residue_symmetry 
_pdbx_modification_feature.comp_id_linking_atom 
_pdbx_modification_feature.modified_residue_id_linking_atom 
_pdbx_modification_feature.modified_residue_id 
_pdbx_modification_feature.ref_pcm_id 
_pdbx_modification_feature.ref_comp_id 
_pdbx_modification_feature.type 
_pdbx_modification_feature.category 
1 MLY A 33  ? . . . . MLY A 39  ? 1_555 . . . . . . . LYS 1 MLY Methylation 'Named protein modification' 
2 MLY A 41  ? . . . . MLY A 47  ? 1_555 . . . . . . . LYS 1 MLY Methylation 'Named protein modification' 
3 MLY A 46  ? . . . . MLY A 52  ? 1_555 . . . . . . . LYS 1 MLY Methylation 'Named protein modification' 
4 MLY A 62  ? . . . . MLY A 68  ? 1_555 . . . . . . . LYS 1 MLY Methylation 'Named protein modification' 
5 MLY A 92  ? . . . . MLY A 98  ? 1_555 . . . . . . . LYS 1 MLY Methylation 'Named protein modification' 
6 MLY A 103 ? . . . . MLY A 109 ? 1_555 . . . . . . . LYS 1 MLY Methylation 'Named protein modification' 
# 
_struct_sheet.id               A 
_struct_sheet.type             ? 
_struct_sheet.number_strands   3 
_struct_sheet.details          ? 
# 
loop_
_struct_sheet_order.sheet_id 
_struct_sheet_order.range_id_1 
_struct_sheet_order.range_id_2 
_struct_sheet_order.offset 
_struct_sheet_order.sense 
A 1 2 ? anti-parallel 
A 2 3 ? anti-parallel 
# 
loop_
_struct_sheet_range.sheet_id 
_struct_sheet_range.id 
_struct_sheet_range.beg_label_comp_id 
_struct_sheet_range.beg_label_asym_id 
_struct_sheet_range.beg_label_seq_id 
_struct_sheet_range.pdbx_beg_PDB_ins_code 
_struct_sheet_range.end_label_comp_id 
_struct_sheet_range.end_label_asym_id 
_struct_sheet_range.end_label_seq_id 
_struct_sheet_range.pdbx_end_PDB_ins_code 
_struct_sheet_range.beg_auth_comp_id 
_struct_sheet_range.beg_auth_asym_id 
_struct_sheet_range.beg_auth_seq_id 
_struct_sheet_range.end_auth_comp_id 
_struct_sheet_range.end_auth_asym_id 
_struct_sheet_range.end_auth_seq_id 
A 1 ILE A 11 ? GLN A 21 ? ILE A 17 GLN A 27 
A 2 TYR A 29 ? THR A 38 ? TYR A 35 THR A 44 
A 3 THR A 47 ? ARG A 53 ? THR A 53 ARG A 59 
# 
loop_
_pdbx_struct_sheet_hbond.sheet_id 
_pdbx_struct_sheet_hbond.range_id_1 
_pdbx_struct_sheet_hbond.range_id_2 
_pdbx_struct_sheet_hbond.range_1_label_atom_id 
_pdbx_struct_sheet_hbond.range_1_label_comp_id 
_pdbx_struct_sheet_hbond.range_1_label_asym_id 
_pdbx_struct_sheet_hbond.range_1_label_seq_id 
_pdbx_struct_sheet_hbond.range_1_PDB_ins_code 
_pdbx_struct_sheet_hbond.range_1_auth_atom_id 
_pdbx_struct_sheet_hbond.range_1_auth_comp_id 
_pdbx_struct_sheet_hbond.range_1_auth_asym_id 
_pdbx_struct_sheet_hbond.range_1_auth_seq_id 
_pdbx_struct_sheet_hbond.range_2_label_atom_id 
_pdbx_struct_sheet_hbond.range_2_label_comp_id 
_pdbx_struct_sheet_hbond.range_2_label_asym_id 
_pdbx_struct_sheet_hbond.range_2_label_seq_id 
_pdbx_struct_sheet_hbond.range_2_PDB_ins_code 
_pdbx_struct_sheet_hbond.range_2_auth_atom_id 
_pdbx_struct_sheet_hbond.range_2_auth_comp_id 
_pdbx_struct_sheet_hbond.range_2_auth_asym_id 
_pdbx_struct_sheet_hbond.range_2_auth_seq_id 
A 1 2 N GLN A 21 ? N GLN A 27 O TYR A 29 ? O TYR A 35 
A 2 3 N ILE A 34 ? N ILE A 40 O VAL A 50 ? O VAL A 56 
# 
loop_
_struct_site.id 
_struct_site.pdbx_evidence_code 
_struct_site.pdbx_auth_asym_id 
_struct_site.pdbx_auth_comp_id 
_struct_site.pdbx_auth_seq_id 
_struct_site.pdbx_auth_ins_code 
_struct_site.pdbx_num_residues 
_struct_site.details 
AC1 Software A CL 201 ? 4 'BINDING SITE FOR RESIDUE CL A 201' 
AC2 Software A CL 202 ? 2 'BINDING SITE FOR RESIDUE CL A 202' 
AC3 Software A CL 203 ? 1 'BINDING SITE FOR RESIDUE CL A 203' 
AC4 Software A NA 204 ? 2 'BINDING SITE FOR RESIDUE NA A 204' 
AC5 Software A NA 205 ? 4 'BINDING SITE FOR RESIDUE NA A 205' 
AC6 Software A NA 206 ? 3 'BINDING SITE FOR RESIDUE NA A 206' 
AC7 Software A NA 207 ? 4 'BINDING SITE FOR RESIDUE NA A 207' 
# 
loop_
_struct_site_gen.id 
_struct_site_gen.site_id 
_struct_site_gen.pdbx_num_res 
_struct_site_gen.label_comp_id 
_struct_site_gen.label_asym_id 
_struct_site_gen.label_seq_id 
_struct_site_gen.pdbx_auth_ins_code 
_struct_site_gen.auth_comp_id 
_struct_site_gen.auth_asym_id 
_struct_site_gen.auth_seq_id 
_struct_site_gen.label_atom_id 
_struct_site_gen.label_alt_id 
_struct_site_gen.symmetry 
_struct_site_gen.details 
1  AC1 4 ALA A 42  ? ALA A 48  . ? 1_555 ? 
2  AC1 4 THR A 44  ? THR A 50  . ? 1_555 ? 
3  AC1 4 HIS A 117 ? HIS A 123 . ? 1_555 ? 
4  AC1 4 HOH I .   ? HOH A 425 . ? 1_555 ? 
5  AC2 2 PRO A 74  ? PRO A 80  . ? 1_555 ? 
6  AC2 2 GLU A 75  ? GLU A 81  . ? 1_555 ? 
7  AC3 1 GLN A 16  ? GLN A 22  . ? 1_555 ? 
8  AC4 2 MET A 150 ? MET A 156 . ? 1_555 ? 
9  AC4 2 HOH I .   ? HOH A 325 . ? 1_555 ? 
10 AC5 4 MET A 139 ? MET A 145 . ? 4_545 ? 
11 AC5 4 ARG A 147 ? ARG A 153 . ? 4_545 ? 
12 AC5 4 NA  G .   ? NA  A 206 . ? 4_545 ? 
13 AC5 4 HOH I .   ? HOH A 357 . ? 1_555 ? 
14 AC6 3 MET A 139 ? MET A 145 . ? 1_555 ? 
15 AC6 3 NA  F .   ? NA  A 205 . ? 4_445 ? 
16 AC6 3 HOH I .   ? HOH A 316 . ? 1_555 ? 
17 AC7 4 GLN A 5   ? GLN A 11  . ? 1_455 ? 
18 AC7 4 ILE A 90  ? ILE A 96  . ? 1_555 ? 
19 AC7 4 HOH I .   ? HOH A 331 . ? 1_555 ? 
20 AC7 4 HOH I .   ? HOH A 446 . ? 1_455 ? 
# 
_pdbx_entry_details.entry_id                   4IKD 
_pdbx_entry_details.compound_details           ? 
_pdbx_entry_details.source_details             ? 
_pdbx_entry_details.nonpolymer_details         ? 
_pdbx_entry_details.sequence_details           ? 
_pdbx_entry_details.has_ligand_of_interest     ? 
_pdbx_entry_details.has_protein_modification   Y 
# 
loop_
_pdbx_validate_close_contact.id 
_pdbx_validate_close_contact.PDB_model_num 
_pdbx_validate_close_contact.auth_atom_id_1 
_pdbx_validate_close_contact.auth_asym_id_1 
_pdbx_validate_close_contact.auth_comp_id_1 
_pdbx_validate_close_contact.auth_seq_id_1 
_pdbx_validate_close_contact.PDB_ins_code_1 
_pdbx_validate_close_contact.label_alt_id_1 
_pdbx_validate_close_contact.auth_atom_id_2 
_pdbx_validate_close_contact.auth_asym_id_2 
_pdbx_validate_close_contact.auth_comp_id_2 
_pdbx_validate_close_contact.auth_seq_id_2 
_pdbx_validate_close_contact.PDB_ins_code_2 
_pdbx_validate_close_contact.label_alt_id_2 
_pdbx_validate_close_contact.dist 
1 1 O   A HOH 379 ? ? O A HOH 426 ? ? 1.99 
2 1 OE1 A GLN 121 ? ? O A HOH 448 ? ? 2.03 
3 1 OE1 A GLU 94  ? ? O A HOH 355 ? ? 2.11 
# 
loop_
_pdbx_validate_rmsd_angle.id 
_pdbx_validate_rmsd_angle.PDB_model_num 
_pdbx_validate_rmsd_angle.auth_atom_id_1 
_pdbx_validate_rmsd_angle.auth_asym_id_1 
_pdbx_validate_rmsd_angle.auth_comp_id_1 
_pdbx_validate_rmsd_angle.auth_seq_id_1 
_pdbx_validate_rmsd_angle.PDB_ins_code_1 
_pdbx_validate_rmsd_angle.label_alt_id_1 
_pdbx_validate_rmsd_angle.auth_atom_id_2 
_pdbx_validate_rmsd_angle.auth_asym_id_2 
_pdbx_validate_rmsd_angle.auth_comp_id_2 
_pdbx_validate_rmsd_angle.auth_seq_id_2 
_pdbx_validate_rmsd_angle.PDB_ins_code_2 
_pdbx_validate_rmsd_angle.label_alt_id_2 
_pdbx_validate_rmsd_angle.auth_atom_id_3 
_pdbx_validate_rmsd_angle.auth_asym_id_3 
_pdbx_validate_rmsd_angle.auth_comp_id_3 
_pdbx_validate_rmsd_angle.auth_seq_id_3 
_pdbx_validate_rmsd_angle.PDB_ins_code_3 
_pdbx_validate_rmsd_angle.label_alt_id_3 
_pdbx_validate_rmsd_angle.angle_value 
_pdbx_validate_rmsd_angle.angle_target_value 
_pdbx_validate_rmsd_angle.angle_deviation 
_pdbx_validate_rmsd_angle.angle_standard_deviation 
_pdbx_validate_rmsd_angle.linker_flag 
1 1 NE A ARG 57 ? ? CZ A ARG 57 ? ? NH1 A ARG 57 ? ? 124.55 120.30 4.25  0.50 N 
2 1 NE A ARG 57 ? ? CZ A ARG 57 ? ? NH2 A ARG 57 ? ? 116.09 120.30 -4.21 0.50 N 
3 1 NE A ARG 99 ? ? CZ A ARG 99 ? ? NH2 A ARG 99 ? ? 117.21 120.30 -3.09 0.50 N 
# 
_pdbx_validate_torsion.id              1 
_pdbx_validate_torsion.PDB_model_num   1 
_pdbx_validate_torsion.auth_comp_id    ASN 
_pdbx_validate_torsion.auth_asym_id    A 
_pdbx_validate_torsion.auth_seq_id     33 
_pdbx_validate_torsion.PDB_ins_code    ? 
_pdbx_validate_torsion.label_alt_id    ? 
_pdbx_validate_torsion.phi             -95.36 
_pdbx_validate_torsion.psi             30.57 
# 
loop_
_pdbx_struct_mod_residue.id 
_pdbx_struct_mod_residue.label_asym_id 
_pdbx_struct_mod_residue.label_comp_id 
_pdbx_struct_mod_residue.label_seq_id 
_pdbx_struct_mod_residue.auth_asym_id 
_pdbx_struct_mod_residue.auth_comp_id 
_pdbx_struct_mod_residue.auth_seq_id 
_pdbx_struct_mod_residue.PDB_ins_code 
_pdbx_struct_mod_residue.parent_comp_id 
_pdbx_struct_mod_residue.details 
1 A MLY 33  A MLY 39  ? LYS N-DIMETHYL-LYSINE 
2 A MLY 41  A MLY 47  ? LYS N-DIMETHYL-LYSINE 
3 A MLY 46  A MLY 52  ? LYS N-DIMETHYL-LYSINE 
4 A MLY 62  A MLY 68  ? LYS N-DIMETHYL-LYSINE 
5 A MLY 92  A MLY 98  ? LYS N-DIMETHYL-LYSINE 
6 A MLY 103 A MLY 109 ? LYS N-DIMETHYL-LYSINE 
# 
_phasing.method   MR 
# 
loop_
_pdbx_unobs_or_zero_occ_residues.id 
_pdbx_unobs_or_zero_occ_residues.PDB_model_num 
_pdbx_unobs_or_zero_occ_residues.polymer_flag 
_pdbx_unobs_or_zero_occ_residues.occupancy_flag 
_pdbx_unobs_or_zero_occ_residues.auth_asym_id 
_pdbx_unobs_or_zero_occ_residues.auth_comp_id 
_pdbx_unobs_or_zero_occ_residues.auth_seq_id 
_pdbx_unobs_or_zero_occ_residues.PDB_ins_code 
_pdbx_unobs_or_zero_occ_residues.label_asym_id 
_pdbx_unobs_or_zero_occ_residues.label_comp_id 
_pdbx_unobs_or_zero_occ_residues.label_seq_id 
1  1 Y 1 A MET 7   ? A MET 1   
2  1 Y 1 A SER 8   ? A SER 2   
3  1 Y 1 A GLU 9   ? A GLU 3   
4  1 Y 1 A ASN 10  ? A ASN 4   
5  1 Y 1 A LYS 85  ? A LYS 79  
6  1 Y 1 A SER 86  ? A SER 80  
7  1 Y 1 A TRP 161 ? A TRP 155 
8  1 Y 1 A ALA 162 ? A ALA 156 
9  1 Y 1 A GLN 163 ? A GLN 157 
10 1 Y 1 A GLU 164 ? A GLU 158 
11 1 Y 1 A GLU 165 ? A GLU 159 
12 1 Y 1 A ARG 166 ? A ARG 160 
13 1 Y 1 A GLN 167 ? A GLN 161 
14 1 Y 1 A SER 168 ? A SER 162 
15 1 Y 1 A SER 169 ? A SER 163 
16 1 Y 1 A SER 170 ? A SER 164 
17 1 Y 1 A LEU 171 ? A LEU 165 
18 1 Y 1 A GLU 172 ? A GLU 166 
19 1 Y 1 A HIS 173 ? A HIS 167 
20 1 Y 1 A HIS 174 ? A HIS 168 
21 1 Y 1 A HIS 175 ? A HIS 169 
22 1 Y 1 A HIS 176 ? A HIS 170 
23 1 Y 1 A HIS 177 ? A HIS 171 
24 1 Y 1 A HIS 178 ? A HIS 172 
# 
loop_
_chem_comp_atom.comp_id 
_chem_comp_atom.atom_id 
_chem_comp_atom.type_symbol 
_chem_comp_atom.pdbx_aromatic_flag 
_chem_comp_atom.pdbx_stereo_config 
_chem_comp_atom.pdbx_ordinal 
ALA N    N  N N 1   
ALA CA   C  N S 2   
ALA C    C  N N 3   
ALA O    O  N N 4   
ALA CB   C  N N 5   
ALA OXT  O  N N 6   
ALA H    H  N N 7   
ALA H2   H  N N 8   
ALA HA   H  N N 9   
ALA HB1  H  N N 10  
ALA HB2  H  N N 11  
ALA HB3  H  N N 12  
ALA HXT  H  N N 13  
ARG N    N  N N 14  
ARG CA   C  N S 15  
ARG C    C  N N 16  
ARG O    O  N N 17  
ARG CB   C  N N 18  
ARG CG   C  N N 19  
ARG CD   C  N N 20  
ARG NE   N  N N 21  
ARG CZ   C  N N 22  
ARG NH1  N  N N 23  
ARG NH2  N  N N 24  
ARG OXT  O  N N 25  
ARG H    H  N N 26  
ARG H2   H  N N 27  
ARG HA   H  N N 28  
ARG HB2  H  N N 29  
ARG HB3  H  N N 30  
ARG HG2  H  N N 31  
ARG HG3  H  N N 32  
ARG HD2  H  N N 33  
ARG HD3  H  N N 34  
ARG HE   H  N N 35  
ARG HH11 H  N N 36  
ARG HH12 H  N N 37  
ARG HH21 H  N N 38  
ARG HH22 H  N N 39  
ARG HXT  H  N N 40  
ASN N    N  N N 41  
ASN CA   C  N S 42  
ASN C    C  N N 43  
ASN O    O  N N 44  
ASN CB   C  N N 45  
ASN CG   C  N N 46  
ASN OD1  O  N N 47  
ASN ND2  N  N N 48  
ASN OXT  O  N N 49  
ASN H    H  N N 50  
ASN H2   H  N N 51  
ASN HA   H  N N 52  
ASN HB2  H  N N 53  
ASN HB3  H  N N 54  
ASN HD21 H  N N 55  
ASN HD22 H  N N 56  
ASN HXT  H  N N 57  
ASP N    N  N N 58  
ASP CA   C  N S 59  
ASP C    C  N N 60  
ASP O    O  N N 61  
ASP CB   C  N N 62  
ASP CG   C  N N 63  
ASP OD1  O  N N 64  
ASP OD2  O  N N 65  
ASP OXT  O  N N 66  
ASP H    H  N N 67  
ASP H2   H  N N 68  
ASP HA   H  N N 69  
ASP HB2  H  N N 70  
ASP HB3  H  N N 71  
ASP HD2  H  N N 72  
ASP HXT  H  N N 73  
CL  CL   CL N N 74  
CYS N    N  N N 75  
CYS CA   C  N R 76  
CYS C    C  N N 77  
CYS O    O  N N 78  
CYS CB   C  N N 79  
CYS SG   S  N N 80  
CYS OXT  O  N N 81  
CYS H    H  N N 82  
CYS H2   H  N N 83  
CYS HA   H  N N 84  
CYS HB2  H  N N 85  
CYS HB3  H  N N 86  
CYS HG   H  N N 87  
CYS HXT  H  N N 88  
GLN N    N  N N 89  
GLN CA   C  N S 90  
GLN C    C  N N 91  
GLN O    O  N N 92  
GLN CB   C  N N 93  
GLN CG   C  N N 94  
GLN CD   C  N N 95  
GLN OE1  O  N N 96  
GLN NE2  N  N N 97  
GLN OXT  O  N N 98  
GLN H    H  N N 99  
GLN H2   H  N N 100 
GLN HA   H  N N 101 
GLN HB2  H  N N 102 
GLN HB3  H  N N 103 
GLN HG2  H  N N 104 
GLN HG3  H  N N 105 
GLN HE21 H  N N 106 
GLN HE22 H  N N 107 
GLN HXT  H  N N 108 
GLU N    N  N N 109 
GLU CA   C  N S 110 
GLU C    C  N N 111 
GLU O    O  N N 112 
GLU CB   C  N N 113 
GLU CG   C  N N 114 
GLU CD   C  N N 115 
GLU OE1  O  N N 116 
GLU OE2  O  N N 117 
GLU OXT  O  N N 118 
GLU H    H  N N 119 
GLU H2   H  N N 120 
GLU HA   H  N N 121 
GLU HB2  H  N N 122 
GLU HB3  H  N N 123 
GLU HG2  H  N N 124 
GLU HG3  H  N N 125 
GLU HE2  H  N N 126 
GLU HXT  H  N N 127 
GLY N    N  N N 128 
GLY CA   C  N N 129 
GLY C    C  N N 130 
GLY O    O  N N 131 
GLY OXT  O  N N 132 
GLY H    H  N N 133 
GLY H2   H  N N 134 
GLY HA2  H  N N 135 
GLY HA3  H  N N 136 
GLY HXT  H  N N 137 
HIS N    N  N N 138 
HIS CA   C  N S 139 
HIS C    C  N N 140 
HIS O    O  N N 141 
HIS CB   C  N N 142 
HIS CG   C  Y N 143 
HIS ND1  N  Y N 144 
HIS CD2  C  Y N 145 
HIS CE1  C  Y N 146 
HIS NE2  N  Y N 147 
HIS OXT  O  N N 148 
HIS H    H  N N 149 
HIS H2   H  N N 150 
HIS HA   H  N N 151 
HIS HB2  H  N N 152 
HIS HB3  H  N N 153 
HIS HD1  H  N N 154 
HIS HD2  H  N N 155 
HIS HE1  H  N N 156 
HIS HE2  H  N N 157 
HIS HXT  H  N N 158 
HOH O    O  N N 159 
HOH H1   H  N N 160 
HOH H2   H  N N 161 
ILE N    N  N N 162 
ILE CA   C  N S 163 
ILE C    C  N N 164 
ILE O    O  N N 165 
ILE CB   C  N S 166 
ILE CG1  C  N N 167 
ILE CG2  C  N N 168 
ILE CD1  C  N N 169 
ILE OXT  O  N N 170 
ILE H    H  N N 171 
ILE H2   H  N N 172 
ILE HA   H  N N 173 
ILE HB   H  N N 174 
ILE HG12 H  N N 175 
ILE HG13 H  N N 176 
ILE HG21 H  N N 177 
ILE HG22 H  N N 178 
ILE HG23 H  N N 179 
ILE HD11 H  N N 180 
ILE HD12 H  N N 181 
ILE HD13 H  N N 182 
ILE HXT  H  N N 183 
LEU N    N  N N 184 
LEU CA   C  N S 185 
LEU C    C  N N 186 
LEU O    O  N N 187 
LEU CB   C  N N 188 
LEU CG   C  N N 189 
LEU CD1  C  N N 190 
LEU CD2  C  N N 191 
LEU OXT  O  N N 192 
LEU H    H  N N 193 
LEU H2   H  N N 194 
LEU HA   H  N N 195 
LEU HB2  H  N N 196 
LEU HB3  H  N N 197 
LEU HG   H  N N 198 
LEU HD11 H  N N 199 
LEU HD12 H  N N 200 
LEU HD13 H  N N 201 
LEU HD21 H  N N 202 
LEU HD22 H  N N 203 
LEU HD23 H  N N 204 
LEU HXT  H  N N 205 
LYS N    N  N N 206 
LYS CA   C  N S 207 
LYS C    C  N N 208 
LYS O    O  N N 209 
LYS CB   C  N N 210 
LYS CG   C  N N 211 
LYS CD   C  N N 212 
LYS CE   C  N N 213 
LYS NZ   N  N N 214 
LYS OXT  O  N N 215 
LYS H    H  N N 216 
LYS H2   H  N N 217 
LYS HA   H  N N 218 
LYS HB2  H  N N 219 
LYS HB3  H  N N 220 
LYS HG2  H  N N 221 
LYS HG3  H  N N 222 
LYS HD2  H  N N 223 
LYS HD3  H  N N 224 
LYS HE2  H  N N 225 
LYS HE3  H  N N 226 
LYS HZ1  H  N N 227 
LYS HZ2  H  N N 228 
LYS HZ3  H  N N 229 
LYS HXT  H  N N 230 
MET N    N  N N 231 
MET CA   C  N S 232 
MET C    C  N N 233 
MET O    O  N N 234 
MET CB   C  N N 235 
MET CG   C  N N 236 
MET SD   S  N N 237 
MET CE   C  N N 238 
MET OXT  O  N N 239 
MET H    H  N N 240 
MET H2   H  N N 241 
MET HA   H  N N 242 
MET HB2  H  N N 243 
MET HB3  H  N N 244 
MET HG2  H  N N 245 
MET HG3  H  N N 246 
MET HE1  H  N N 247 
MET HE2  H  N N 248 
MET HE3  H  N N 249 
MET HXT  H  N N 250 
MLY N    N  N N 251 
MLY CA   C  N S 252 
MLY CB   C  N N 253 
MLY CG   C  N N 254 
MLY CD   C  N N 255 
MLY CE   C  N N 256 
MLY NZ   N  N N 257 
MLY CH1  C  N N 258 
MLY CH2  C  N N 259 
MLY C    C  N N 260 
MLY O    O  N N 261 
MLY OXT  O  N N 262 
MLY H    H  N N 263 
MLY H2   H  N N 264 
MLY HA   H  N N 265 
MLY HB2  H  N N 266 
MLY HB3  H  N N 267 
MLY HG2  H  N N 268 
MLY HG3  H  N N 269 
MLY HD2  H  N N 270 
MLY HD3  H  N N 271 
MLY HE2  H  N N 272 
MLY HE3  H  N N 273 
MLY HH11 H  N N 274 
MLY HH12 H  N N 275 
MLY HH13 H  N N 276 
MLY HH21 H  N N 277 
MLY HH22 H  N N 278 
MLY HH23 H  N N 279 
MLY HXT  H  N N 280 
NA  NA   NA N N 281 
PHE N    N  N N 282 
PHE CA   C  N S 283 
PHE C    C  N N 284 
PHE O    O  N N 285 
PHE CB   C  N N 286 
PHE CG   C  Y N 287 
PHE CD1  C  Y N 288 
PHE CD2  C  Y N 289 
PHE CE1  C  Y N 290 
PHE CE2  C  Y N 291 
PHE CZ   C  Y N 292 
PHE OXT  O  N N 293 
PHE H    H  N N 294 
PHE H2   H  N N 295 
PHE HA   H  N N 296 
PHE HB2  H  N N 297 
PHE HB3  H  N N 298 
PHE HD1  H  N N 299 
PHE HD2  H  N N 300 
PHE HE1  H  N N 301 
PHE HE2  H  N N 302 
PHE HZ   H  N N 303 
PHE HXT  H  N N 304 
PRO N    N  N N 305 
PRO CA   C  N S 306 
PRO C    C  N N 307 
PRO O    O  N N 308 
PRO CB   C  N N 309 
PRO CG   C  N N 310 
PRO CD   C  N N 311 
PRO OXT  O  N N 312 
PRO H    H  N N 313 
PRO HA   H  N N 314 
PRO HB2  H  N N 315 
PRO HB3  H  N N 316 
PRO HG2  H  N N 317 
PRO HG3  H  N N 318 
PRO HD2  H  N N 319 
PRO HD3  H  N N 320 
PRO HXT  H  N N 321 
SER N    N  N N 322 
SER CA   C  N S 323 
SER C    C  N N 324 
SER O    O  N N 325 
SER CB   C  N N 326 
SER OG   O  N N 327 
SER OXT  O  N N 328 
SER H    H  N N 329 
SER H2   H  N N 330 
SER HA   H  N N 331 
SER HB2  H  N N 332 
SER HB3  H  N N 333 
SER HG   H  N N 334 
SER HXT  H  N N 335 
THR N    N  N N 336 
THR CA   C  N S 337 
THR C    C  N N 338 
THR O    O  N N 339 
THR CB   C  N R 340 
THR OG1  O  N N 341 
THR CG2  C  N N 342 
THR OXT  O  N N 343 
THR H    H  N N 344 
THR H2   H  N N 345 
THR HA   H  N N 346 
THR HB   H  N N 347 
THR HG1  H  N N 348 
THR HG21 H  N N 349 
THR HG22 H  N N 350 
THR HG23 H  N N 351 
THR HXT  H  N N 352 
TRP N    N  N N 353 
TRP CA   C  N S 354 
TRP C    C  N N 355 
TRP O    O  N N 356 
TRP CB   C  N N 357 
TRP CG   C  Y N 358 
TRP CD1  C  Y N 359 
TRP CD2  C  Y N 360 
TRP NE1  N  Y N 361 
TRP CE2  C  Y N 362 
TRP CE3  C  Y N 363 
TRP CZ2  C  Y N 364 
TRP CZ3  C  Y N 365 
TRP CH2  C  Y N 366 
TRP OXT  O  N N 367 
TRP H    H  N N 368 
TRP H2   H  N N 369 
TRP HA   H  N N 370 
TRP HB2  H  N N 371 
TRP HB3  H  N N 372 
TRP HD1  H  N N 373 
TRP HE1  H  N N 374 
TRP HE3  H  N N 375 
TRP HZ2  H  N N 376 
TRP HZ3  H  N N 377 
TRP HH2  H  N N 378 
TRP HXT  H  N N 379 
TYR N    N  N N 380 
TYR CA   C  N S 381 
TYR C    C  N N 382 
TYR O    O  N N 383 
TYR CB   C  N N 384 
TYR CG   C  Y N 385 
TYR CD1  C  Y N 386 
TYR CD2  C  Y N 387 
TYR CE1  C  Y N 388 
TYR CE2  C  Y N 389 
TYR CZ   C  Y N 390 
TYR OH   O  N N 391 
TYR OXT  O  N N 392 
TYR H    H  N N 393 
TYR H2   H  N N 394 
TYR HA   H  N N 395 
TYR HB2  H  N N 396 
TYR HB3  H  N N 397 
TYR HD1  H  N N 398 
TYR HD2  H  N N 399 
TYR HE1  H  N N 400 
TYR HE2  H  N N 401 
TYR HH   H  N N 402 
TYR HXT  H  N N 403 
VAL N    N  N N 404 
VAL CA   C  N S 405 
VAL C    C  N N 406 
VAL O    O  N N 407 
VAL CB   C  N N 408 
VAL CG1  C  N N 409 
VAL CG2  C  N N 410 
VAL OXT  O  N N 411 
VAL H    H  N N 412 
VAL H2   H  N N 413 
VAL HA   H  N N 414 
VAL HB   H  N N 415 
VAL HG11 H  N N 416 
VAL HG12 H  N N 417 
VAL HG13 H  N N 418 
VAL HG21 H  N N 419 
VAL HG22 H  N N 420 
VAL HG23 H  N N 421 
VAL HXT  H  N N 422 
# 
loop_
_chem_comp_bond.comp_id 
_chem_comp_bond.atom_id_1 
_chem_comp_bond.atom_id_2 
_chem_comp_bond.value_order 
_chem_comp_bond.pdbx_aromatic_flag 
_chem_comp_bond.pdbx_stereo_config 
_chem_comp_bond.pdbx_ordinal 
ALA N   CA   sing N N 1   
ALA N   H    sing N N 2   
ALA N   H2   sing N N 3   
ALA CA  C    sing N N 4   
ALA CA  CB   sing N N 5   
ALA CA  HA   sing N N 6   
ALA C   O    doub N N 7   
ALA C   OXT  sing N N 8   
ALA CB  HB1  sing N N 9   
ALA CB  HB2  sing N N 10  
ALA CB  HB3  sing N N 11  
ALA OXT HXT  sing N N 12  
ARG N   CA   sing N N 13  
ARG N   H    sing N N 14  
ARG N   H2   sing N N 15  
ARG CA  C    sing N N 16  
ARG CA  CB   sing N N 17  
ARG CA  HA   sing N N 18  
ARG C   O    doub N N 19  
ARG C   OXT  sing N N 20  
ARG CB  CG   sing N N 21  
ARG CB  HB2  sing N N 22  
ARG CB  HB3  sing N N 23  
ARG CG  CD   sing N N 24  
ARG CG  HG2  sing N N 25  
ARG CG  HG3  sing N N 26  
ARG CD  NE   sing N N 27  
ARG CD  HD2  sing N N 28  
ARG CD  HD3  sing N N 29  
ARG NE  CZ   sing N N 30  
ARG NE  HE   sing N N 31  
ARG CZ  NH1  sing N N 32  
ARG CZ  NH2  doub N N 33  
ARG NH1 HH11 sing N N 34  
ARG NH1 HH12 sing N N 35  
ARG NH2 HH21 sing N N 36  
ARG NH2 HH22 sing N N 37  
ARG OXT HXT  sing N N 38  
ASN N   CA   sing N N 39  
ASN N   H    sing N N 40  
ASN N   H2   sing N N 41  
ASN CA  C    sing N N 42  
ASN CA  CB   sing N N 43  
ASN CA  HA   sing N N 44  
ASN C   O    doub N N 45  
ASN C   OXT  sing N N 46  
ASN CB  CG   sing N N 47  
ASN CB  HB2  sing N N 48  
ASN CB  HB3  sing N N 49  
ASN CG  OD1  doub N N 50  
ASN CG  ND2  sing N N 51  
ASN ND2 HD21 sing N N 52  
ASN ND2 HD22 sing N N 53  
ASN OXT HXT  sing N N 54  
ASP N   CA   sing N N 55  
ASP N   H    sing N N 56  
ASP N   H2   sing N N 57  
ASP CA  C    sing N N 58  
ASP CA  CB   sing N N 59  
ASP CA  HA   sing N N 60  
ASP C   O    doub N N 61  
ASP C   OXT  sing N N 62  
ASP CB  CG   sing N N 63  
ASP CB  HB2  sing N N 64  
ASP CB  HB3  sing N N 65  
ASP CG  OD1  doub N N 66  
ASP CG  OD2  sing N N 67  
ASP OD2 HD2  sing N N 68  
ASP OXT HXT  sing N N 69  
CYS N   CA   sing N N 70  
CYS N   H    sing N N 71  
CYS N   H2   sing N N 72  
CYS CA  C    sing N N 73  
CYS CA  CB   sing N N 74  
CYS CA  HA   sing N N 75  
CYS C   O    doub N N 76  
CYS C   OXT  sing N N 77  
CYS CB  SG   sing N N 78  
CYS CB  HB2  sing N N 79  
CYS CB  HB3  sing N N 80  
CYS SG  HG   sing N N 81  
CYS OXT HXT  sing N N 82  
GLN N   CA   sing N N 83  
GLN N   H    sing N N 84  
GLN N   H2   sing N N 85  
GLN CA  C    sing N N 86  
GLN CA  CB   sing N N 87  
GLN CA  HA   sing N N 88  
GLN C   O    doub N N 89  
GLN C   OXT  sing N N 90  
GLN CB  CG   sing N N 91  
GLN CB  HB2  sing N N 92  
GLN CB  HB3  sing N N 93  
GLN CG  CD   sing N N 94  
GLN CG  HG2  sing N N 95  
GLN CG  HG3  sing N N 96  
GLN CD  OE1  doub N N 97  
GLN CD  NE2  sing N N 98  
GLN NE2 HE21 sing N N 99  
GLN NE2 HE22 sing N N 100 
GLN OXT HXT  sing N N 101 
GLU N   CA   sing N N 102 
GLU N   H    sing N N 103 
GLU N   H2   sing N N 104 
GLU CA  C    sing N N 105 
GLU CA  CB   sing N N 106 
GLU CA  HA   sing N N 107 
GLU C   O    doub N N 108 
GLU C   OXT  sing N N 109 
GLU CB  CG   sing N N 110 
GLU CB  HB2  sing N N 111 
GLU CB  HB3  sing N N 112 
GLU CG  CD   sing N N 113 
GLU CG  HG2  sing N N 114 
GLU CG  HG3  sing N N 115 
GLU CD  OE1  doub N N 116 
GLU CD  OE2  sing N N 117 
GLU OE2 HE2  sing N N 118 
GLU OXT HXT  sing N N 119 
GLY N   CA   sing N N 120 
GLY N   H    sing N N 121 
GLY N   H2   sing N N 122 
GLY CA  C    sing N N 123 
GLY CA  HA2  sing N N 124 
GLY CA  HA3  sing N N 125 
GLY C   O    doub N N 126 
GLY C   OXT  sing N N 127 
GLY OXT HXT  sing N N 128 
HIS N   CA   sing N N 129 
HIS N   H    sing N N 130 
HIS N   H2   sing N N 131 
HIS CA  C    sing N N 132 
HIS CA  CB   sing N N 133 
HIS CA  HA   sing N N 134 
HIS C   O    doub N N 135 
HIS C   OXT  sing N N 136 
HIS CB  CG   sing N N 137 
HIS CB  HB2  sing N N 138 
HIS CB  HB3  sing N N 139 
HIS CG  ND1  sing Y N 140 
HIS CG  CD2  doub Y N 141 
HIS ND1 CE1  doub Y N 142 
HIS ND1 HD1  sing N N 143 
HIS CD2 NE2  sing Y N 144 
HIS CD2 HD2  sing N N 145 
HIS CE1 NE2  sing Y N 146 
HIS CE1 HE1  sing N N 147 
HIS NE2 HE2  sing N N 148 
HIS OXT HXT  sing N N 149 
HOH O   H1   sing N N 150 
HOH O   H2   sing N N 151 
ILE N   CA   sing N N 152 
ILE N   H    sing N N 153 
ILE N   H2   sing N N 154 
ILE CA  C    sing N N 155 
ILE CA  CB   sing N N 156 
ILE CA  HA   sing N N 157 
ILE C   O    doub N N 158 
ILE C   OXT  sing N N 159 
ILE CB  CG1  sing N N 160 
ILE CB  CG2  sing N N 161 
ILE CB  HB   sing N N 162 
ILE CG1 CD1  sing N N 163 
ILE CG1 HG12 sing N N 164 
ILE CG1 HG13 sing N N 165 
ILE CG2 HG21 sing N N 166 
ILE CG2 HG22 sing N N 167 
ILE CG2 HG23 sing N N 168 
ILE CD1 HD11 sing N N 169 
ILE CD1 HD12 sing N N 170 
ILE CD1 HD13 sing N N 171 
ILE OXT HXT  sing N N 172 
LEU N   CA   sing N N 173 
LEU N   H    sing N N 174 
LEU N   H2   sing N N 175 
LEU CA  C    sing N N 176 
LEU CA  CB   sing N N 177 
LEU CA  HA   sing N N 178 
LEU C   O    doub N N 179 
LEU C   OXT  sing N N 180 
LEU CB  CG   sing N N 181 
LEU CB  HB2  sing N N 182 
LEU CB  HB3  sing N N 183 
LEU CG  CD1  sing N N 184 
LEU CG  CD2  sing N N 185 
LEU CG  HG   sing N N 186 
LEU CD1 HD11 sing N N 187 
LEU CD1 HD12 sing N N 188 
LEU CD1 HD13 sing N N 189 
LEU CD2 HD21 sing N N 190 
LEU CD2 HD22 sing N N 191 
LEU CD2 HD23 sing N N 192 
LEU OXT HXT  sing N N 193 
LYS N   CA   sing N N 194 
LYS N   H    sing N N 195 
LYS N   H2   sing N N 196 
LYS CA  C    sing N N 197 
LYS CA  CB   sing N N 198 
LYS CA  HA   sing N N 199 
LYS C   O    doub N N 200 
LYS C   OXT  sing N N 201 
LYS CB  CG   sing N N 202 
LYS CB  HB2  sing N N 203 
LYS CB  HB3  sing N N 204 
LYS CG  CD   sing N N 205 
LYS CG  HG2  sing N N 206 
LYS CG  HG3  sing N N 207 
LYS CD  CE   sing N N 208 
LYS CD  HD2  sing N N 209 
LYS CD  HD3  sing N N 210 
LYS CE  NZ   sing N N 211 
LYS CE  HE2  sing N N 212 
LYS CE  HE3  sing N N 213 
LYS NZ  HZ1  sing N N 214 
LYS NZ  HZ2  sing N N 215 
LYS NZ  HZ3  sing N N 216 
LYS OXT HXT  sing N N 217 
MET N   CA   sing N N 218 
MET N   H    sing N N 219 
MET N   H2   sing N N 220 
MET CA  C    sing N N 221 
MET CA  CB   sing N N 222 
MET CA  HA   sing N N 223 
MET C   O    doub N N 224 
MET C   OXT  sing N N 225 
MET CB  CG   sing N N 226 
MET CB  HB2  sing N N 227 
MET CB  HB3  sing N N 228 
MET CG  SD   sing N N 229 
MET CG  HG2  sing N N 230 
MET CG  HG3  sing N N 231 
MET SD  CE   sing N N 232 
MET CE  HE1  sing N N 233 
MET CE  HE2  sing N N 234 
MET CE  HE3  sing N N 235 
MET OXT HXT  sing N N 236 
MLY N   CA   sing N N 237 
MLY N   H    sing N N 238 
MLY N   H2   sing N N 239 
MLY CA  CB   sing N N 240 
MLY CA  C    sing N N 241 
MLY CA  HA   sing N N 242 
MLY CB  CG   sing N N 243 
MLY CB  HB2  sing N N 244 
MLY CB  HB3  sing N N 245 
MLY CG  CD   sing N N 246 
MLY CG  HG2  sing N N 247 
MLY CG  HG3  sing N N 248 
MLY CD  CE   sing N N 249 
MLY CD  HD2  sing N N 250 
MLY CD  HD3  sing N N 251 
MLY CE  NZ   sing N N 252 
MLY CE  HE2  sing N N 253 
MLY CE  HE3  sing N N 254 
MLY NZ  CH1  sing N N 255 
MLY NZ  CH2  sing N N 256 
MLY CH1 HH11 sing N N 257 
MLY CH1 HH12 sing N N 258 
MLY CH1 HH13 sing N N 259 
MLY CH2 HH21 sing N N 260 
MLY CH2 HH22 sing N N 261 
MLY CH2 HH23 sing N N 262 
MLY C   O    doub N N 263 
MLY C   OXT  sing N N 264 
MLY OXT HXT  sing N N 265 
PHE N   CA   sing N N 266 
PHE N   H    sing N N 267 
PHE N   H2   sing N N 268 
PHE CA  C    sing N N 269 
PHE CA  CB   sing N N 270 
PHE CA  HA   sing N N 271 
PHE C   O    doub N N 272 
PHE C   OXT  sing N N 273 
PHE CB  CG   sing N N 274 
PHE CB  HB2  sing N N 275 
PHE CB  HB3  sing N N 276 
PHE CG  CD1  doub Y N 277 
PHE CG  CD2  sing Y N 278 
PHE CD1 CE1  sing Y N 279 
PHE CD1 HD1  sing N N 280 
PHE CD2 CE2  doub Y N 281 
PHE CD2 HD2  sing N N 282 
PHE CE1 CZ   doub Y N 283 
PHE CE1 HE1  sing N N 284 
PHE CE2 CZ   sing Y N 285 
PHE CE2 HE2  sing N N 286 
PHE CZ  HZ   sing N N 287 
PHE OXT HXT  sing N N 288 
PRO N   CA   sing N N 289 
PRO N   CD   sing N N 290 
PRO N   H    sing N N 291 
PRO CA  C    sing N N 292 
PRO CA  CB   sing N N 293 
PRO CA  HA   sing N N 294 
PRO C   O    doub N N 295 
PRO C   OXT  sing N N 296 
PRO CB  CG   sing N N 297 
PRO CB  HB2  sing N N 298 
PRO CB  HB3  sing N N 299 
PRO CG  CD   sing N N 300 
PRO CG  HG2  sing N N 301 
PRO CG  HG3  sing N N 302 
PRO CD  HD2  sing N N 303 
PRO CD  HD3  sing N N 304 
PRO OXT HXT  sing N N 305 
SER N   CA   sing N N 306 
SER N   H    sing N N 307 
SER N   H2   sing N N 308 
SER CA  C    sing N N 309 
SER CA  CB   sing N N 310 
SER CA  HA   sing N N 311 
SER C   O    doub N N 312 
SER C   OXT  sing N N 313 
SER CB  OG   sing N N 314 
SER CB  HB2  sing N N 315 
SER CB  HB3  sing N N 316 
SER OG  HG   sing N N 317 
SER OXT HXT  sing N N 318 
THR N   CA   sing N N 319 
THR N   H    sing N N 320 
THR N   H2   sing N N 321 
THR CA  C    sing N N 322 
THR CA  CB   sing N N 323 
THR CA  HA   sing N N 324 
THR C   O    doub N N 325 
THR C   OXT  sing N N 326 
THR CB  OG1  sing N N 327 
THR CB  CG2  sing N N 328 
THR CB  HB   sing N N 329 
THR OG1 HG1  sing N N 330 
THR CG2 HG21 sing N N 331 
THR CG2 HG22 sing N N 332 
THR CG2 HG23 sing N N 333 
THR OXT HXT  sing N N 334 
TRP N   CA   sing N N 335 
TRP N   H    sing N N 336 
TRP N   H2   sing N N 337 
TRP CA  C    sing N N 338 
TRP CA  CB   sing N N 339 
TRP CA  HA   sing N N 340 
TRP C   O    doub N N 341 
TRP C   OXT  sing N N 342 
TRP CB  CG   sing N N 343 
TRP CB  HB2  sing N N 344 
TRP CB  HB3  sing N N 345 
TRP CG  CD1  doub Y N 346 
TRP CG  CD2  sing Y N 347 
TRP CD1 NE1  sing Y N 348 
TRP CD1 HD1  sing N N 349 
TRP CD2 CE2  doub Y N 350 
TRP CD2 CE3  sing Y N 351 
TRP NE1 CE2  sing Y N 352 
TRP NE1 HE1  sing N N 353 
TRP CE2 CZ2  sing Y N 354 
TRP CE3 CZ3  doub Y N 355 
TRP CE3 HE3  sing N N 356 
TRP CZ2 CH2  doub Y N 357 
TRP CZ2 HZ2  sing N N 358 
TRP CZ3 CH2  sing Y N 359 
TRP CZ3 HZ3  sing N N 360 
TRP CH2 HH2  sing N N 361 
TRP OXT HXT  sing N N 362 
TYR N   CA   sing N N 363 
TYR N   H    sing N N 364 
TYR N   H2   sing N N 365 
TYR CA  C    sing N N 366 
TYR CA  CB   sing N N 367 
TYR CA  HA   sing N N 368 
TYR C   O    doub N N 369 
TYR C   OXT  sing N N 370 
TYR CB  CG   sing N N 371 
TYR CB  HB2  sing N N 372 
TYR CB  HB3  sing N N 373 
TYR CG  CD1  doub Y N 374 
TYR CG  CD2  sing Y N 375 
TYR CD1 CE1  sing Y N 376 
TYR CD1 HD1  sing N N 377 
TYR CD2 CE2  doub Y N 378 
TYR CD2 HD2  sing N N 379 
TYR CE1 CZ   doub Y N 380 
TYR CE1 HE1  sing N N 381 
TYR CE2 CZ   sing Y N 382 
TYR CE2 HE2  sing N N 383 
TYR CZ  OH   sing N N 384 
TYR OH  HH   sing N N 385 
TYR OXT HXT  sing N N 386 
VAL N   CA   sing N N 387 
VAL N   H    sing N N 388 
VAL N   H2   sing N N 389 
VAL CA  C    sing N N 390 
VAL CA  CB   sing N N 391 
VAL CA  HA   sing N N 392 
VAL C   O    doub N N 393 
VAL C   OXT  sing N N 394 
VAL CB  CG1  sing N N 395 
VAL CB  CG2  sing N N 396 
VAL CB  HB   sing N N 397 
VAL CG1 HG11 sing N N 398 
VAL CG1 HG12 sing N N 399 
VAL CG1 HG13 sing N N 400 
VAL CG2 HG21 sing N N 401 
VAL CG2 HG22 sing N N 402 
VAL CG2 HG23 sing N N 403 
VAL OXT HXT  sing N N 404 
# 
_atom_sites.entry_id                    4IKD 
_atom_sites.fract_transf_matrix[1][1]   -0.02301991 
_atom_sites.fract_transf_matrix[1][2]   0.00408275 
_atom_sites.fract_transf_matrix[1][3]   -0.00864122 
_atom_sites.fract_transf_matrix[2][1]   -0.00387315 
_atom_sites.fract_transf_matrix[2][2]   0.00726413 
_atom_sites.fract_transf_matrix[2][3]   0.01375005 
_atom_sites.fract_transf_matrix[3][1]   0.00450633 
_atom_sites.fract_transf_matrix[3][2]   0.01326381 
_atom_sites.fract_transf_matrix[3][3]   -0.00573789 
_atom_sites.fract_transf_vector[1]      -0.207831 
_atom_sites.fract_transf_vector[2]      -0.177143 
_atom_sites.fract_transf_vector[3]      -0.207909 
# 
loop_
_atom_type.symbol 
C  
CL 
N  
NA 
O  
S  
# 
loop_
_atom_site.group_PDB 
_atom_site.id 
_atom_site.type_symbol 
_atom_site.label_atom_id 
_atom_site.label_alt_id 
_atom_site.label_comp_id 
_atom_site.label_asym_id 
_atom_site.label_entity_id 
_atom_site.label_seq_id 
_atom_site.pdbx_PDB_ins_code 
_atom_site.Cartn_x 
_atom_site.Cartn_y 
_atom_site.Cartn_z 
_atom_site.occupancy 
_atom_site.B_iso_or_equiv 
_atom_site.pdbx_formal_charge 
_atom_site.auth_seq_id 
_atom_site.auth_comp_id 
_atom_site.auth_asym_id 
_atom_site.auth_atom_id 
_atom_site.pdbx_PDB_model_num 
ATOM   1    N  N   . GLN A 1 5   ? -28.016 -0.884  -1.620  1.00 71.96 ? 11  GLN A N   1 
ATOM   2    C  CA  . GLN A 1 5   ? -27.331 -2.032  -2.294  1.00 73.45 ? 11  GLN A CA  1 
ATOM   3    C  C   . GLN A 1 5   ? -26.066 -1.605  -3.054  1.00 71.77 ? 11  GLN A C   1 
ATOM   4    O  O   . GLN A 1 5   ? -24.969 -2.147  -2.817  1.00 72.23 ? 11  GLN A O   1 
ATOM   5    C  CB  . GLN A 1 5   ? -28.307 -2.752  -3.231  1.00 72.41 ? 11  GLN A CB  1 
ATOM   6    C  CG  . GLN A 1 5   ? -28.672 -4.164  -2.778  1.00 73.36 ? 11  GLN A CG  1 
ATOM   7    C  CD  . GLN A 1 5   ? -27.837 -5.239  -3.451  1.00 73.78 ? 11  GLN A CD  1 
ATOM   8    O  OE1 . GLN A 1 5   ? -27.242 -6.090  -2.779  1.00 73.16 ? 11  GLN A OE1 1 
ATOM   9    N  NE2 . GLN A 1 5   ? -27.803 -5.219  -4.786  1.00 59.61 ? 11  GLN A NE2 1 
ATOM   10   N  N   . GLU A 1 6   ? -26.223 -0.637  -3.960  1.00 64.98 ? 12  GLU A N   1 
ATOM   11   C  CA  . GLU A 1 6   ? -25.111 -0.144  -4.775  1.00 55.70 ? 12  GLU A CA  1 
ATOM   12   C  C   . GLU A 1 6   ? -24.648 1.227   -4.284  1.00 56.17 ? 12  GLU A C   1 
ATOM   13   O  O   . GLU A 1 6   ? -25.347 2.243   -4.444  1.00 50.64 ? 12  GLU A O   1 
ATOM   14   C  CB  . GLU A 1 6   ? -25.525 -0.097  -6.241  1.00 50.90 ? 12  GLU A CB  1 
ATOM   15   C  CG  . GLU A 1 6   ? -26.045 -1.442  -6.771  1.00 45.64 ? 12  GLU A CG  1 
ATOM   16   C  CD  . GLU A 1 6   ? -27.363 -1.316  -7.531  1.00 37.63 ? 12  GLU A CD  1 
ATOM   17   O  OE1 . GLU A 1 6   ? -27.551 -0.299  -8.191  1.00 19.40 ? 12  GLU A OE1 1 
ATOM   18   O  OE2 . GLU A 1 6   ? -28.200 -2.258  -7.460  1.00 40.41 ? 12  GLU A OE2 1 
ATOM   19   N  N   . GLN A 1 7   ? -23.465 1.245   -3.668  1.00 54.36 ? 13  GLN A N   1 
ATOM   20   C  CA  . GLN A 1 7   ? -22.907 2.472   -3.119  1.00 51.63 ? 13  GLN A CA  1 
ATOM   21   C  C   . GLN A 1 7   ? -22.421 3.316   -4.284  1.00 45.60 ? 13  GLN A C   1 
ATOM   22   O  O   . GLN A 1 7   ? -21.998 2.784   -5.316  1.00 45.33 ? 13  GLN A O   1 
ATOM   23   C  CB  . GLN A 1 7   ? -21.742 2.180   -2.153  1.00 54.53 ? 13  GLN A CB  1 
ATOM   24   C  CG  . GLN A 1 7   ? -22.047 1.192   -1.029  1.00 58.81 ? 13  GLN A CG  1 
ATOM   25   C  CD  . GLN A 1 7   ? -23.052 1.712   -0.008  1.00 65.03 ? 13  GLN A CD  1 
ATOM   26   O  OE1 . GLN A 1 7   ? -24.234 1.334   -0.023  1.00 64.85 ? 13  GLN A OE1 1 
ATOM   27   N  NE2 . GLN A 1 7   ? -22.584 2.575   0.897   1.00 68.89 ? 13  GLN A NE2 1 
ATOM   28   N  N   . GLU A 1 8   ? -22.485 4.630   -4.125  1.00 41.40 ? 14  GLU A N   1 
ATOM   29   C  CA  . GLU A 1 8   ? -21.943 5.532   -5.129  1.00 42.28 ? 14  GLU A CA  1 
ATOM   30   C  C   . GLU A 1 8   ? -20.453 5.267   -5.387  1.00 36.51 ? 14  GLU A C   1 
ATOM   31   O  O   . GLU A 1 8   ? -20.023 5.197   -6.541  1.00 38.70 ? 14  GLU A O   1 
ATOM   32   C  CB  . GLU A 1 8   ? -22.183 7.002   -4.738  1.00 47.75 ? 14  GLU A CB  1 
ATOM   33   C  CG  . GLU A 1 8   ? -23.363 7.632   -5.466  1.00 52.96 ? 14  GLU A CG  1 
ATOM   34   C  CD  . GLU A 1 8   ? -23.193 7.593   -6.984  1.00 56.78 ? 14  GLU A CD  1 
ATOM   35   O  OE1 . GLU A 1 8   ? -24.183 7.303   -7.696  1.00 56.48 ? 14  GLU A OE1 1 
ATOM   36   O  OE2 . GLU A 1 8   ? -22.054 7.835   -7.458  1.00 59.36 ? 14  GLU A OE2 1 
ATOM   37   N  N   . GLU A 1 9   ? -19.670 5.137   -4.318  1.00 32.30 ? 15  GLU A N   1 
ATOM   38   C  CA  . GLU A 1 9   ? -18.230 4.923   -4.479  1.00 29.90 ? 15  GLU A CA  1 
ATOM   39   C  C   . GLU A 1 9   ? -17.858 3.603   -3.802  1.00 27.09 ? 15  GLU A C   1 
ATOM   40   O  O   . GLU A 1 9   ? -18.238 3.335   -2.649  1.00 29.90 ? 15  GLU A O   1 
ATOM   41   C  CB  . GLU A 1 9   ? -17.401 6.087   -3.919  1.00 33.22 ? 15  GLU A CB  1 
ATOM   42   C  CG  . GLU A 1 9   ? -17.530 7.396   -4.720  1.00 36.08 ? 15  GLU A CG  1 
ATOM   43   C  CD  . GLU A 1 9   ? -16.497 8.443   -4.342  1.00 39.64 ? 15  GLU A CD  1 
ATOM   44   O  OE1 . GLU A 1 9   ? -16.133 8.506   -3.153  1.00 45.41 ? 15  GLU A OE1 1 
ATOM   45   O  OE2 . GLU A 1 9   ? -16.040 9.194   -5.238  1.00 37.49 ? 15  GLU A OE2 1 
ATOM   46   N  N   . VAL A 1 10  ? -17.109 2.802   -4.541  1.00 22.60 ? 16  VAL A N   1 
ATOM   47   C  CA  . VAL A 1 10  ? -16.627 1.517   -4.036  1.00 22.47 ? 16  VAL A CA  1 
ATOM   48   C  C   . VAL A 1 10  ? -15.118 1.469   -4.187  1.00 17.33 ? 16  VAL A C   1 
ATOM   49   O  O   . VAL A 1 10  ? -14.562 1.849   -5.224  1.00 18.93 ? 16  VAL A O   1 
ATOM   50   C  CB  . VAL A 1 10  ? -17.289 0.339   -4.770  1.00 26.15 ? 16  VAL A CB  1 
ATOM   51   C  CG1 . VAL A 1 10  ? -16.779 -0.997  -4.233  1.00 26.56 ? 16  VAL A CG1 1 
ATOM   52   C  CG2 . VAL A 1 10  ? -18.827 0.438   -4.674  1.00 26.89 ? 16  VAL A CG2 1 
ATOM   53   N  N   . ILE A 1 11  ? -14.461 0.951   -3.143  1.00 17.99 ? 17  ILE A N   1 
ATOM   54   C  CA  . ILE A 1 11  ? -13.003 0.693   -3.202  1.00 16.87 ? 17  ILE A CA  1 
ATOM   55   C  C   . ILE A 1 11  ? -12.846 -0.752  -2.788  1.00 15.83 ? 17  ILE A C   1 
ATOM   56   O  O   . ILE A 1 11  ? -13.223 -1.116  -1.696  1.00 20.17 ? 17  ILE A O   1 
ATOM   57   C  CB  . ILE A 1 11  ? -12.224 1.588   -2.222  1.00 19.22 ? 17  ILE A CB  1 
ATOM   58   C  CG1 . ILE A 1 11  ? -12.653 3.051   -2.386  1.00 18.87 ? 17  ILE A CG1 1 
ATOM   59   C  CG2 . ILE A 1 11  ? -10.696 1.472   -2.421  1.00 19.81 ? 17  ILE A CG2 1 
ATOM   60   C  CD1 . ILE A 1 11  ? -12.084 3.949   -1.307  1.00 20.48 ? 17  ILE A CD1 1 
ATOM   61   N  N   . THR A 1 12  ? -12.335 -1.579  -3.668  1.00 13.88 ? 18  THR A N   1 
ATOM   62   C  CA  . THR A 1 12  ? -12.080 -2.963  -3.362  1.00 14.84 ? 18  THR A CA  1 
ATOM   63   C  C   . THR A 1 12  ? -10.573 -3.261  -3.298  1.00 14.80 ? 18  THR A C   1 
ATOM   64   O  O   . THR A 1 12  ? -9.869  -2.917  -4.249  1.00 14.62 ? 18  THR A O   1 
ATOM   65   C  CB  . THR A 1 12  ? -12.649 -3.803  -4.463  1.00 16.19 ? 18  THR A CB  1 
ATOM   66   O  OG1 . THR A 1 12  ? -14.060 -3.490  -4.518  1.00 17.25 ? 18  THR A OG1 1 
ATOM   67   C  CG2 . THR A 1 12  ? -12.440 -5.313  -4.228  1.00 17.86 ? 18  THR A CG2 1 
ATOM   68   N  N   . VAL A 1 13  ? -10.119 -3.952  -2.247  1.00 14.86 ? 19  VAL A N   1 
ATOM   69   C  CA  . VAL A 1 13  ? -8.691  -4.193  -2.102  1.00 14.30 ? 19  VAL A CA  1 
ATOM   70   C  C   . VAL A 1 13  ? -8.501  -5.691  -1.833  1.00 15.57 ? 19  VAL A C   1 
ATOM   71   O  O   . VAL A 1 13  ? -9.340  -6.325  -1.177  1.00 16.48 ? 19  VAL A O   1 
ATOM   72   C  CB  . VAL A 1 13  ? -8.057  -3.307  -0.979  1.00 14.89 ? 19  VAL A CB  1 
ATOM   73   C  CG1 . VAL A 1 13  ? -8.609  -3.677  0.377   1.00 14.59 ? 19  VAL A CG1 1 
ATOM   74   C  CG2 . VAL A 1 13  ? -6.501  -3.416  -1.002  1.00 15.33 ? 19  VAL A CG2 1 
ATOM   75   N  N   . ARG A 1 14  ? -7.435  -6.241  -2.378  1.00 14.57 ? 20  ARG A N   1 
ATOM   76   C  CA  . ARG A 1 14  ? -7.028  -7.582  -2.111  1.00 15.67 ? 20  ARG A CA  1 
ATOM   77   C  C   . ARG A 1 14  ? -5.545  -7.643  -1.863  1.00 16.36 ? 20  ARG A C   1 
ATOM   78   O  O   . ARG A 1 14  ? -4.782  -7.169  -2.671  1.00 18.61 ? 20  ARG A O   1 
ATOM   79   C  CB  . ARG A 1 14  ? -7.402  -8.515  -3.265  1.00 17.49 ? 20  ARG A CB  1 
ATOM   80   C  CG  . ARG A 1 14  ? -8.880  -8.649  -3.542  1.00 20.58 ? 20  ARG A CG  1 
ATOM   81   C  CD  . ARG A 1 14  ? -9.586  -9.539  -2.575  1.00 22.72 ? 20  ARG A CD  1 
ATOM   82   N  NE  . ARG A 1 14  ? -11.005 -9.690  -2.925  1.00 26.05 ? 20  ARG A NE  1 
ATOM   83   C  CZ  . ARG A 1 14  ? -11.999 -8.900  -2.539  1.00 28.26 ? 20  ARG A CZ  1 
ATOM   84   N  NH1 . ARG A 1 14  ? -11.783 -7.784  -1.830  1.00 26.02 ? 20  ARG A NH1 1 
ATOM   85   N  NH2 . ARG A 1 14  ? -13.262 -9.214  -2.900  1.00 28.31 ? 20  ARG A NH2 1 
ATOM   86   N  N   . VAL A 1 15  ? -5.137  -8.269  -0.762  1.00 15.19 ? 21  VAL A N   1 
ATOM   87   C  CA  . VAL A 1 15  ? -3.731  -8.585  -0.550  1.00 14.92 ? 21  VAL A CA  1 
ATOM   88   C  C   . VAL A 1 15  ? -3.552  -10.068 -0.784  1.00 16.34 ? 21  VAL A C   1 
ATOM   89   O  O   . VAL A 1 15  ? -4.310  -10.832 -0.168  1.00 17.50 ? 21  VAL A O   1 
ATOM   90   C  CB  . VAL A 1 15  ? -3.362  -8.256  0.876   1.00 13.63 ? 21  VAL A CB  1 
ATOM   91   C  CG1 . VAL A 1 15  ? -1.875  -8.565  1.143   1.00 13.84 ? 21  VAL A CG1 1 
ATOM   92   C  CG2 . VAL A 1 15  ? -3.716  -6.797  1.195   1.00 15.61 ? 21  VAL A CG2 1 
ATOM   93   N  N   . GLN A 1 16  ? -2.655  -10.431 -1.665  1.00 16.70 ? 22  GLN A N   1 
ATOM   94   C  CA  . GLN A 1 16  ? -2.621  -11.801 -2.196  1.00 18.31 ? 22  GLN A CA  1 
ATOM   95   C  C   . GLN A 1 16  ? -1.210  -12.226 -2.600  1.00 19.60 ? 22  GLN A C   1 
ATOM   96   O  O   . GLN A 1 16  ? -0.270  -11.411 -2.543  1.00 17.35 ? 22  GLN A O   1 
ATOM   97   C  CB  . GLN A 1 16  ? -3.586  -11.890 -3.389  1.00 22.04 ? 22  GLN A CB  1 
ATOM   98   C  CG  . GLN A 1 16  ? -3.135  -11.141 -4.609  1.00 24.86 ? 22  GLN A CG  1 
ATOM   99   C  CD  . GLN A 1 16  ? -4.244  -10.961 -5.653  1.00 28.36 ? 22  GLN A CD  1 
ATOM   100  O  OE1 . GLN A 1 16  ? -5.207  -10.202 -5.436  1.00 32.06 ? 22  GLN A OE1 1 
ATOM   101  N  NE2 . GLN A 1 16  ? -4.115  -11.647 -6.769  1.00 35.26 ? 22  GLN A NE2 1 
ATOM   102  N  N   . ASP A 1 17  ? -1.061  -13.520 -2.932  1.00 18.74 ? 23  ASP A N   1 
ATOM   103  C  CA  A ASP A 1 17  ? 0.150   -13.987 -3.631  0.50 19.79 ? 23  ASP A CA  1 
ATOM   104  C  CA  B ASP A 1 17  ? 0.150   -14.038 -3.609  0.50 19.14 ? 23  ASP A CA  1 
ATOM   105  C  C   . ASP A 1 17  ? 1.456   -13.605 -2.897  1.00 19.44 ? 23  ASP A C   1 
ATOM   106  O  O   . ASP A 1 17  ? 2.324   -12.978 -3.495  1.00 18.08 ? 23  ASP A O   1 
ATOM   107  C  CB  A ASP A 1 17  ? 0.131   -13.399 -5.058  0.50 23.47 ? 23  ASP A CB  1 
ATOM   108  C  CB  B ASP A 1 17  ? 0.199   -13.645 -5.110  0.50 21.65 ? 23  ASP A CB  1 
ATOM   109  C  CG  A ASP A 1 17  ? 1.229   -13.934 -5.953  0.50 24.71 ? 23  ASP A CG  1 
ATOM   110  C  CG  B ASP A 1 17  ? -1.097  -14.015 -5.907  0.50 21.99 ? 23  ASP A CG  1 
ATOM   111  O  OD1 A ASP A 1 17  ? 1.575   -15.121 -5.850  0.50 27.43 ? 23  ASP A OD1 1 
ATOM   112  O  OD1 B ASP A 1 17  ? -1.855  -14.927 -5.515  0.50 25.08 ? 23  ASP A OD1 1 
ATOM   113  O  OD2 A ASP A 1 17  ? 1.766   -13.156 -6.772  0.50 28.40 ? 23  ASP A OD2 1 
ATOM   114  O  OD2 B ASP A 1 17  ? -1.328  -13.389 -6.972  0.50 22.25 ? 23  ASP A OD2 1 
ATOM   115  N  N   . PRO A 1 18  ? 1.605   -13.979 -1.607  1.00 18.86 ? 24  PRO A N   1 
ATOM   116  C  CA  . PRO A 1 18  ? 2.907   -13.715 -0.950  1.00 20.15 ? 24  PRO A CA  1 
ATOM   117  C  C   . PRO A 1 18  ? 4.037   -14.463 -1.628  1.00 20.75 ? 24  PRO A C   1 
ATOM   118  O  O   . PRO A 1 18  ? 3.828   -15.596 -2.046  1.00 20.39 ? 24  PRO A O   1 
ATOM   119  C  CB  . PRO A 1 18  ? 2.736   -14.294 0.451   1.00 21.38 ? 24  PRO A CB  1 
ATOM   120  C  CG  . PRO A 1 18  ? 1.553   -15.197 0.352   1.00 24.03 ? 24  PRO A CG  1 
ATOM   121  C  CD  . PRO A 1 18  ? 0.661   -14.610 -0.665  1.00 20.43 ? 24  PRO A CD  1 
ATOM   122  N  N   . ARG A 1 19  ? 5.196   -13.849 -1.767  1.00 18.39 ? 25  ARG A N   1 
ATOM   123  C  CA  . ARG A 1 19  ? 6.308   -14.460 -2.486  1.00 19.83 ? 25  ARG A CA  1 
ATOM   124  C  C   . ARG A 1 19  ? 7.576   -14.158 -1.738  1.00 20.45 ? 25  ARG A C   1 
ATOM   125  O  O   . ARG A 1 19  ? 7.759   -13.056 -1.224  1.00 19.00 ? 25  ARG A O   1 
ATOM   126  C  CB  . ARG A 1 19  ? 6.489   -13.925 -3.906  1.00 22.12 ? 25  ARG A CB  1 
ATOM   127  C  CG  . ARG A 1 19  ? 5.403   -14.342 -4.888  1.00 26.98 ? 25  ARG A CG  1 
ATOM   128  C  CD  . ARG A 1 19  ? 5.171   -15.849 -4.910  1.00 33.70 ? 25  ARG A CD  1 
ATOM   129  N  NE  . ARG A 1 19  ? 3.972   -16.185 -5.681  1.00 39.40 ? 25  ARG A NE  1 
ATOM   130  C  CZ  . ARG A 1 19  ? 3.911   -16.277 -7.011  1.00 45.36 ? 25  ARG A CZ  1 
ATOM   131  N  NH1 . ARG A 1 19  ? 4.988   -16.077 -7.775  1.00 49.89 ? 25  ARG A NH1 1 
ATOM   132  N  NH2 . ARG A 1 19  ? 2.748   -16.577 -7.584  1.00 47.16 ? 25  ARG A NH2 1 
ATOM   133  N  N   . VAL A 1 20  ? 8.475   -15.136 -1.690  1.00 18.25 ? 26  VAL A N   1 
ATOM   134  C  CA  . VAL A 1 20  ? 9.795   -14.911 -1.133  1.00 17.49 ? 26  VAL A CA  1 
ATOM   135  C  C   . VAL A 1 20  ? 10.692  -14.345 -2.228  1.00 17.52 ? 26  VAL A C   1 
ATOM   136  O  O   . VAL A 1 20  ? 10.849  -14.920 -3.342  1.00 19.83 ? 26  VAL A O   1 
ATOM   137  C  CB  . VAL A 1 20  ? 10.387  -16.207 -0.493  1.00 17.85 ? 26  VAL A CB  1 
ATOM   138  C  CG1 . VAL A 1 20  ? 11.780  -15.955 0.024   1.00 16.52 ? 26  VAL A CG1 1 
ATOM   139  C  CG2 . VAL A 1 20  ? 9.497   -16.737 0.613   1.00 19.56 ? 26  VAL A CG2 1 
ATOM   140  N  N   . GLN A 1 21  ? 11.294  -13.208 -1.942  1.00 18.03 ? 27  GLN A N   1 
ATOM   141  C  CA  . GLN A 1 21  ? 12.231  -12.567 -2.847  1.00 19.44 ? 27  GLN A CA  1 
ATOM   142  C  C   . GLN A 1 21  ? 13.646  -12.855 -2.337  1.00 19.29 ? 27  GLN A C   1 
ATOM   143  O  O   . GLN A 1 21  ? 13.870  -12.989 -1.150  1.00 18.17 ? 27  GLN A O   1 
ATOM   144  C  CB  . GLN A 1 21  ? 12.014  -11.080 -2.903  1.00 20.86 ? 27  GLN A CB  1 
ATOM   145  C  CG  . GLN A 1 21  ? 10.567  -10.703 -3.118  1.00 22.87 ? 27  GLN A CG  1 
ATOM   146  C  CD  . GLN A 1 21  ? 10.085  -11.129 -4.496  1.00 23.41 ? 27  GLN A CD  1 
ATOM   147  O  OE1 . GLN A 1 21  ? 10.905  -11.382 -5.409  1.00 27.68 ? 27  GLN A OE1 1 
ATOM   148  N  NE2 . GLN A 1 21  ? 8.784   -11.186 -4.676  1.00 23.22 ? 27  GLN A NE2 1 
ATOM   149  N  N   . ASN A 1 22  ? 14.560  -13.071 -3.278  1.00 18.80 ? 28  ASN A N   1 
ATOM   150  C  CA  . ASN A 1 22  ? 15.980  -13.362 -2.922  1.00 18.77 ? 28  ASN A CA  1 
ATOM   151  C  C   . ASN A 1 22  ? 16.135  -14.559 -2.004  1.00 18.89 ? 28  ASN A C   1 
ATOM   152  O  O   . ASN A 1 22  ? 16.940  -14.555 -1.089  1.00 18.94 ? 28  ASN A O   1 
ATOM   153  C  CB  . ASN A 1 22  ? 16.668  -12.137 -2.350  1.00 20.00 ? 28  ASN A CB  1 
ATOM   154  C  CG  . ASN A 1 22  ? 16.370  -10.910 -3.133  1.00 22.81 ? 28  ASN A CG  1 
ATOM   155  O  OD1 . ASN A 1 22  ? 16.534  -10.893 -4.365  1.00 27.27 ? 28  ASN A OD1 1 
ATOM   156  N  ND2 . ASN A 1 22  ? 15.868  -9.890  -2.459  1.00 25.43 ? 28  ASN A ND2 1 
ATOM   157  N  N   . GLU A 1 23  ? 15.405  -15.638 -2.276  1.00 19.04 ? 29  GLU A N   1 
ATOM   158  C  CA  . GLU A 1 23  ? 15.280  -16.720 -1.350  1.00 20.44 ? 29  GLU A CA  1 
ATOM   159  C  C   . GLU A 1 23  ? 16.620  -17.363 -1.070  1.00 20.01 ? 29  GLU A C   1 
ATOM   160  O  O   . GLU A 1 23  ? 17.389  -17.634 -2.019  1.00 20.60 ? 29  GLU A O   1 
ATOM   161  C  CB  . GLU A 1 23  ? 14.303  -17.790 -1.878  1.00 22.91 ? 29  GLU A CB  1 
ATOM   162  C  CG  . GLU A 1 23  ? 14.078  -18.883 -0.851  1.00 25.16 ? 29  GLU A CG  1 
ATOM   163  C  CD  . GLU A 1 23  ? 12.893  -19.785 -1.162  1.00 33.33 ? 29  GLU A CD  1 
ATOM   164  O  OE1 . GLU A 1 23  ? 12.572  -19.946 -2.358  1.00 40.13 ? 29  GLU A OE1 1 
ATOM   165  O  OE2 . GLU A 1 23  ? 12.303  -20.310 -0.196  1.00 36.54 ? 29  GLU A OE2 1 
ATOM   166  N  N   . GLY A 1 24  ? 16.880  -17.575 0.213   1.00 18.50 ? 30  GLY A N   1 
ATOM   167  C  CA  . GLY A 1 24  ? 18.099  -18.231 0.689   1.00 18.98 ? 30  GLY A CA  1 
ATOM   168  C  C   . GLY A 1 24  ? 19.202  -17.268 1.067   1.00 20.61 ? 30  GLY A C   1 
ATOM   169  O  O   . GLY A 1 24  ? 20.171  -17.676 1.772   1.00 20.05 ? 30  GLY A O   1 
ATOM   170  N  N   . SER A 1 25  ? 19.056  -16.006 0.686   1.00 20.40 ? 31  SER A N   1 
ATOM   171  C  CA  . SER A 1 25  ? 20.102  -14.996 0.866   1.00 20.07 ? 31  SER A CA  1 
ATOM   172  C  C   . SER A 1 25  ? 19.830  -14.076 2.060   1.00 18.38 ? 31  SER A C   1 
ATOM   173  O  O   . SER A 1 25  ? 18.739  -14.117 2.638   1.00 18.54 ? 31  SER A O   1 
ATOM   174  C  CB  . SER A 1 25  ? 20.244  -14.189 -0.401  1.00 21.91 ? 31  SER A CB  1 
ATOM   175  O  OG  . SER A 1 25  ? 19.253  -13.150 -0.456  1.00 23.32 ? 31  SER A OG  1 
ATOM   176  N  N   . TRP A 1 26  ? 20.836  -13.261 2.377   1.00 18.90 ? 32  TRP A N   1 
ATOM   177  C  CA  . TRP A 1 26  ? 20.764  -12.332 3.484   1.00 17.83 ? 32  TRP A CA  1 
ATOM   178  C  C   . TRP A 1 26  ? 19.579  -11.401 3.269   1.00 17.44 ? 32  TRP A C   1 
ATOM   179  O  O   . TRP A 1 26  ? 18.938  -10.992 4.230   1.00 19.28 ? 32  TRP A O   1 
ATOM   180  C  CB  . TRP A 1 26  ? 22.090  -11.561 3.557   1.00 19.45 ? 32  TRP A CB  1 
ATOM   181  C  CG  . TRP A 1 26  ? 22.160  -10.550 4.656   1.00 19.47 ? 32  TRP A CG  1 
ATOM   182  C  CD1 . TRP A 1 26  ? 22.428  -10.760 5.989   1.00 19.27 ? 32  TRP A CD1 1 
ATOM   183  C  CD2 . TRP A 1 26  ? 21.881  -9.133  4.522   1.00 21.19 ? 32  TRP A CD2 1 
ATOM   184  N  NE1 . TRP A 1 26  ? 22.363  -9.569  6.687   1.00 20.92 ? 32  TRP A NE1 1 
ATOM   185  C  CE2 . TRP A 1 26  ? 22.048  -8.558  5.839   1.00 22.59 ? 32  TRP A CE2 1 
ATOM   186  C  CE3 . TRP A 1 26  ? 21.529  -8.310  3.448   1.00 23.50 ? 32  TRP A CE3 1 
ATOM   187  C  CZ2 . TRP A 1 26  ? 21.836  -7.204  6.076   1.00 23.21 ? 32  TRP A CZ2 1 
ATOM   188  C  CZ3 . TRP A 1 26  ? 21.360  -6.955  3.690   1.00 25.81 ? 32  TRP A CZ3 1 
ATOM   189  C  CH2 . TRP A 1 26  ? 21.494  -6.427  4.967   1.00 25.31 ? 32  TRP A CH2 1 
ATOM   190  N  N   . ASN A 1 27  ? 19.357  -10.987 2.030   1.00 18.92 ? 33  ASN A N   1 
ATOM   191  C  CA  . ASN A 1 27  ? 18.306  -10.002 1.733   1.00 22.05 ? 33  ASN A CA  1 
ATOM   192  C  C   . ASN A 1 27  ? 17.006  -10.666 1.309   1.00 22.28 ? 33  ASN A C   1 
ATOM   193  O  O   . ASN A 1 27  ? 16.252  -10.089 0.525   1.00 25.35 ? 33  ASN A O   1 
ATOM   194  C  CB  . ASN A 1 27  ? 18.750  -8.989  0.665   1.00 25.67 ? 33  ASN A CB  1 
ATOM   195  C  CG  . ASN A 1 27  ? 17.812  -7.785  0.570   1.00 29.35 ? 33  ASN A CG  1 
ATOM   196  O  OD1 . ASN A 1 27  ? 17.255  -7.358  1.573   1.00 32.14 ? 33  ASN A OD1 1 
ATOM   197  N  ND2 . ASN A 1 27  ? 17.611  -7.266  -0.648  1.00 35.10 ? 33  ASN A ND2 1 
ATOM   198  N  N   . SER A 1 28  ? 16.730  -11.863 1.812   1.00 20.49 ? 34  SER A N   1 
ATOM   199  C  CA  A SER A 1 28  ? 15.457  -12.535 1.569   0.50 19.46 ? 34  SER A CA  1 
ATOM   200  C  CA  B SER A 1 28  ? 15.451  -12.491 1.522   0.50 19.48 ? 34  SER A CA  1 
ATOM   201  C  C   . SER A 1 28  ? 14.327  -11.819 2.335   1.00 20.04 ? 34  SER A C   1 
ATOM   202  O  O   . SER A 1 28  ? 14.498  -11.405 3.514   1.00 22.16 ? 34  SER A O   1 
ATOM   203  C  CB  A SER A 1 28  ? 15.572  -13.997 2.029   0.50 18.96 ? 34  SER A CB  1 
ATOM   204  C  CB  B SER A 1 28  ? 15.506  -13.976 1.838   0.50 19.15 ? 34  SER A CB  1 
ATOM   205  O  OG  A SER A 1 28  ? 14.332  -14.696 2.007   0.50 19.74 ? 34  SER A OG  1 
ATOM   206  O  OG  B SER A 1 28  ? 15.482  -14.182 3.235   0.50 20.39 ? 34  SER A OG  1 
ATOM   207  N  N   . TYR A 1 29  ? 13.143  -11.704 1.724   1.00 17.57 ? 35  TYR A N   1 
ATOM   208  C  CA  . TYR A 1 29  ? 11.988  -11.161 2.445   1.00 17.76 ? 35  TYR A CA  1 
ATOM   209  C  C   . TYR A 1 29  ? 10.748  -11.605 1.681   1.00 17.30 ? 35  TYR A C   1 
ATOM   210  O  O   . TYR A 1 29  ? 10.875  -11.996 0.525   1.00 16.75 ? 35  TYR A O   1 
ATOM   211  C  CB  . TYR A 1 29  ? 12.079  -9.620  2.520   1.00 18.93 ? 35  TYR A CB  1 
ATOM   212  C  CG  . TYR A 1 29  ? 12.083  -8.944  1.159   1.00 20.41 ? 35  TYR A CG  1 
ATOM   213  C  CD1 . TYR A 1 29  ? 10.905  -8.542  0.564   1.00 21.55 ? 35  TYR A CD1 1 
ATOM   214  C  CD2 . TYR A 1 29  ? 13.276  -8.630  0.502   1.00 22.49 ? 35  TYR A CD2 1 
ATOM   215  C  CE1 . TYR A 1 29  ? 10.890  -7.926  -0.687  1.00 22.44 ? 35  TYR A CE1 1 
ATOM   216  C  CE2 . TYR A 1 29  ? 13.261  -7.989  -0.716  1.00 24.27 ? 35  TYR A CE2 1 
ATOM   217  C  CZ  . TYR A 1 29  ? 12.063  -7.629  -1.292  1.00 23.92 ? 35  TYR A CZ  1 
ATOM   218  O  OH  . TYR A 1 29  ? 12.041  -6.979  -2.495  1.00 30.54 ? 35  TYR A OH  1 
ATOM   219  N  N   . VAL A 1 30  ? 9.595   -11.540 2.332   1.00 16.49 ? 36  VAL A N   1 
ATOM   220  C  CA  . VAL A 1 30  ? 8.286   -11.835 1.737   1.00 16.05 ? 36  VAL A CA  1 
ATOM   221  C  C   . VAL A 1 30  ? 7.609   -10.535 1.319   1.00 15.23 ? 36  VAL A C   1 
ATOM   222  O  O   . VAL A 1 30  ? 7.684   -9.551  2.046   1.00 16.64 ? 36  VAL A O   1 
ATOM   223  C  CB  . VAL A 1 30  ? 7.402   -12.581 2.707   1.00 16.90 ? 36  VAL A CB  1 
ATOM   224  C  CG1 . VAL A 1 30  ? 5.996   -12.775 2.144   1.00 18.62 ? 36  VAL A CG1 1 
ATOM   225  C  CG2 . VAL A 1 30  ? 8.075   -13.940 2.979   1.00 18.58 ? 36  VAL A CG2 1 
ATOM   226  N  N   . ASP A 1 31  ? 7.143   -10.508 0.097   1.00 15.54 ? 37  ASP A N   1 
ATOM   227  C  CA  . ASP A 1 31  ? 6.257   -9.386  -0.252  1.00 15.44 ? 37  ASP A CA  1 
ATOM   228  C  C   . ASP A 1 31  ? 4.897   -9.918  -0.673  1.00 14.94 ? 37  ASP A C   1 
ATOM   229  O  O   . ASP A 1 31  ? 4.717   -11.109 -0.958  1.00 16.23 ? 37  ASP A O   1 
ATOM   230  C  CB  . ASP A 1 31  ? 6.888   -8.380  -1.187  1.00 16.65 ? 37  ASP A CB  1 
ATOM   231  C  CG  . ASP A 1 31  ? 7.218   -8.903  -2.520  1.00 17.00 ? 37  ASP A CG  1 
ATOM   232  O  OD1 . ASP A 1 31  ? 6.812   -10.011 -2.933  1.00 18.83 ? 37  ASP A OD1 1 
ATOM   233  O  OD2 . ASP A 1 31  ? 7.942   -8.189  -3.242  1.00 20.97 ? 37  ASP A OD2 1 
ATOM   234  N  N   . TYR A 1 32  ? 3.959   -8.977  -0.749  1.00 12.78 ? 38  TYR A N   1 
ATOM   235  C  CA  . TYR A 1 32  ? 2.545   -9.259  -0.908  1.00 12.74 ? 38  TYR A CA  1 
ATOM   236  C  C   . TYR A 1 32  ? 2.048   -8.440  -2.097  1.00 13.08 ? 38  TYR A C   1 
ATOM   237  O  O   . TYR A 1 32  ? 2.364   -7.237  -2.168  1.00 13.09 ? 38  TYR A O   1 
ATOM   238  C  CB  . TYR A 1 32  ? 1.786   -8.847  0.374   1.00 12.84 ? 38  TYR A CB  1 
ATOM   239  C  CG  . TYR A 1 32  ? 2.236   -9.604  1.579   1.00 15.38 ? 38  TYR A CG  1 
ATOM   240  C  CD1 . TYR A 1 32  ? 1.588   -10.798 1.933   1.00 16.45 ? 38  TYR A CD1 1 
ATOM   241  C  CD2 . TYR A 1 32  ? 3.309   -9.182  2.300   1.00 14.90 ? 38  TYR A CD2 1 
ATOM   242  C  CE1 . TYR A 1 32  ? 2.017   -11.542 3.015   1.00 16.30 ? 38  TYR A CE1 1 
ATOM   243  C  CE2 . TYR A 1 32  ? 3.763   -9.919  3.419   1.00 15.14 ? 38  TYR A CE2 1 
ATOM   244  C  CZ  . TYR A 1 32  ? 3.095   -11.078 3.756   1.00 17.04 ? 38  TYR A CZ  1 
ATOM   245  O  OH  . TYR A 1 32  ? 3.612   -11.807 4.848   1.00 18.51 ? 38  TYR A OH  1 
HETATM 246  N  N   . MLY A 1 33  ? 1.245   -9.049  -2.965  1.00 14.08 ? 39  MLY A N   1 
HETATM 247  C  CA  . MLY A 1 33  ? 0.579   -8.325  -4.092  1.00 13.95 ? 39  MLY A CA  1 
HETATM 248  C  CB  . MLY A 1 33  ? 0.133   -9.322  -5.186  1.00 17.03 ? 39  MLY A CB  1 
HETATM 249  C  CG  . MLY A 1 33  ? -0.653  -8.595  -6.241  1.00 20.32 ? 39  MLY A CG  1 
HETATM 250  C  CD  . MLY A 1 33  ? -1.189  -9.622  -7.226  1.00 26.07 ? 39  MLY A CD  1 
HETATM 251  C  CE  . MLY A 1 33  ? -0.162  -9.840  -8.303  1.00 31.66 ? 39  MLY A CE  1 
HETATM 252  N  NZ  . MLY A 1 33  ? -0.837  -10.225 -9.571  1.00 36.35 ? 39  MLY A NZ  1 
HETATM 253  C  CH1 . MLY A 1 33  ? 0.225   -10.584 -10.538 1.00 36.60 ? 39  MLY A CH1 1 
HETATM 254  C  CH2 . MLY A 1 33  ? -1.743  -11.363 -9.300  1.00 37.61 ? 39  MLY A CH2 1 
HETATM 255  C  C   . MLY A 1 33  ? -0.588  -7.577  -3.485  1.00 14.89 ? 39  MLY A C   1 
HETATM 256  O  O   . MLY A 1 33  ? -1.379  -8.146  -2.715  1.00 15.11 ? 39  MLY A O   1 
ATOM   257  N  N   . ILE A 1 34  ? -0.738  -6.289  -3.822  1.00 12.76 ? 40  ILE A N   1 
ATOM   258  C  CA  . ILE A 1 34  ? -1.895  -5.487  -3.432  1.00 13.16 ? 40  ILE A CA  1 
ATOM   259  C  C   . ILE A 1 34  ? -2.604  -5.024  -4.690  1.00 12.08 ? 40  ILE A C   1 
ATOM   260  O  O   . ILE A 1 34  ? -2.019  -4.318  -5.526  1.00 11.63 ? 40  ILE A O   1 
ATOM   261  C  CB  . ILE A 1 34  ? -1.565  -4.223  -2.613  1.00 12.72 ? 40  ILE A CB  1 
ATOM   262  C  CG1 . ILE A 1 34  ? -0.704  -4.532  -1.376  1.00 13.67 ? 40  ILE A CG1 1 
ATOM   263  C  CG2 . ILE A 1 34  ? -2.873  -3.587  -2.149  1.00 13.12 ? 40  ILE A CG2 1 
ATOM   264  C  CD1 . ILE A 1 34  ? -0.117  -3.253  -0.743  1.00 15.19 ? 40  ILE A CD1 1 
ATOM   265  N  N   . PHE A 1 35  ? -3.837  -5.549  -4.858  1.00 12.09 ? 41  PHE A N   1 
ATOM   266  C  CA  . PHE A 1 35  ? -4.706  -5.245  -6.001  1.00 13.43 ? 41  PHE A CA  1 
ATOM   267  C  C   . PHE A 1 35  ? -5.798  -4.342  -5.473  1.00 12.93 ? 41  PHE A C   1 
ATOM   268  O  O   . PHE A 1 35  ? -6.387  -4.570  -4.426  1.00 14.05 ? 41  PHE A O   1 
ATOM   269  C  CB  . PHE A 1 35  ? -5.334  -6.492  -6.583  1.00 14.66 ? 41  PHE A CB  1 
ATOM   270  C  CG  . PHE A 1 35  ? -6.359  -6.174  -7.649  1.00 17.38 ? 41  PHE A CG  1 
ATOM   271  C  CD1 . PHE A 1 35  ? -5.953  -5.837  -8.891  1.00 21.28 ? 41  PHE A CD1 1 
ATOM   272  C  CD2 . PHE A 1 35  ? -7.706  -6.153  -7.359  1.00 20.50 ? 41  PHE A CD2 1 
ATOM   273  C  CE1 . PHE A 1 35  ? -6.868  -5.515  -9.895  1.00 22.06 ? 41  PHE A CE1 1 
ATOM   274  C  CE2 . PHE A 1 35  ? -8.643  -5.826  -8.337  1.00 21.58 ? 41  PHE A CE2 1 
ATOM   275  C  CZ  . PHE A 1 35  ? -8.213  -5.501  -9.612  1.00 22.57 ? 41  PHE A CZ  1 
ATOM   276  N  N   . LEU A 1 36  ? -6.109  -3.311  -6.239  1.00 12.67 ? 42  LEU A N   1 
ATOM   277  C  CA  . LEU A 1 36  ? -7.134  -2.362  -5.929  1.00 14.05 ? 42  LEU A CA  1 
ATOM   278  C  C   . LEU A 1 36  ? -7.989  -2.039  -7.196  1.00 13.41 ? 42  LEU A C   1 
ATOM   279  O  O   . LEU A 1 36  ? -7.446  -1.931  -8.302  1.00 14.73 ? 42  LEU A O   1 
ATOM   280  C  CB  . LEU A 1 36  ? -6.526  -1.114  -5.310  1.00 15.84 ? 42  LEU A CB  1 
ATOM   281  C  CG  . LEU A 1 36  ? -7.585  -0.224  -4.670  1.00 18.27 ? 42  LEU A CG  1 
ATOM   282  C  CD1 . LEU A 1 36  ? -7.200  0.265   -3.267  1.00 20.31 ? 42  LEU A CD1 1 
ATOM   283  C  CD2 . LEU A 1 36  ? -8.012  0.893   -5.611  1.00 19.62 ? 42  LEU A CD2 1 
ATOM   284  N  N   . HIS A 1 37  ? -9.325  -1.962  -7.016  1.00 13.11 ? 43  HIS A N   1 
ATOM   285  C  CA  . HIS A 1 37  ? -10.234 -1.481  -8.073  1.00 14.50 ? 43  HIS A CA  1 
ATOM   286  C  C   . HIS A 1 37  ? -11.192 -0.525  -7.424  1.00 14.23 ? 43  HIS A C   1 
ATOM   287  O  O   . HIS A 1 37  ? -11.743 -0.816  -6.366  1.00 15.29 ? 43  HIS A O   1 
ATOM   288  C  CB  . HIS A 1 37  ? -10.986 -2.661  -8.658  1.00 15.01 ? 43  HIS A CB  1 
ATOM   289  C  CG  . HIS A 1 37  ? -11.551 -2.389  -10.050 1.00 17.58 ? 43  HIS A CG  1 
ATOM   290  N  ND1 . HIS A 1 37  ? -11.683 -3.374  -10.969 1.00 21.75 ? 43  HIS A ND1 1 
ATOM   291  C  CD2 . HIS A 1 37  ? -12.034 -1.230  -10.649 1.00 22.33 ? 43  HIS A CD2 1 
ATOM   292  C  CE1 . HIS A 1 37  ? -12.168 -2.851  -12.120 1.00 21.16 ? 43  HIS A CE1 1 
ATOM   293  N  NE2 . HIS A 1 37  ? -12.415 -1.565  -11.931 1.00 23.27 ? 43  HIS A NE2 1 
ATOM   294  N  N   . THR A 1 38  ? -11.392 0.638   -8.057  1.00 15.49 ? 44  THR A N   1 
ATOM   295  C  CA  . THR A 1 38  ? -12.198 1.665   -7.466  1.00 15.71 ? 44  THR A CA  1 
ATOM   296  C  C   . THR A 1 38  ? -12.785 2.594   -8.493  1.00 15.93 ? 44  THR A C   1 
ATOM   297  O  O   . THR A 1 38  ? -12.178 2.777   -9.557  1.00 17.90 ? 44  THR A O   1 
ATOM   298  C  CB  . THR A 1 38  ? -11.440 2.503   -6.420  1.00 15.18 ? 44  THR A CB  1 
ATOM   299  O  OG1 . THR A 1 38  ? -12.311 3.294   -5.626  1.00 16.95 ? 44  THR A OG1 1 
ATOM   300  C  CG2 . THR A 1 38  ? -10.341 3.353   -7.035  1.00 16.82 ? 44  THR A CG2 1 
ATOM   301  N  N   . ASN A 1 39  ? -13.914 3.202   -8.113  1.00 17.89 ? 45  ASN A N   1 
ATOM   302  C  CA  . ASN A 1 39  ? -14.385 4.435   -8.799  1.00 20.92 ? 45  ASN A CA  1 
ATOM   303  C  C   . ASN A 1 39  ? -14.341 5.673   -7.917  1.00 19.29 ? 45  ASN A C   1 
ATOM   304  O  O   . ASN A 1 39  ? -14.967 6.681   -8.224  1.00 20.25 ? 45  ASN A O   1 
ATOM   305  C  CB  . ASN A 1 39  ? -15.818 4.201   -9.329  1.00 21.78 ? 45  ASN A CB  1 
ATOM   306  C  CG  . ASN A 1 39  ? -16.808 3.899   -8.214  1.00 25.10 ? 45  ASN A CG  1 
ATOM   307  O  OD1 . ASN A 1 39  ? -16.505 4.003   -7.023  1.00 24.06 ? 45  ASN A OD1 1 
ATOM   308  N  ND2 . ASN A 1 39  ? -18.057 3.589   -8.595  1.00 30.60 ? 45  ASN A ND2 1 
ATOM   309  N  N   . SER A 1 40  ? -13.593 5.616   -6.834  1.00 18.48 ? 46  SER A N   1 
ATOM   310  C  CA  . SER A 1 40  ? -13.528 6.699   -5.895  1.00 17.15 ? 46  SER A CA  1 
ATOM   311  C  C   . SER A 1 40  ? -12.832 7.866   -6.519  1.00 17.90 ? 46  SER A C   1 
ATOM   312  O  O   . SER A 1 40  ? -11.730 7.722   -7.081  1.00 17.21 ? 46  SER A O   1 
ATOM   313  C  CB  . SER A 1 40  ? -12.762 6.291   -4.617  1.00 15.93 ? 46  SER A CB  1 
ATOM   314  O  OG  . SER A 1 40  ? -12.559 7.414   -3.771  1.00 17.86 ? 46  SER A OG  1 
HETATM 315  N  N   . MLY A 1 41  ? -13.424 9.059   -6.406  1.00 19.05 ? 47  MLY A N   1 
HETATM 316  C  CA  . MLY A 1 41  ? -12.726 10.292  -6.791  1.00 19.96 ? 47  MLY A CA  1 
HETATM 317  C  CB  . MLY A 1 41  ? -13.623 11.503  -6.755  1.00 24.97 ? 47  MLY A CB  1 
HETATM 318  C  CG  . MLY A 1 41  ? -14.167 11.877  -5.409  1.00 28.51 ? 47  MLY A CG  1 
HETATM 319  C  CD  . MLY A 1 41  ? -15.184 13.036  -5.634  1.00 36.01 ? 47  MLY A CD  1 
HETATM 320  C  CE  . MLY A 1 41  ? -16.499 12.498  -6.233  1.00 40.21 ? 47  MLY A CE  1 
HETATM 321  N  NZ  . MLY A 1 41  ? -17.572 13.516  -6.369  1.00 51.12 ? 47  MLY A NZ  1 
HETATM 322  C  CH1 . MLY A 1 41  ? -17.554 14.187  -7.692  1.00 50.98 ? 47  MLY A CH1 1 
HETATM 323  C  CH2 . MLY A 1 41  ? -18.876 12.864  -6.172  1.00 50.52 ? 47  MLY A CH2 1 
HETATM 324  C  C   . MLY A 1 41  ? -11.480 10.609  -5.999  1.00 19.23 ? 47  MLY A C   1 
HETATM 325  O  O   . MLY A 1 41  ? -10.691 11.451  -6.428  1.00 21.53 ? 47  MLY A O   1 
ATOM   326  N  N   . ALA A 1 42  ? -11.240 9.953   -4.863  1.00 18.67 ? 48  ALA A N   1 
ATOM   327  C  CA  . ALA A 1 42  ? -9.983  10.108  -4.147  1.00 18.67 ? 48  ALA A CA  1 
ATOM   328  C  C   . ALA A 1 42  ? -8.787  9.492   -4.805  1.00 17.23 ? 48  ALA A C   1 
ATOM   329  O  O   . ALA A 1 42  ? -7.642  9.895   -4.468  1.00 18.36 ? 48  ALA A O   1 
ATOM   330  C  CB  . ALA A 1 42  ? -10.096 9.514   -2.761  1.00 18.34 ? 48  ALA A CB  1 
ATOM   331  N  N   . PHE A 1 43  ? -9.017  8.538   -5.719  1.00 16.44 ? 49  PHE A N   1 
ATOM   332  C  CA  . PHE A 1 43  ? -7.961  7.800   -6.380  1.00 15.99 ? 49  PHE A CA  1 
ATOM   333  C  C   . PHE A 1 43  ? -7.681  8.293   -7.758  1.00 15.09 ? 49  PHE A C   1 
ATOM   334  O  O   . PHE A 1 43  ? -8.604  8.721   -8.473  1.00 17.01 ? 49  PHE A O   1 
ATOM   335  C  CB  . PHE A 1 43  ? -8.291  6.313   -6.427  1.00 15.02 ? 49  PHE A CB  1 
ATOM   336  C  CG  . PHE A 1 43  ? -8.095  5.626   -5.120  1.00 14.79 ? 49  PHE A CG  1 
ATOM   337  C  CD1 . PHE A 1 43  ? -6.906  4.953   -4.885  1.00 16.35 ? 49  PHE A CD1 1 
ATOM   338  C  CD2 . PHE A 1 43  ? -9.052  5.669   -4.118  1.00 16.27 ? 49  PHE A CD2 1 
ATOM   339  C  CE1 . PHE A 1 43  ? -6.686  4.350   -3.668  1.00 16.36 ? 49  PHE A CE1 1 
ATOM   340  C  CE2 . PHE A 1 43  ? -8.822  5.047   -2.891  1.00 17.73 ? 49  PHE A CE2 1 
ATOM   341  C  CZ  . PHE A 1 43  ? -7.637  4.424   -2.667  1.00 18.51 ? 49  PHE A CZ  1 
ATOM   342  N  N   . THR A 1 44  ? -6.430  8.182   -8.172  1.00 15.35 ? 50  THR A N   1 
ATOM   343  C  CA  . THR A 1 44  ? -6.040  8.535   -9.536  1.00 16.35 ? 50  THR A CA  1 
ATOM   344  C  C   . THR A 1 44  ? -6.267  7.409   -10.546 1.00 16.91 ? 50  THR A C   1 
ATOM   345  O  O   . THR A 1 44  ? -6.702  7.641   -11.688 1.00 18.89 ? 50  THR A O   1 
ATOM   346  C  CB  . THR A 1 44  ? -4.565  8.965   -9.532  1.00 18.04 ? 50  THR A CB  1 
ATOM   347  O  OG1 . THR A 1 44  ? -4.487  10.163  -8.761  1.00 21.93 ? 50  THR A OG1 1 
ATOM   348  C  CG2 . THR A 1 44  ? -4.008  9.216   -10.916 1.00 20.14 ? 50  THR A CG2 1 
ATOM   349  N  N   . ALA A 1 45  ? -5.961  6.178   -10.177 1.00 14.48 ? 51  ALA A N   1 
ATOM   350  C  CA  . ALA A 1 45  ? -6.025  5.044   -11.102 1.00 13.21 ? 51  ALA A CA  1 
ATOM   351  C  C   . ALA A 1 45  ? -7.202  4.142   -10.704 1.00 14.85 ? 51  ALA A C   1 
ATOM   352  O  O   . ALA A 1 45  ? -7.386  3.841   -9.538  1.00 13.95 ? 51  ALA A O   1 
ATOM   353  C  CB  . ALA A 1 45  ? -4.728  4.210   -11.094 1.00 13.70 ? 51  ALA A CB  1 
HETATM 354  N  N   . MLY A 1 46  ? -7.974  3.704   -11.683 1.00 15.41 ? 52  MLY A N   1 
HETATM 355  C  CA  . MLY A 1 46  ? -9.089  2.834   -11.413 1.00 15.75 ? 52  MLY A CA  1 
HETATM 356  C  CB  . MLY A 1 46  ? -9.780  2.729   -12.792 1.00 19.07 ? 52  MLY A CB  1 
HETATM 357  C  CG  . MLY A 1 46  ? -10.882 1.709   -12.900 1.00 23.10 ? 52  MLY A CG  1 
HETATM 358  C  CD  . MLY A 1 46  ? -11.670 1.925   -14.218 1.00 24.68 ? 52  MLY A CD  1 
HETATM 359  C  CE  . MLY A 1 46  ? -12.998 1.132   -14.272 1.00 29.60 ? 52  MLY A CE  1 
HETATM 360  N  NZ  . MLY A 1 46  ? -12.884 -0.361  -14.342 1.00 31.75 ? 52  MLY A NZ  1 
HETATM 361  C  CH1 . MLY A 1 46  ? -14.243 -0.958  -14.401 1.00 33.65 ? 52  MLY A CH1 1 
HETATM 362  C  CH2 . MLY A 1 46  ? -12.043 -0.838  -15.475 1.00 32.71 ? 52  MLY A CH2 1 
HETATM 363  C  C   . MLY A 1 46  ? -8.661  1.482   -10.878 1.00 15.41 ? 52  MLY A C   1 
HETATM 364  O  O   . MLY A 1 46  ? -9.377  0.906   -10.089 1.00 15.07 ? 52  MLY A O   1 
ATOM   365  N  N   . THR A 1 47  ? -7.579  0.947   -11.402 1.00 14.53 ? 53  THR A N   1 
ATOM   366  C  CA  . THR A 1 47  ? -7.022  -0.341  -10.927 1.00 14.68 ? 53  THR A CA  1 
ATOM   367  C  C   . THR A 1 47  ? -5.530  -0.165  -10.717 1.00 14.79 ? 53  THR A C   1 
ATOM   368  O  O   . THR A 1 47  ? -4.870  0.608   -11.392 1.00 16.34 ? 53  THR A O   1 
ATOM   369  C  CB  . THR A 1 47  ? -7.294  -1.487  -11.871 1.00 17.94 ? 53  THR A CB  1 
ATOM   370  O  OG1 . THR A 1 47  ? -6.488  -1.411  -13.040 1.00 20.44 ? 53  THR A OG1 1 
ATOM   371  C  CG2 . THR A 1 47  ? -8.737  -1.529  -12.197 1.00 17.79 ? 53  THR A CG2 1 
ATOM   372  N  N   . SER A 1 48  ? -5.010  -0.927  -9.775  1.00 12.81 ? 54  SER A N   1 
ATOM   373  C  CA  . SER A 1 48  ? -3.583  -0.936  -9.497  1.00 14.14 ? 54  SER A CA  1 
ATOM   374  C  C   . SER A 1 48  ? -3.168  -2.282  -8.935  1.00 13.08 ? 54  SER A C   1 
ATOM   375  O  O   . SER A 1 48  ? -3.958  -2.957  -8.270  1.00 13.66 ? 54  SER A O   1 
ATOM   376  C  CB  . SER A 1 48  ? -3.197  0.140   -8.517  1.00 12.59 ? 54  SER A CB  1 
ATOM   377  O  OG  . SER A 1 48  ? -3.932  0.163   -7.321  1.00 13.61 ? 54  SER A OG  1 
ATOM   378  N  N   . CYS A 1 49  ? -1.920  -2.624  -9.224  1.00 14.51 ? 55  CYS A N   1 
ATOM   379  C  CA  A CYS A 1 49  ? -1.329  -3.829  -8.706  0.50 14.16 ? 55  CYS A CA  1 
ATOM   380  C  CA  B CYS A 1 49  ? -1.309  -3.884  -8.761  0.50 14.55 ? 55  CYS A CA  1 
ATOM   381  C  C   . CYS A 1 49  ? 0.111   -3.529  -8.366  1.00 13.45 ? 55  CYS A C   1 
ATOM   382  O  O   . CYS A 1 49  ? 0.880   -3.134  -9.243  1.00 13.64 ? 55  CYS A O   1 
ATOM   383  C  CB  A CYS A 1 49  ? -1.399  -4.880  -9.770  0.50 16.16 ? 55  CYS A CB  1 
ATOM   384  C  CB  B CYS A 1 49  ? -1.257  -4.901  -9.917  0.50 17.15 ? 55  CYS A CB  1 
ATOM   385  S  SG  A CYS A 1 49  ? -0.958  -6.442  -9.048  0.50 20.91 ? 55  CYS A SG  1 
ATOM   386  S  SG  B CYS A 1 49  ? -2.727  -5.937  -10.187 0.50 23.95 ? 55  CYS A SG  1 
ATOM   387  N  N   . VAL A 1 50  ? 0.446   -3.676  -7.086  1.00 11.96 ? 56  VAL A N   1 
ATOM   388  C  CA  . VAL A 1 50  ? 1.791   -3.374  -6.591  1.00 12.17 ? 56  VAL A CA  1 
ATOM   389  C  C   . VAL A 1 50  ? 2.221   -4.489  -5.650  1.00 12.40 ? 56  VAL A C   1 
ATOM   390  O  O   . VAL A 1 50  ? 1.398   -5.320  -5.258  1.00 12.98 ? 56  VAL A O   1 
ATOM   391  C  CB  . VAL A 1 50  ? 1.851   -2.021  -5.849  1.00 11.68 ? 56  VAL A CB  1 
ATOM   392  C  CG1 . VAL A 1 50  ? 1.438   -0.858  -6.775  1.00 11.57 ? 56  VAL A CG1 1 
ATOM   393  C  CG2 . VAL A 1 50  ? 1.105   -2.001  -4.526  1.00 11.89 ? 56  VAL A CG2 1 
ATOM   394  N  N   . ARG A 1 51  ? 3.482   -4.470  -5.222  1.00 13.05 ? 57  ARG A N   1 
ATOM   395  C  CA  . ARG A 1 51  ? 3.961   -5.401  -4.210  1.00 13.95 ? 57  ARG A CA  1 
ATOM   396  C  C   . ARG A 1 51  ? 4.552   -4.587  -3.060  1.00 11.61 ? 57  ARG A C   1 
ATOM   397  O  O   . ARG A 1 51  ? 5.288   -3.627  -3.313  1.00 13.73 ? 57  ARG A O   1 
ATOM   398  C  CB  . ARG A 1 51  ? 5.047   -6.361  -4.762  1.00 16.52 ? 57  ARG A CB  1 
ATOM   399  C  CG  . ARG A 1 51  ? 4.490   -7.436  -5.663  1.00 20.71 ? 57  ARG A CG  1 
ATOM   400  C  CD  . ARG A 1 51  ? 5.326   -8.718  -5.774  1.00 23.11 ? 57  ARG A CD  1 
ATOM   401  N  NE  . ARG A 1 51  ? 4.396   -9.766  -6.148  1.00 28.60 ? 57  ARG A NE  1 
ATOM   402  C  CZ  . ARG A 1 51  ? 3.885   -10.687 -5.352  1.00 24.19 ? 57  ARG A CZ  1 
ATOM   403  N  NH1 . ARG A 1 51  ? 4.240   -10.866 -4.050  1.00 21.57 ? 57  ARG A NH1 1 
ATOM   404  N  NH2 . ARG A 1 51  ? 3.046   -11.519 -5.903  1.00 30.90 ? 57  ARG A NH2 1 
ATOM   405  N  N   . ARG A 1 52  ? 4.278   -4.983  -1.832  1.00 12.10 ? 58  ARG A N   1 
ATOM   406  C  CA  . ARG A 1 52  ? 4.789   -4.315  -0.640  1.00 12.43 ? 58  ARG A CA  1 
ATOM   407  C  C   . ARG A 1 52  ? 5.129   -5.373  0.424   1.00 13.72 ? 58  ARG A C   1 
ATOM   408  O  O   . ARG A 1 52  ? 4.438   -6.380  0.553   1.00 14.60 ? 58  ARG A O   1 
ATOM   409  C  CB  . ARG A 1 52  ? 3.811   -3.304  -0.045  1.00 12.63 ? 58  ARG A CB  1 
ATOM   410  C  CG  . ARG A 1 52  ? 3.471   -2.164  -0.988  1.00 11.12 ? 58  ARG A CG  1 
ATOM   411  C  CD  . ARG A 1 52  ? 4.648   -1.212  -1.068  1.00 11.60 ? 58  ARG A CD  1 
ATOM   412  N  NE  . ARG A 1 52  ? 4.390   -0.088  -1.985  1.00 11.77 ? 58  ARG A NE  1 
ATOM   413  C  CZ  . ARG A 1 52  ? 5.317   0.769   -2.395  1.00 12.03 ? 58  ARG A CZ  1 
ATOM   414  N  NH1 . ARG A 1 52  ? 6.586   0.623   -2.005  1.00 11.69 ? 58  ARG A NH1 1 
ATOM   415  N  NH2 . ARG A 1 52  ? 4.948   1.766   -3.213  1.00 11.98 ? 58  ARG A NH2 1 
ATOM   416  N  N   . ARG A 1 53  ? 6.162   -5.090  1.200   1.00 14.01 ? 59  ARG A N   1 
ATOM   417  C  CA  A ARG A 1 53  ? 6.569   -5.991  2.266   0.50 14.40 ? 59  ARG A CA  1 
ATOM   418  C  CA  B ARG A 1 53  ? 6.648   -5.955  2.298   0.50 15.14 ? 59  ARG A CA  1 
ATOM   419  C  C   . ARG A 1 53  ? 6.053   -5.473  3.609   1.00 14.27 ? 59  ARG A C   1 
ATOM   420  O  O   . ARG A 1 53  ? 5.653   -4.304  3.740   1.00 12.87 ? 59  ARG A O   1 
ATOM   421  C  CB  A ARG A 1 53  ? 8.095   -6.166  2.269   0.50 15.00 ? 59  ARG A CB  1 
ATOM   422  C  CB  B ARG A 1 53  ? 8.184   -5.885  2.502   0.50 16.88 ? 59  ARG A CB  1 
ATOM   423  C  CG  A ARG A 1 53  ? 8.897   -4.902  2.545   0.50 15.28 ? 59  ARG A CG  1 
ATOM   424  C  CG  B ARG A 1 53  ? 9.076   -5.860  1.276   0.50 18.19 ? 59  ARG A CG  1 
ATOM   425  C  CD  A ARG A 1 53  ? 10.378  -5.084  2.200   0.50 16.97 ? 59  ARG A CD  1 
ATOM   426  C  CD  B ARG A 1 53  ? 10.459  -5.221  1.576   0.50 21.23 ? 59  ARG A CD  1 
ATOM   427  N  NE  A ARG A 1 53  ? 11.025  -5.903  3.209   0.50 16.19 ? 59  ARG A NE  1 
ATOM   428  N  NE  B ARG A 1 53  ? 10.769  -4.151  0.641   0.50 25.34 ? 59  ARG A NE  1 
ATOM   429  C  CZ  A ARG A 1 53  ? 12.342  -6.072  3.269   0.50 17.95 ? 59  ARG A CZ  1 
ATOM   430  C  CZ  B ARG A 1 53  ? 11.909  -4.049  -0.039  0.50 27.50 ? 59  ARG A CZ  1 
ATOM   431  N  NH1 A ARG A 1 53  ? 13.111  -5.531  2.338   0.50 18.23 ? 59  ARG A NH1 1 
ATOM   432  N  NH1 B ARG A 1 53  ? 12.903  -4.912  0.180   0.50 27.71 ? 59  ARG A NH1 1 
ATOM   433  N  NH2 A ARG A 1 53  ? 12.877  -6.803  4.233   0.50 17.40 ? 59  ARG A NH2 1 
ATOM   434  N  NH2 B ARG A 1 53  ? 12.066  -3.056  -0.883  0.50 27.90 ? 59  ARG A NH2 1 
ATOM   435  N  N   . TYR A 1 54  ? 6.088   -6.315  4.624   1.00 14.43 ? 60  TYR A N   1 
ATOM   436  C  CA  . TYR A 1 54  ? 5.514   -5.907  5.908   1.00 14.19 ? 60  TYR A CA  1 
ATOM   437  C  C   . TYR A 1 54  ? 6.106   -4.605  6.490   1.00 13.44 ? 60  TYR A C   1 
ATOM   438  O  O   . TYR A 1 54  ? 5.349   -3.779  7.042   1.00 13.32 ? 60  TYR A O   1 
ATOM   439  C  CB  . TYR A 1 54  ? 5.681   -7.048  6.936   1.00 15.57 ? 60  TYR A CB  1 
ATOM   440  C  CG  . TYR A 1 54  ? 5.081   -6.749  8.240   1.00 16.11 ? 60  TYR A CG  1 
ATOM   441  C  CD1 . TYR A 1 54  ? 3.732   -6.844  8.433   1.00 17.57 ? 60  TYR A CD1 1 
ATOM   442  C  CD2 . TYR A 1 54  ? 5.904   -6.426  9.339   1.00 20.02 ? 60  TYR A CD2 1 
ATOM   443  C  CE1 . TYR A 1 54  ? 3.170   -6.559  9.628   1.00 19.12 ? 60  TYR A CE1 1 
ATOM   444  C  CE2 . TYR A 1 54  ? 5.344   -6.128  10.553  1.00 19.31 ? 60  TYR A CE2 1 
ATOM   445  C  CZ  . TYR A 1 54  ? 3.970   -6.226  10.681  1.00 20.22 ? 60  TYR A CZ  1 
ATOM   446  O  OH  . TYR A 1 54  ? 3.403   -5.909  11.900  1.00 25.07 ? 60  TYR A OH  1 
ATOM   447  N  N   . ARG A 1 55  ? 7.431   -4.442  6.409   1.00 14.62 ? 61  ARG A N   1 
ATOM   448  C  CA  . ARG A 1 55  ? 8.038   -3.272  7.010   1.00 17.55 ? 61  ARG A CA  1 
ATOM   449  C  C   . ARG A 1 55  ? 7.544   -1.970  6.342   1.00 14.35 ? 61  ARG A C   1 
ATOM   450  O  O   . ARG A 1 55  ? 7.505   -0.925  6.980   1.00 14.29 ? 61  ARG A O   1 
ATOM   451  C  CB  . ARG A 1 55  ? 9.524   -3.336  6.952   1.00 20.45 ? 61  ARG A CB  1 
ATOM   452  C  CG  . ARG A 1 55  ? 10.174  -3.264  5.605   1.00 25.66 ? 61  ARG A CG  1 
ATOM   453  C  CD  . ARG A 1 55  ? 11.670  -3.053  5.882   1.00 32.41 ? 61  ARG A CD  1 
ATOM   454  N  NE  . ARG A 1 55  ? 12.408  -2.722  4.671   1.00 38.97 ? 61  ARG A NE  1 
ATOM   455  C  CZ  . ARG A 1 55  ? 13.716  -2.915  4.507   1.00 40.38 ? 61  ARG A CZ  1 
ATOM   456  N  NH1 . ARG A 1 55  ? 14.464  -3.436  5.479   1.00 43.50 ? 61  ARG A NH1 1 
ATOM   457  N  NH2 . ARG A 1 55  ? 14.278  -2.582  3.351   1.00 45.89 ? 61  ARG A NH2 1 
ATOM   458  N  N   . GLU A 1 56  ? 7.088   -2.075  5.098   1.00 12.55 ? 62  GLU A N   1 
ATOM   459  C  CA  . GLU A 1 56  ? 6.522   -0.945  4.402   1.00 12.23 ? 62  GLU A CA  1 
ATOM   460  C  C   . GLU A 1 56  ? 5.135   -0.603  4.986   1.00 12.18 ? 62  GLU A C   1 
ATOM   461  O  O   . GLU A 1 56  ? 4.772   0.575   5.052   1.00 11.30 ? 62  GLU A O   1 
ATOM   462  C  CB  . GLU A 1 56  ? 6.463   -1.169  2.865   1.00 12.32 ? 62  GLU A CB  1 
ATOM   463  C  CG  . GLU A 1 56  ? 7.857   -1.215  2.196   1.00 13.02 ? 62  GLU A CG  1 
ATOM   464  C  CD  . GLU A 1 56  ? 7.810   -1.562  0.737   1.00 14.44 ? 62  GLU A CD  1 
ATOM   465  O  OE1 . GLU A 1 56  ? 7.349   -2.657  0.413   1.00 14.57 ? 62  GLU A OE1 1 
ATOM   466  O  OE2 . GLU A 1 56  ? 8.190   -0.746  -0.123  1.00 17.14 ? 62  GLU A OE2 1 
ATOM   467  N  N   . PHE A 1 57  ? 4.354   -1.620  5.365   1.00 12.18 ? 63  PHE A N   1 
ATOM   468  C  CA  . PHE A 1 57  ? 3.062   -1.381  6.004   1.00 12.20 ? 63  PHE A CA  1 
ATOM   469  C  C   . PHE A 1 57  ? 3.283   -0.708  7.339   1.00 12.77 ? 63  PHE A C   1 
ATOM   470  O  O   . PHE A 1 57  ? 2.486   0.110   7.767   1.00 13.13 ? 63  PHE A O   1 
ATOM   471  C  CB  . PHE A 1 57  ? 2.243   -2.650  6.232   1.00 12.62 ? 63  PHE A CB  1 
ATOM   472  C  CG  . PHE A 1 57  ? 1.556   -3.215  5.013   1.00 12.07 ? 63  PHE A CG  1 
ATOM   473  C  CD1 . PHE A 1 57  ? 0.201   -2.940  4.802   1.00 12.56 ? 63  PHE A CD1 1 
ATOM   474  C  CD2 . PHE A 1 57  ? 2.230   -4.001  4.116   1.00 12.92 ? 63  PHE A CD2 1 
ATOM   475  C  CE1 . PHE A 1 57  ? -0.456  -3.501  3.743   1.00 13.08 ? 63  PHE A CE1 1 
ATOM   476  C  CE2 . PHE A 1 57  ? 1.594   -4.563  3.048   1.00 13.31 ? 63  PHE A CE2 1 
ATOM   477  C  CZ  . PHE A 1 57  ? 0.241   -4.303  2.855   1.00 11.95 ? 63  PHE A CZ  1 
ATOM   478  N  N   . VAL A 1 58  ? 4.354   -1.141  8.048   1.00 14.50 ? 64  VAL A N   1 
ATOM   479  C  CA  . VAL A 1 58  ? 4.679   -0.550  9.340   1.00 14.07 ? 64  VAL A CA  1 
ATOM   480  C  C   . VAL A 1 58  ? 4.981   0.931   9.203   1.00 14.29 ? 64  VAL A C   1 
ATOM   481  O  O   . VAL A 1 58  ? 4.451   1.773   9.963   1.00 13.29 ? 64  VAL A O   1 
ATOM   482  C  CB  . VAL A 1 58  ? 5.836   -1.262  10.053  1.00 14.35 ? 64  VAL A CB  1 
ATOM   483  C  CG1 . VAL A 1 58  ? 6.228   -0.461  11.303  1.00 15.64 ? 64  VAL A CG1 1 
ATOM   484  C  CG2 . VAL A 1 58  ? 5.422   -2.699  10.413  1.00 15.10 ? 64  VAL A CG2 1 
ATOM   485  N  N   . TRP A 1 59  ? 5.765   1.265   8.181   1.00 12.55 ? 65  TRP A N   1 
ATOM   486  C  CA  . TRP A 1 59  ? 6.058   2.631   7.840   1.00 12.89 ? 65  TRP A CA  1 
ATOM   487  C  C   . TRP A 1 59  ? 4.757   3.381   7.535   1.00 13.36 ? 65  TRP A C   1 
ATOM   488  O  O   . TRP A 1 59  ? 4.524   4.487   8.048   1.00 12.90 ? 65  TRP A O   1 
ATOM   489  C  CB  . TRP A 1 59  ? 7.033   2.687   6.663   1.00 13.42 ? 65  TRP A CB  1 
ATOM   490  C  CG  . TRP A 1 59  ? 7.082   4.040   6.054   1.00 13.96 ? 65  TRP A CG  1 
ATOM   491  C  CD1 . TRP A 1 59  ? 7.894   5.103   6.383   1.00 15.48 ? 65  TRP A CD1 1 
ATOM   492  C  CD2 . TRP A 1 59  ? 6.276   4.508   4.946   1.00 13.92 ? 65  TRP A CD2 1 
ATOM   493  N  NE1 . TRP A 1 59  ? 7.634   6.183   5.580   1.00 15.88 ? 65  TRP A NE1 1 
ATOM   494  C  CE2 . TRP A 1 59  ? 6.688   5.885   4.688   1.00 14.75 ? 65  TRP A CE2 1 
ATOM   495  C  CE3 . TRP A 1 59  ? 5.335   3.917   4.113   1.00 14.96 ? 65  TRP A CE3 1 
ATOM   496  C  CZ2 . TRP A 1 59  ? 6.125   6.629   3.677   1.00 14.81 ? 65  TRP A CZ2 1 
ATOM   497  C  CZ3 . TRP A 1 59  ? 4.780   4.687   3.091   1.00 16.25 ? 65  TRP A CZ3 1 
ATOM   498  C  CH2 . TRP A 1 59  ? 5.162   6.021   2.892   1.00 15.99 ? 65  TRP A CH2 1 
ATOM   499  N  N   . LEU A 1 60  ? 3.901   2.783   6.725   1.00 13.26 ? 66  LEU A N   1 
ATOM   500  C  CA  . LEU A 1 60  ? 2.666   3.417   6.277   1.00 11.79 ? 66  LEU A CA  1 
ATOM   501  C  C   . LEU A 1 60  ? 1.777   3.763   7.472   1.00 12.22 ? 66  LEU A C   1 
ATOM   502  O  O   . LEU A 1 60  ? 1.252   4.878   7.535   1.00 13.04 ? 66  LEU A O   1 
ATOM   503  C  CB  . LEU A 1 60  ? 1.908   2.520   5.326   1.00 12.54 ? 66  LEU A CB  1 
ATOM   504  C  CG  . LEU A 1 60  ? 0.542   3.085   4.876   1.00 12.66 ? 66  LEU A CG  1 
ATOM   505  C  CD1 . LEU A 1 60  ? 0.678   4.395   4.104   1.00 13.77 ? 66  LEU A CD1 1 
ATOM   506  C  CD2 . LEU A 1 60  ? -0.165  1.959   4.122   1.00 12.91 ? 66  LEU A CD2 1 
ATOM   507  N  N   . ARG A 1 61  ? 1.602   2.828   8.394   1.00 12.88 ? 67  ARG A N   1 
ATOM   508  C  CA  . ARG A 1 61  ? 0.744   3.099   9.531   1.00 14.46 ? 67  ARG A CA  1 
ATOM   509  C  C   . ARG A 1 61  ? 1.267   4.315   10.325  1.00 14.55 ? 67  ARG A C   1 
ATOM   510  O  O   . ARG A 1 61  ? 0.487   5.176   10.748  1.00 13.91 ? 67  ARG A O   1 
ATOM   511  C  CB  . ARG A 1 61  ? 0.550   1.883   10.413  1.00 15.16 ? 67  ARG A CB  1 
ATOM   512  C  CG  . ARG A 1 61  ? -0.322  2.251   11.659  1.00 18.09 ? 67  ARG A CG  1 
ATOM   513  C  CD  . ARG A 1 61  ? -0.629  1.118   12.545  1.00 22.30 ? 67  ARG A CD  1 
ATOM   514  N  NE  . ARG A 1 61  ? -1.727  1.492   13.438  1.00 21.42 ? 67  ARG A NE  1 
ATOM   515  C  CZ  . ARG A 1 61  ? -1.610  2.185   14.571  1.00 25.12 ? 67  ARG A CZ  1 
ATOM   516  N  NH1 . ARG A 1 61  ? -0.421  2.662   15.010  1.00 26.37 ? 67  ARG A NH1 1 
ATOM   517  N  NH2 . ARG A 1 61  ? -2.701  2.417   15.278  1.00 24.49 ? 67  ARG A NH2 1 
HETATM 518  N  N   . MLY A 1 62  ? 2.573   4.362   10.559  1.00 14.44 ? 68  MLY A N   1 
HETATM 519  C  CA  . MLY A 1 62  ? 3.185   5.455   11.306  1.00 16.03 ? 68  MLY A CA  1 
HETATM 520  C  CB  . MLY A 1 62  ? 4.671   5.117   11.491  1.00 19.56 ? 68  MLY A CB  1 
HETATM 521  C  CG  . MLY A 1 62  ? 5.336   6.112   12.411  1.00 22.18 ? 68  MLY A CG  1 
HETATM 522  C  CD  . MLY A 1 62  ? 6.701   5.571   12.930  1.00 26.33 ? 68  MLY A CD  1 
HETATM 523  C  CE  . MLY A 1 62  ? 7.263   6.489   14.030  1.00 31.42 ? 68  MLY A CE  1 
HETATM 524  N  NZ  . MLY A 1 62  ? 8.726   6.230   14.194  1.00 36.22 ? 68  MLY A NZ  1 
HETATM 525  C  CH1 . MLY A 1 62  ? 9.487   7.440   13.808  1.00 39.11 ? 68  MLY A CH1 1 
HETATM 526  C  CH2 . MLY A 1 62  ? 9.063   5.842   15.579  1.00 37.48 ? 68  MLY A CH2 1 
HETATM 527  C  C   . MLY A 1 62  ? 2.957   6.773   10.624  1.00 14.52 ? 68  MLY A C   1 
HETATM 528  O  O   . MLY A 1 62  ? 2.645   7.768   11.234  1.00 15.12 ? 68  MLY A O   1 
ATOM   529  N  N   . GLN A 1 63  ? 3.109   6.796   9.306   1.00 12.89 ? 69  GLN A N   1 
ATOM   530  C  CA  . GLN A 1 63  ? 2.887   7.990   8.513   1.00 14.15 ? 69  GLN A CA  1 
ATOM   531  C  C   . GLN A 1 63  ? 1.431   8.407   8.517   1.00 13.16 ? 69  GLN A C   1 
ATOM   532  O  O   . GLN A 1 63  ? 1.145   9.613   8.591   1.00 14.34 ? 69  GLN A O   1 
ATOM   533  C  CB  . GLN A 1 63  ? 3.383   7.796   7.068   1.00 15.53 ? 69  GLN A CB  1 
ATOM   534  C  CG  . GLN A 1 63  ? 4.907   7.710   6.928   1.00 16.47 ? 69  GLN A CG  1 
ATOM   535  C  CD  . GLN A 1 63  ? 5.559   8.916   7.581   1.00 18.61 ? 69  GLN A CD  1 
ATOM   536  O  OE1 . GLN A 1 63  ? 5.295   10.066  7.177   1.00 23.43 ? 69  GLN A OE1 1 
ATOM   537  N  NE2 . GLN A 1 63  ? 6.360   8.689   8.613   1.00 22.23 ? 69  GLN A NE2 1 
ATOM   538  N  N   . LEU A 1 64  ? 0.522   7.473   8.405   1.00 13.86 ? 70  LEU A N   1 
ATOM   539  C  CA  . LEU A 1 64  ? -0.890  7.840   8.440   1.00 14.74 ? 70  LEU A CA  1 
ATOM   540  C  C   . LEU A 1 64  ? -1.207  8.520   9.779   1.00 14.47 ? 70  LEU A C   1 
ATOM   541  O  O   . LEU A 1 64  ? -1.890  9.542   9.810   1.00 16.13 ? 70  LEU A O   1 
ATOM   542  C  CB  . LEU A 1 64  ? -1.784  6.658   8.267   1.00 15.27 ? 70  LEU A CB  1 
ATOM   543  C  CG  . LEU A 1 64  ? -1.744  6.038   6.844   1.00 15.70 ? 70  LEU A CG  1 
ATOM   544  C  CD1 . LEU A 1 64  ? -2.596  4.779   6.776   1.00 17.49 ? 70  LEU A CD1 1 
ATOM   545  C  CD2 . LEU A 1 64  ? -2.264  7.055   5.833   1.00 18.46 ? 70  LEU A CD2 1 
ATOM   546  N  N   . GLN A 1 65  ? -0.707  7.941   10.859  1.00 14.65 ? 71  GLN A N   1 
ATOM   547  C  CA  . GLN A 1 65  ? -0.942  8.487   12.208  1.00 17.30 ? 71  GLN A CA  1 
ATOM   548  C  C   . GLN A 1 65  ? -0.400  9.875   12.365  1.00 16.90 ? 71  GLN A C   1 
ATOM   549  O  O   . GLN A 1 65  ? -0.966  10.691  13.076  1.00 17.72 ? 71  GLN A O   1 
ATOM   550  C  CB  . GLN A 1 65  ? -0.215  7.673   13.248  1.00 21.58 ? 71  GLN A CB  1 
ATOM   551  C  CG  . GLN A 1 65  ? -0.871  6.420   13.675  1.00 26.42 ? 71  GLN A CG  1 
ATOM   552  C  CD  . GLN A 1 65  ? -0.417  6.008   15.084  1.00 32.69 ? 71  GLN A CD  1 
ATOM   553  O  OE1 . GLN A 1 65  ? 0.786   6.054   15.427  1.00 34.82 ? 71  GLN A OE1 1 
ATOM   554  N  NE2 . GLN A 1 65  ? -1.389  5.675   15.929  1.00 28.71 ? 71  GLN A NE2 1 
ATOM   555  N  N   . ARG A 1 66  ? 0.716   10.176  11.697  1.00 16.08 ? 72  ARG A N   1 
ATOM   556  C  CA  . ARG A 1 66  ? 1.292   11.501  11.755  1.00 20.64 ? 72  ARG A CA  1 
ATOM   557  C  C   . ARG A 1 66  ? 0.314   12.572  11.331  1.00 19.88 ? 72  ARG A C   1 
ATOM   558  O  O   . ARG A 1 66  ? 0.282   13.635  11.967  1.00 20.04 ? 72  ARG A O   1 
ATOM   559  C  CB  . ARG A 1 66  ? 2.598   11.613  10.908  1.00 23.06 ? 72  ARG A CB  1 
ATOM   560  C  CG  . ARG A 1 66  ? 3.790   10.935  11.547  1.00 28.63 ? 72  ARG A CG  1 
ATOM   561  C  CD  . ARG A 1 66  ? 5.054   11.091  10.707  1.00 33.88 ? 72  ARG A CD  1 
ATOM   562  N  NE  . ARG A 1 66  ? 5.379   12.509  10.523  1.00 42.41 ? 72  ARG A NE  1 
ATOM   563  C  CZ  . ARG A 1 66  ? 6.137   13.239  11.344  1.00 44.26 ? 72  ARG A CZ  1 
ATOM   564  N  NH1 . ARG A 1 66  ? 6.682   12.696  12.430  1.00 47.94 ? 72  ARG A NH1 1 
ATOM   565  N  NH2 . ARG A 1 66  ? 6.338   14.535  11.081  1.00 48.47 ? 72  ARG A NH2 1 
ATOM   566  N  N   . ASN A 1 67  ? -0.525  12.286  10.323  1.00 18.97 ? 73  ASN A N   1 
ATOM   567  C  CA  . ASN A 1 67  ? -1.348  13.294  9.637   1.00 19.61 ? 73  ASN A CA  1 
ATOM   568  C  C   . ASN A 1 67  ? -2.829  13.150  9.932   1.00 19.99 ? 73  ASN A C   1 
ATOM   569  O  O   . ASN A 1 67  ? -3.595  14.020  9.544   1.00 24.92 ? 73  ASN A O   1 
ATOM   570  C  CB  . ASN A 1 67  ? -1.175  13.197  8.110   1.00 22.73 ? 73  ASN A CB  1 
ATOM   571  C  CG  . ASN A 1 67  ? 0.195   13.609  7.620   1.00 28.26 ? 73  ASN A CG  1 
ATOM   572  O  OD1 . ASN A 1 67  ? 0.675   13.086  6.605   1.00 37.03 ? 73  ASN A OD1 1 
ATOM   573  N  ND2 . ASN A 1 67  ? 0.832   14.520  8.316   1.00 27.63 ? 73  ASN A ND2 1 
ATOM   574  N  N   . ALA A 1 68  ? -3.212  12.120  10.664  1.00 18.21 ? 74  ALA A N   1 
ATOM   575  C  CA  . ALA A 1 68  ? -4.616  11.724  10.776  1.00 19.19 ? 74  ALA A CA  1 
ATOM   576  C  C   . ALA A 1 68  ? -5.386  12.529  11.828  1.00 20.60 ? 74  ALA A C   1 
ATOM   577  O  O   . ALA A 1 68  ? -6.603  12.411  11.892  1.00 20.07 ? 74  ALA A O   1 
ATOM   578  C  CB  . ALA A 1 68  ? -4.741  10.251  11.056  1.00 21.45 ? 74  ALA A CB  1 
ATOM   579  N  N   . GLY A 1 69  ? -4.690  13.306  12.635  1.00 20.33 ? 75  GLY A N   1 
ATOM   580  C  CA  . GLY A 1 69  ? -5.385  14.003  13.778  1.00 21.08 ? 75  GLY A CA  1 
ATOM   581  C  C   . GLY A 1 69  ? -6.001  12.993  14.747  1.00 21.41 ? 75  GLY A C   1 
ATOM   582  O  O   . GLY A 1 69  ? -5.396  11.967  15.098  1.00 20.74 ? 75  GLY A O   1 
ATOM   583  N  N   . LEU A 1 70  ? -7.279  13.220  15.085  1.00 21.02 ? 76  LEU A N   1 
ATOM   584  C  CA  . LEU A 1 70  ? -8.032  12.323  15.932  1.00 21.03 ? 76  LEU A CA  1 
ATOM   585  C  C   . LEU A 1 70  ? -8.723  11.150  15.195  1.00 20.74 ? 76  LEU A C   1 
ATOM   586  O  O   . LEU A 1 70  ? -9.387  10.353  15.808  1.00 21.54 ? 76  LEU A O   1 
ATOM   587  C  CB  . LEU A 1 70  ? -9.084  13.135  16.715  1.00 21.97 ? 76  LEU A CB  1 
ATOM   588  C  CG  . LEU A 1 70  ? -8.750  13.562  18.154  1.00 28.28 ? 76  LEU A CG  1 
ATOM   589  C  CD1 . LEU A 1 70  ? -7.297  13.826  18.394  1.00 31.43 ? 76  LEU A CD1 1 
ATOM   590  C  CD2 . LEU A 1 70  ? -9.641  14.754  18.549  1.00 28.59 ? 76  LEU A CD2 1 
ATOM   591  N  N   . VAL A 1 71  ? -8.520  10.961  13.899  1.00 19.90 ? 77  VAL A N   1 
ATOM   592  C  CA  . VAL A 1 71  ? -9.095  9.795   13.235  1.00 20.80 ? 77  VAL A CA  1 
ATOM   593  C  C   . VAL A 1 71  ? -8.214  8.635   13.633  1.00 22.59 ? 77  VAL A C   1 
ATOM   594  O  O   . VAL A 1 71  ? -7.047  8.652   13.309  1.00 21.36 ? 77  VAL A O   1 
ATOM   595  C  CB  . VAL A 1 71  ? -9.102  9.959   11.693  1.00 20.94 ? 77  VAL A CB  1 
ATOM   596  C  CG1 . VAL A 1 71  ? -9.555  8.650   11.009  1.00 22.52 ? 77  VAL A CG1 1 
ATOM   597  C  CG2 . VAL A 1 71  ? -9.961  11.149  11.317  1.00 21.14 ? 77  VAL A CG2 1 
ATOM   598  N  N   . PRO A 1 72  ? -8.768  7.601   14.290  1.00 21.67 ? 78  PRO A N   1 
ATOM   599  C  CA  . PRO A 1 72  ? -7.909  6.489   14.687  1.00 21.44 ? 78  PRO A CA  1 
ATOM   600  C  C   . PRO A 1 72  ? -7.395  5.699   13.486  1.00 20.33 ? 78  PRO A C   1 
ATOM   601  O  O   . PRO A 1 72  ? -8.113  5.504   12.501  1.00 23.03 ? 78  PRO A O   1 
ATOM   602  C  CB  . PRO A 1 72  ? -8.812  5.610   15.522  1.00 23.85 ? 78  PRO A CB  1 
ATOM   603  C  CG  . PRO A 1 72  ? -9.913  6.513   15.971  1.00 22.87 ? 78  PRO A CG  1 
ATOM   604  C  CD  . PRO A 1 72  ? -10.142 7.405   14.790  1.00 23.05 ? 78  PRO A CD  1 
ATOM   605  N  N   . VAL A 1 73  ? -6.148  5.319   13.556  1.00 18.52 ? 79  VAL A N   1 
ATOM   606  C  CA  . VAL A 1 73  ? -5.608  4.491   12.489  1.00 17.68 ? 79  VAL A CA  1 
ATOM   607  C  C   . VAL A 1 73  ? -5.694  2.989   12.832  1.00 17.26 ? 79  VAL A C   1 
ATOM   608  O  O   . VAL A 1 73  ? -5.291  2.552   13.907  1.00 18.74 ? 79  VAL A O   1 
ATOM   609  C  CB  . VAL A 1 73  ? -4.183  4.940   12.165  1.00 15.91 ? 79  VAL A CB  1 
ATOM   610  C  CG1 . VAL A 1 73  ? -3.647  4.040   11.050  1.00 15.59 ? 79  VAL A CG1 1 
ATOM   611  C  CG2 . VAL A 1 73  ? -4.181  6.387   11.706  1.00 16.99 ? 79  VAL A CG2 1 
ATOM   612  N  N   . PRO A 1 74  ? -6.227  2.156   11.907  1.00 18.49 ? 80  PRO A N   1 
ATOM   613  C  CA  . PRO A 1 74  ? -6.273  0.708   12.184  1.00 19.48 ? 80  PRO A CA  1 
ATOM   614  C  C   . PRO A 1 74  ? -4.918  0.141   12.507  1.00 21.78 ? 80  PRO A C   1 
ATOM   615  O  O   . PRO A 1 74  ? -3.875  0.636   12.029  1.00 21.50 ? 80  PRO A O   1 
ATOM   616  C  CB  . PRO A 1 74  ? -6.795  0.091   10.890  1.00 20.55 ? 80  PRO A CB  1 
ATOM   617  C  CG  . PRO A 1 74  ? -7.466  1.168   10.201  1.00 20.08 ? 80  PRO A CG  1 
ATOM   618  C  CD  . PRO A 1 74  ? -6.846  2.466   10.621  1.00 19.10 ? 80  PRO A CD  1 
ATOM   619  N  N   . GLU A 1 75  ? -4.947  -0.876  13.361  1.00 24.36 ? 81  GLU A N   1 
ATOM   620  C  CA  . GLU A 1 75  ? -3.741  -1.530  13.814  1.00 25.90 ? 81  GLU A CA  1 
ATOM   621  C  C   . GLU A 1 75  ? -3.355  -2.583  12.804  1.00 23.17 ? 81  GLU A C   1 
ATOM   622  O  O   . GLU A 1 75  ? -4.215  -3.135  12.101  1.00 24.99 ? 81  GLU A O   1 
ATOM   623  C  CB  . GLU A 1 75  ? -3.979  -2.189  15.180  1.00 32.92 ? 81  GLU A CB  1 
ATOM   624  C  CG  . GLU A 1 75  ? -4.354  -1.201  16.276  1.00 37.83 ? 81  GLU A CG  1 
ATOM   625  C  CD  . GLU A 1 75  ? -3.193  -0.787  17.163  1.00 44.35 ? 81  GLU A CD  1 
ATOM   626  O  OE1 . GLU A 1 75  ? -2.022  -1.036  16.800  1.00 50.36 ? 81  GLU A OE1 1 
ATOM   627  O  OE2 . GLU A 1 75  ? -3.463  -0.209  18.248  1.00 51.84 ? 81  GLU A OE2 1 
ATOM   628  N  N   . LEU A 1 76  ? -2.050  -2.888  12.736  1.00 21.66 ? 82  LEU A N   1 
ATOM   629  C  CA  . LEU A 1 76  ? -1.547  -3.985  11.917  1.00 22.26 ? 82  LEU A CA  1 
ATOM   630  C  C   . LEU A 1 76  ? -1.536  -5.336  12.640  1.00 24.05 ? 82  LEU A C   1 
ATOM   631  O  O   . LEU A 1 76  ? -1.531  -5.345  13.843  1.00 26.12 ? 82  LEU A O   1 
ATOM   632  C  CB  . LEU A 1 76  ? -0.113  -3.752  11.457  1.00 21.23 ? 82  LEU A CB  1 
ATOM   633  C  CG  . LEU A 1 76  ? 0.035   -2.696  10.368  1.00 20.39 ? 82  LEU A CG  1 
ATOM   634  C  CD1 . LEU A 1 76  ? 1.429   -2.087  10.386  1.00 21.32 ? 82  LEU A CD1 1 
ATOM   635  C  CD2 . LEU A 1 76  ? -0.305  -3.201  8.963   1.00 20.45 ? 82  LEU A CD2 1 
ATOM   636  N  N   . PRO A 1 77  ? -1.494  -6.455  11.873  1.00 25.42 ? 83  PRO A N   1 
ATOM   637  C  CA  . PRO A 1 77  ? -1.184  -7.719  12.566  1.00 27.22 ? 83  PRO A CA  1 
ATOM   638  C  C   . PRO A 1 77  ? 0.276   -7.713  13.096  1.00 32.86 ? 83  PRO A C   1 
ATOM   639  O  O   . PRO A 1 77  ? 1.175   -7.140  12.460  1.00 34.98 ? 83  PRO A O   1 
ATOM   640  C  CB  . PRO A 1 77  ? -1.354  -8.771  11.459  1.00 27.00 ? 83  PRO A CB  1 
ATOM   641  C  CG  . PRO A 1 77  ? -0.938  -8.052  10.196  1.00 25.84 ? 83  PRO A CG  1 
ATOM   642  C  CD  . PRO A 1 77  ? -1.526  -6.665  10.406  1.00 23.83 ? 83  PRO A CD  1 
ATOM   643  N  N   . GLY A 1 78  ? 0.529   -8.333  14.248  1.00 36.24 ? 84  GLY A N   1 
ATOM   644  C  CA  . GLY A 1 78  ? 1.883   -8.273  14.834  1.00 37.54 ? 84  GLY A CA  1 
ATOM   645  C  C   . GLY A 1 78  ? 2.972   -8.943  14.004  1.00 41.45 ? 84  GLY A C   1 
ATOM   646  O  O   . GLY A 1 78  ? 4.128   -9.009  14.437  1.00 48.52 ? 84  GLY A O   1 
ATOM   647  N  N   . THR A 1 81  ? 3.278   -14.483 20.494  1.00 76.68 ? 87  THR A N   1 
ATOM   648  C  CA  . THR A 1 81  ? 4.101   -15.075 19.441  1.00 73.90 ? 87  THR A CA  1 
ATOM   649  C  C   . THR A 1 81  ? 3.266   -16.013 18.558  1.00 70.33 ? 87  THR A C   1 
ATOM   650  O  O   . THR A 1 81  ? 2.076   -16.240 18.821  1.00 65.83 ? 87  THR A O   1 
ATOM   651  C  CB  . THR A 1 81  ? 5.316   -15.843 20.022  1.00 76.00 ? 87  THR A CB  1 
ATOM   652  O  OG1 . THR A 1 81  ? 4.856   -16.890 20.883  1.00 74.58 ? 87  THR A OG1 1 
ATOM   653  C  CG2 . THR A 1 81  ? 6.249   -14.898 20.799  1.00 71.79 ? 87  THR A CG2 1 
ATOM   654  N  N   . PHE A 1 82  ? 3.891   -16.531 17.497  1.00 65.11 ? 88  PHE A N   1 
ATOM   655  C  CA  . PHE A 1 82  ? 3.228   -17.442 16.566  1.00 60.70 ? 88  PHE A CA  1 
ATOM   656  C  C   . PHE A 1 82  ? 3.923   -18.788 16.628  1.00 58.69 ? 88  PHE A C   1 
ATOM   657  O  O   . PHE A 1 82  ? 5.152   -18.857 16.690  1.00 58.96 ? 88  PHE A O   1 
ATOM   658  C  CB  . PHE A 1 82  ? 3.246   -16.892 15.132  1.00 57.87 ? 88  PHE A CB  1 
ATOM   659  C  CG  . PHE A 1 82  ? 2.327   -17.629 14.184  1.00 52.54 ? 88  PHE A CG  1 
ATOM   660  C  CD1 . PHE A 1 82  ? 2.825   -18.596 13.308  1.00 49.62 ? 88  PHE A CD1 1 
ATOM   661  C  CD2 . PHE A 1 82  ? 0.963   -17.360 14.166  1.00 48.18 ? 88  PHE A CD2 1 
ATOM   662  C  CE1 . PHE A 1 82  ? 1.980   -19.268 12.433  1.00 47.10 ? 88  PHE A CE1 1 
ATOM   663  C  CE2 . PHE A 1 82  ? 0.119   -18.034 13.303  1.00 46.03 ? 88  PHE A CE2 1 
ATOM   664  C  CZ  . PHE A 1 82  ? 0.621   -18.995 12.440  1.00 45.32 ? 88  PHE A CZ  1 
ATOM   665  N  N   . PHE A 1 83  ? 3.118   -19.852 16.602  1.00 55.04 ? 89  PHE A N   1 
ATOM   666  C  CA  . PHE A 1 83  ? 3.589   -21.210 16.873  1.00 50.66 ? 89  PHE A CA  1 
ATOM   667  C  C   . PHE A 1 83  ? 3.439   -22.182 15.699  1.00 45.38 ? 89  PHE A C   1 
ATOM   668  O  O   . PHE A 1 83  ? 3.847   -23.343 15.801  1.00 46.72 ? 89  PHE A O   1 
ATOM   669  C  CB  . PHE A 1 83  ? 2.822   -21.768 18.074  1.00 53.15 ? 89  PHE A CB  1 
ATOM   670  C  CG  . PHE A 1 83  ? 3.182   -21.123 19.386  1.00 50.61 ? 89  PHE A CG  1 
ATOM   671  C  CD1 . PHE A 1 83  ? 4.336   -21.497 20.060  1.00 50.39 ? 89  PHE A CD1 1 
ATOM   672  C  CD2 . PHE A 1 83  ? 2.346   -20.172 19.969  1.00 50.61 ? 89  PHE A CD2 1 
ATOM   673  C  CE1 . PHE A 1 83  ? 4.657   -20.926 21.278  1.00 46.74 ? 89  PHE A CE1 1 
ATOM   674  C  CE2 . PHE A 1 83  ? 2.664   -19.604 21.192  1.00 47.34 ? 89  PHE A CE2 1 
ATOM   675  C  CZ  . PHE A 1 83  ? 3.822   -19.980 21.842  1.00 47.07 ? 89  PHE A CZ  1 
ATOM   676  N  N   . GLY A 1 84  ? 2.846   -21.729 14.600  1.00 38.67 ? 90  GLY A N   1 
ATOM   677  C  CA  . GLY A 1 84  ? 2.686   -22.560 13.414  1.00 35.57 ? 90  GLY A CA  1 
ATOM   678  C  C   . GLY A 1 84  ? 3.866   -22.516 12.469  1.00 29.54 ? 90  GLY A C   1 
ATOM   679  O  O   . GLY A 1 84  ? 4.944   -22.046 12.813  1.00 34.26 ? 90  GLY A O   1 
ATOM   680  N  N   . THR A 1 85  ? 3.634   -22.984 11.248  1.00 30.82 ? 91  THR A N   1 
ATOM   681  C  CA  . THR A 1 85  ? 4.647   -23.038 10.209  1.00 31.51 ? 91  THR A CA  1 
ATOM   682  C  C   . THR A 1 85  ? 4.799   -21.650 9.601   1.00 31.21 ? 91  THR A C   1 
ATOM   683  O  O   . THR A 1 85  ? 3.960   -20.794 9.842   1.00 28.71 ? 91  THR A O   1 
ATOM   684  C  CB  . THR A 1 85  ? 4.268   -24.030 9.102   1.00 35.19 ? 91  THR A CB  1 
ATOM   685  O  OG1 . THR A 1 85  ? 3.152   -23.528 8.336   1.00 34.68 ? 91  THR A OG1 1 
ATOM   686  C  CG2 . THR A 1 85  ? 3.909   -25.393 9.724   1.00 32.86 ? 91  THR A CG2 1 
ATOM   687  N  N   . SER A 1 86  ? 5.881   -21.442 8.863   1.00 34.66 ? 92  SER A N   1 
ATOM   688  C  CA  . SER A 1 86  ? 6.103   -20.155 8.182   1.00 35.67 ? 92  SER A CA  1 
ATOM   689  C  C   . SER A 1 86  ? 4.980   -19.852 7.196   1.00 36.34 ? 92  SER A C   1 
ATOM   690  O  O   . SER A 1 86  ? 4.524   -18.724 7.144   1.00 29.39 ? 92  SER A O   1 
ATOM   691  C  CB  . SER A 1 86  ? 7.452   -20.119 7.453   1.00 40.64 ? 92  SER A CB  1 
ATOM   692  O  OG  . SER A 1 86  ? 7.518   -21.114 6.436   1.00 47.44 ? 92  SER A OG  1 
ATOM   693  N  N   . ASP A 1 87  ? 4.536   -20.842 6.401   1.00 39.94 ? 93  ASP A N   1 
ATOM   694  C  CA  . ASP A 1 87  ? 3.377   -20.622 5.491   1.00 40.36 ? 93  ASP A CA  1 
ATOM   695  C  C   . ASP A 1 87  ? 2.105   -20.181 6.254   1.00 38.35 ? 93  ASP A C   1 
ATOM   696  O  O   . ASP A 1 87  ? 1.363   -19.296 5.809   1.00 32.44 ? 93  ASP A O   1 
ATOM   697  C  CB  . ASP A 1 87  ? 3.088   -21.858 4.636   1.00 40.63 ? 93  ASP A CB  1 
ATOM   698  C  CG  . ASP A 1 87  ? 4.116   -22.062 3.541   1.00 43.01 ? 93  ASP A CG  1 
ATOM   699  O  OD1 . ASP A 1 87  ? 4.908   -21.135 3.250   1.00 41.92 ? 93  ASP A OD1 1 
ATOM   700  O  OD2 . ASP A 1 87  ? 4.141   -23.159 2.952   1.00 49.71 ? 93  ASP A OD2 1 
ATOM   701  N  N   . GLU A 1 88  ? 1.874   -20.778 7.405   1.00 30.52 ? 94  GLU A N   1 
ATOM   702  C  CA  . GLU A 1 88  ? 0.725   -20.446 8.233   1.00 30.93 ? 94  GLU A CA  1 
ATOM   703  C  C   . GLU A 1 88  ? 0.848   -19.024 8.835   1.00 28.27 ? 94  GLU A C   1 
ATOM   704  O  O   . GLU A 1 88  ? -0.139  -18.274 8.929   1.00 25.05 ? 94  GLU A O   1 
ATOM   705  C  CB  . GLU A 1 88  ? 0.563   -21.510 9.330   1.00 35.83 ? 94  GLU A CB  1 
ATOM   706  C  CG  . GLU A 1 88  ? 0.219   -22.884 8.739   1.00 36.89 ? 94  GLU A CG  1 
ATOM   707  C  CD  . GLU A 1 88  ? 0.555   -24.069 9.645   1.00 40.99 ? 94  GLU A CD  1 
ATOM   708  O  OE1 . GLU A 1 88  ? 1.024   -23.830 10.780  1.00 40.17 ? 94  GLU A OE1 1 
ATOM   709  O  OE2 . GLU A 1 88  ? 0.361   -25.238 9.200   1.00 44.00 ? 94  GLU A OE2 1 
ATOM   710  N  N   . PHE A 1 89  ? 2.068   -18.654 9.213   1.00 25.07 ? 95  PHE A N   1 
ATOM   711  C  CA  . PHE A 1 89  ? 2.344   -17.312 9.702   1.00 23.49 ? 95  PHE A CA  1 
ATOM   712  C  C   . PHE A 1 89  ? 2.070   -16.280 8.589   1.00 22.39 ? 95  PHE A C   1 
ATOM   713  O  O   . PHE A 1 89  ? 1.433   -15.276 8.837   1.00 23.40 ? 95  PHE A O   1 
ATOM   714  C  CB  . PHE A 1 89  ? 3.799   -17.208 10.143  1.00 25.48 ? 95  PHE A CB  1 
ATOM   715  C  CG  . PHE A 1 89  ? 4.221   -15.830 10.436  1.00 26.95 ? 95  PHE A CG  1 
ATOM   716  C  CD1 . PHE A 1 89  ? 3.924   -15.252 11.648  1.00 28.74 ? 95  PHE A CD1 1 
ATOM   717  C  CD2 . PHE A 1 89  ? 4.922   -15.122 9.509   1.00 25.83 ? 95  PHE A CD2 1 
ATOM   718  C  CE1 . PHE A 1 89  ? 4.327   -13.966 11.927  1.00 31.72 ? 95  PHE A CE1 1 
ATOM   719  C  CE2 . PHE A 1 89  ? 5.324   -13.836 9.772   1.00 26.11 ? 95  PHE A CE2 1 
ATOM   720  C  CZ  . PHE A 1 89  ? 5.047   -13.268 10.996  1.00 27.40 ? 95  PHE A CZ  1 
ATOM   721  N  N   . ILE A 1 90  ? 2.585   -16.567 7.411   1.00 22.17 ? 96  ILE A N   1 
ATOM   722  C  CA  . ILE A 1 90  ? 2.405   -15.687 6.224   1.00 20.79 ? 96  ILE A CA  1 
ATOM   723  C  C   . ILE A 1 90  ? 0.944   -15.532 5.874   1.00 22.06 ? 96  ILE A C   1 
ATOM   724  O  O   . ILE A 1 90  ? 0.460   -14.396 5.637   1.00 19.96 ? 96  ILE A O   1 
ATOM   725  C  CB  . ILE A 1 90  ? 3.307   -16.140 5.049   1.00 21.72 ? 96  ILE A CB  1 
ATOM   726  C  CG1 . ILE A 1 90  ? 4.801   -15.960 5.395   1.00 22.83 ? 96  ILE A CG1 1 
ATOM   727  C  CG2 . ILE A 1 90  ? 2.931   -15.434 3.744   1.00 20.52 ? 96  ILE A CG2 1 
ATOM   728  C  CD1 . ILE A 1 90  ? 5.196   -14.639 5.982   1.00 27.34 ? 96  ILE A CD1 1 
ATOM   729  N  N   . GLU A 1 91  ? 0.179   -16.616 5.956   1.00 20.74 ? 97  GLU A N   1 
ATOM   730  C  CA  . GLU A 1 91  ? -1.231  -16.534 5.622   1.00 21.50 ? 97  GLU A CA  1 
ATOM   731  C  C   . GLU A 1 91  ? -2.010  -15.704 6.647   1.00 19.30 ? 97  GLU A C   1 
ATOM   732  O  O   . GLU A 1 91  ? -2.853  -14.891 6.247   1.00 20.58 ? 97  GLU A O   1 
ATOM   733  C  CB  . GLU A 1 91  ? -1.832  -17.935 5.437   1.00 22.09 ? 97  GLU A CB  1 
ATOM   734  C  CG  . GLU A 1 91  ? -3.330  -17.935 5.414   1.00 23.14 ? 97  GLU A CG  1 
ATOM   735  C  CD  . GLU A 1 91  ? -3.976  -17.100 4.307   1.00 24.86 ? 97  GLU A CD  1 
ATOM   736  O  OE1 . GLU A 1 91  ? -3.367  -16.863 3.251   1.00 26.31 ? 97  GLU A OE1 1 
ATOM   737  O  OE2 . GLU A 1 91  ? -5.144  -16.732 4.514   1.00 27.92 ? 97  GLU A OE2 1 
HETATM 738  N  N   . MLY A 1 92  ? -1.704  -15.808 7.923   1.00 20.77 ? 98  MLY A N   1 
HETATM 739  C  CA  . MLY A 1 92  ? -2.343  -15.039 8.952   1.00 22.02 ? 98  MLY A CA  1 
HETATM 740  C  CB  . MLY A 1 92  ? -1.936  -15.417 10.374  1.00 29.88 ? 98  MLY A CB  1 
HETATM 741  C  CG  . MLY A 1 92  ? -2.834  -14.766 11.410  1.00 35.18 ? 98  MLY A CG  1 
HETATM 742  C  CD  . MLY A 1 92  ? -2.963  -15.652 12.649  1.00 44.82 ? 98  MLY A CD  1 
HETATM 743  C  CE  . MLY A 1 92  ? -3.731  -14.973 13.797  1.00 48.51 ? 98  MLY A CE  1 
HETATM 744  N  NZ  . MLY A 1 92  ? -4.181  -15.941 14.837  1.00 58.04 ? 98  MLY A NZ  1 
HETATM 745  C  CH1 . MLY A 1 92  ? -3.169  -16.988 15.128  1.00 58.50 ? 98  MLY A CH1 1 
HETATM 746  C  CH2 . MLY A 1 92  ? -4.493  -15.208 16.080  1.00 58.36 ? 98  MLY A CH2 1 
HETATM 747  C  C   . MLY A 1 92  ? -1.994  -13.577 8.761   1.00 21.17 ? 98  MLY A C   1 
HETATM 748  O  O   . MLY A 1 92  ? -2.870  -12.722 8.895   1.00 21.79 ? 98  MLY A O   1 
ATOM   749  N  N   . ARG A 1 93  ? -0.724  -13.314 8.453   1.00 18.83 ? 99  ARG A N   1 
ATOM   750  C  CA  . ARG A 1 93  ? -0.268  -11.949 8.197   1.00 17.85 ? 99  ARG A CA  1 
ATOM   751  C  C   . ARG A 1 93  ? -1.012  -11.370 6.988   1.00 17.23 ? 99  ARG A C   1 
ATOM   752  O  O   . ARG A 1 93  ? -1.486  -10.235 7.051   1.00 17.90 ? 99  ARG A O   1 
ATOM   753  C  CB  . ARG A 1 93  ? 1.237   -11.899 7.943   1.00 19.78 ? 99  ARG A CB  1 
ATOM   754  C  CG  . ARG A 1 93  ? 1.745   -10.512 7.639   1.00 18.04 ? 99  ARG A CG  1 
ATOM   755  C  CD  . ARG A 1 93  ? 3.272   -10.469 7.785   1.00 17.51 ? 99  ARG A CD  1 
ATOM   756  N  NE  . ARG A 1 93  ? 3.616   -10.242 9.186   1.00 18.66 ? 99  ARG A NE  1 
ATOM   757  C  CZ  . ARG A 1 93  ? 4.876   -10.059 9.597   1.00 17.44 ? 99  ARG A CZ  1 
ATOM   758  N  NH1 . ARG A 1 93  ? 5.911   -10.143 8.757   1.00 17.64 ? 99  ARG A NH1 1 
ATOM   759  N  NH2 . ARG A 1 93  ? 5.058   -9.769  10.859  1.00 21.37 ? 99  ARG A NH2 1 
ATOM   760  N  N   . ARG A 1 94  ? -1.073  -12.130 5.911   1.00 17.48 ? 100 ARG A N   1 
ATOM   761  C  CA  . ARG A 1 94  ? -1.780  -11.693 4.720   1.00 17.12 ? 100 ARG A CA  1 
ATOM   762  C  C   . ARG A 1 94  ? -3.211  -11.306 5.023   1.00 18.98 ? 100 ARG A C   1 
ATOM   763  O  O   . ARG A 1 94  ? -3.695  -10.227 4.631   1.00 15.55 ? 100 ARG A O   1 
ATOM   764  C  CB  . ARG A 1 94  ? -1.744  -12.775 3.655   1.00 17.48 ? 100 ARG A CB  1 
ATOM   765  C  CG  . ARG A 1 94  ? -2.396  -12.400 2.309   1.00 18.50 ? 100 ARG A CG  1 
ATOM   766  C  CD  . ARG A 1 94  ? -2.893  -13.578 1.469   1.00 18.56 ? 100 ARG A CD  1 
ATOM   767  N  NE  . ARG A 1 94  ? -4.006  -14.221 2.163   1.00 20.07 ? 100 ARG A NE  1 
ATOM   768  C  CZ  . ARG A 1 94  ? -5.210  -13.706 2.354   1.00 22.42 ? 100 ARG A CZ  1 
ATOM   769  N  NH1 . ARG A 1 94  ? -5.566  -12.537 1.822   1.00 21.37 ? 100 ARG A NH1 1 
ATOM   770  N  NH2 . ARG A 1 94  ? -6.107  -14.406 3.060   1.00 25.29 ? 100 ARG A NH2 1 
ATOM   771  N  N   . GLN A 1 95  ? -3.927  -12.169 5.749   1.00 19.77 ? 101 GLN A N   1 
ATOM   772  C  CA  . GLN A 1 95  ? -5.247  -11.779 6.257   1.00 21.12 ? 101 GLN A CA  1 
ATOM   773  C  C   . GLN A 1 95  ? -5.325  -10.487 7.029   1.00 20.04 ? 101 GLN A C   1 
ATOM   774  O  O   . GLN A 1 95  ? -6.195  -9.675  6.794   1.00 19.35 ? 101 GLN A O   1 
ATOM   775  C  CB  . GLN A 1 95  ? -5.832  -12.864 7.171   1.00 23.89 ? 101 GLN A CB  1 
ATOM   776  C  CG  . GLN A 1 95  ? -6.072  -14.168 6.520   1.00 25.86 ? 101 GLN A CG  1 
ATOM   777  C  CD  . GLN A 1 95  ? -6.632  -15.190 7.500   1.00 30.05 ? 101 GLN A CD  1 
ATOM   778  O  OE1 . GLN A 1 95  ? -7.191  -14.838 8.566   1.00 33.47 ? 101 GLN A OE1 1 
ATOM   779  N  NE2 . GLN A 1 95  ? -6.483  -16.453 7.151   1.00 32.25 ? 101 GLN A NE2 1 
ATOM   780  N  N   . GLY A 1 96  ? -4.356  -10.245 7.905   1.00 18.32 ? 102 GLY A N   1 
ATOM   781  C  CA  . GLY A 1 96  ? -4.336  -9.088  8.739   1.00 15.52 ? 102 GLY A CA  1 
ATOM   782  C  C   . GLY A 1 96  ? -4.032  -7.829  7.922   1.00 14.85 ? 102 GLY A C   1 
ATOM   783  O  O   . GLY A 1 96  ? -4.574  -6.745  8.213   1.00 17.55 ? 102 GLY A O   1 
ATOM   784  N  N   . LEU A 1 97  ? -3.186  -8.007  6.917   1.00 15.16 ? 103 LEU A N   1 
ATOM   785  C  CA  . LEU A 1 97  ? -2.848  -6.828  6.031   1.00 14.72 ? 103 LEU A CA  1 
ATOM   786  C  C   . LEU A 1 97  ? -4.058  -6.454  5.195   1.00 15.89 ? 103 LEU A C   1 
ATOM   787  O  O   . LEU A 1 97  ? -4.300  -5.267  4.959   1.00 14.94 ? 103 LEU A O   1 
ATOM   788  C  CB  . LEU A 1 97  ? -1.674  -7.144  5.120   1.00 14.06 ? 103 LEU A CB  1 
ATOM   789  C  CG  . LEU A 1 97  ? -0.327  -7.374  5.872   1.00 14.64 ? 103 LEU A CG  1 
ATOM   790  C  CD1 . LEU A 1 97  ? 0.774   -7.751  4.912   1.00 14.82 ? 103 LEU A CD1 1 
ATOM   791  C  CD2 . LEU A 1 97  ? 0.094   -6.154  6.668   1.00 15.90 ? 103 LEU A CD2 1 
ATOM   792  N  N   . GLN A 1 98  ? -4.780  -7.464  4.712   1.00 16.22 ? 104 GLN A N   1 
ATOM   793  C  CA  . GLN A 1 98  ? -5.999  -7.221  3.944   1.00 19.05 ? 104 GLN A CA  1 
ATOM   794  C  C   . GLN A 1 98  ? -7.002  -6.439  4.816   1.00 18.12 ? 104 GLN A C   1 
ATOM   795  O  O   . GLN A 1 98  ? -7.602  -5.421  4.411   1.00 17.26 ? 104 GLN A O   1 
ATOM   796  C  CB  . GLN A 1 98  ? -6.566  -8.581  3.611   1.00 21.55 ? 104 GLN A CB  1 
ATOM   797  C  CG  . GLN A 1 98  ? -7.953  -8.564  3.084   1.00 25.22 ? 104 GLN A CG  1 
ATOM   798  C  CD  . GLN A 1 98  ? -7.990  -8.449  1.593   1.00 22.61 ? 104 GLN A CD  1 
ATOM   799  O  OE1 . GLN A 1 98  ? -7.426  -9.296  0.858   1.00 23.56 ? 104 GLN A OE1 1 
ATOM   800  N  NE2 . GLN A 1 98  ? -8.882  -7.571  1.144   1.00 33.68 ? 104 GLN A NE2 1 
ATOM   801  N  N   . HIS A 1 99  ? -7.179  -6.875  6.066   1.00 18.94 ? 105 HIS A N   1 
ATOM   802  C  CA  . HIS A 1 99  ? -8.105  -6.230  6.960   1.00 19.94 ? 105 HIS A CA  1 
ATOM   803  C  C   . HIS A 1 99  ? -7.702  -4.808  7.326   1.00 17.45 ? 105 HIS A C   1 
ATOM   804  O  O   . HIS A 1 99  ? -8.505  -3.907  7.332   1.00 16.22 ? 105 HIS A O   1 
ATOM   805  C  CB  . HIS A 1 99  ? -8.285  -7.081  8.191   1.00 24.48 ? 105 HIS A CB  1 
ATOM   806  C  CG  . HIS A 1 99  ? -9.276  -6.537  9.180   1.00 32.53 ? 105 HIS A CG  1 
ATOM   807  N  ND1 . HIS A 1 99  ? -10.552 -6.968  9.229   1.00 40.25 ? 105 HIS A ND1 1 
ATOM   808  C  CD2 . HIS A 1 99  ? -9.131  -5.606  10.211  1.00 38.45 ? 105 HIS A CD2 1 
ATOM   809  C  CE1 . HIS A 1 99  ? -11.199 -6.340  10.237  1.00 40.52 ? 105 HIS A CE1 1 
ATOM   810  N  NE2 . HIS A 1 99  ? -10.330 -5.500  10.834  1.00 38.93 ? 105 HIS A NE2 1 
ATOM   811  N  N   . PHE A 1 100 ? -6.415  -4.601  7.540   1.00 15.61 ? 106 PHE A N   1 
ATOM   812  C  CA  . PHE A 1 100 ? -5.873  -3.298  7.753   1.00 14.53 ? 106 PHE A CA  1 
ATOM   813  C  C   . PHE A 1 100 ? -6.241  -2.325  6.624   1.00 14.25 ? 106 PHE A C   1 
ATOM   814  O  O   . PHE A 1 100 ? -6.759  -1.244  6.877   1.00 14.43 ? 106 PHE A O   1 
ATOM   815  C  CB  . PHE A 1 100 ? -4.361  -3.411  7.938   1.00 15.13 ? 106 PHE A CB  1 
ATOM   816  C  CG  . PHE A 1 100 ? -3.644  -2.107  7.952   1.00 14.54 ? 106 PHE A CG  1 
ATOM   817  C  CD1 . PHE A 1 100 ? -3.657  -1.245  9.046   1.00 15.46 ? 106 PHE A CD1 1 
ATOM   818  C  CD2 . PHE A 1 100 ? -2.987  -1.667  6.794   1.00 14.20 ? 106 PHE A CD2 1 
ATOM   819  C  CE1 . PHE A 1 100 ? -2.963  -0.028  9.028   1.00 16.37 ? 106 PHE A CE1 1 
ATOM   820  C  CE2 . PHE A 1 100 ? -2.287  -0.515  6.773   1.00 14.69 ? 106 PHE A CE2 1 
ATOM   821  C  CZ  . PHE A 1 100 ? -2.306  0.371   7.873   1.00 15.43 ? 106 PHE A CZ  1 
ATOM   822  N  N   . LEU A 1 101 ? -5.946  -2.738  5.409   1.00 13.96 ? 107 LEU A N   1 
ATOM   823  C  CA  . LEU A 1 101 ? -6.223  -1.847  4.274   1.00 12.12 ? 107 LEU A CA  1 
ATOM   824  C  C   . LEU A 1 101 ? -7.742  -1.636  4.099   1.00 14.14 ? 107 LEU A C   1 
ATOM   825  O  O   . LEU A 1 101 ? -8.145  -0.505  3.837   1.00 14.27 ? 107 LEU A O   1 
ATOM   826  C  CB  . LEU A 1 101 ? -5.642  -2.414  2.999   1.00 12.62 ? 107 LEU A CB  1 
ATOM   827  C  CG  . LEU A 1 101 ? -4.113  -2.261  2.927   1.00 11.41 ? 107 LEU A CG  1 
ATOM   828  C  CD1 . LEU A 1 101 ? -3.599  -2.924  1.635   1.00 12.90 ? 107 LEU A CD1 1 
ATOM   829  C  CD2 . LEU A 1 101 ? -3.599  -0.829  3.099   1.00 13.04 ? 107 LEU A CD2 1 
ATOM   830  N  N   . GLU A 1 102 ? -8.566  -2.649  4.305   1.00 16.10 ? 108 GLU A N   1 
ATOM   831  C  CA  . GLU A 1 102 ? -10.026 -2.427  4.220   1.00 15.99 ? 108 GLU A CA  1 
ATOM   832  C  C   . GLU A 1 102 ? -10.505 -1.321  5.167   1.00 15.89 ? 108 GLU A C   1 
ATOM   833  O  O   . GLU A 1 102 ? -11.342 -0.458  4.826   1.00 16.99 ? 108 GLU A O   1 
ATOM   834  C  CB  . GLU A 1 102 ? -10.770 -3.725  4.540   1.00 17.94 ? 108 GLU A CB  1 
ATOM   835  C  CG  . GLU A 1 102 ? -10.693 -4.786  3.472   1.00 20.54 ? 108 GLU A CG  1 
ATOM   836  C  CD  . GLU A 1 102 ? -11.128 -6.187  3.957   1.00 22.81 ? 108 GLU A CD  1 
ATOM   837  O  OE1 . GLU A 1 102 ? -11.328 -6.425  5.174   1.00 29.76 ? 108 GLU A OE1 1 
ATOM   838  O  OE2 . GLU A 1 102 ? -11.202 -7.059  3.100   1.00 28.31 ? 108 GLU A OE2 1 
HETATM 839  N  N   . MLY A 1 103 ? -10.009 -1.376  6.384   1.00 14.80 ? 109 MLY A N   1 
HETATM 840  C  CA  . MLY A 1 103 ? -10.358 -0.381  7.378   1.00 18.04 ? 109 MLY A CA  1 
HETATM 841  C  CB  . MLY A 1 103 ? -9.949  -0.882  8.768   1.00 18.96 ? 109 MLY A CB  1 
HETATM 842  C  CG  . MLY A 1 103 ? -10.641 -2.213  9.152   1.00 24.35 ? 109 MLY A CG  1 
HETATM 843  C  CD  . MLY A 1 103 ? -12.150 -2.216  8.880   1.00 32.25 ? 109 MLY A CD  1 
HETATM 844  C  CE  . MLY A 1 103 ? -12.932 -3.363  9.528   1.00 38.83 ? 109 MLY A CE  1 
HETATM 845  N  NZ  . MLY A 1 103 ? -13.652 -4.238  8.553   1.00 43.83 ? 109 MLY A NZ  1 
HETATM 846  C  CH1 . MLY A 1 103 ? -14.762 -3.523  7.901   1.00 46.71 ? 109 MLY A CH1 1 
HETATM 847  C  CH2 . MLY A 1 103 ? -12.777 -4.791  7.484   1.00 44.76 ? 109 MLY A CH2 1 
HETATM 848  C  C   . MLY A 1 103 ? -9.830  0.971   7.053   1.00 16.62 ? 109 MLY A C   1 
HETATM 849  O  O   . MLY A 1 103 ? -10.485 1.954   7.273   1.00 17.66 ? 109 MLY A O   1 
ATOM   850  N  N   . VAL A 1 104 ? -8.581  1.058   6.620   1.00 14.51 ? 110 VAL A N   1 
ATOM   851  C  CA  . VAL A 1 104 ? -8.013  2.341   6.240   1.00 14.75 ? 110 VAL A CA  1 
ATOM   852  C  C   . VAL A 1 104 ? -8.855  3.010   5.146   1.00 14.35 ? 110 VAL A C   1 
ATOM   853  O  O   . VAL A 1 104 ? -9.154  4.207   5.209   1.00 15.98 ? 110 VAL A O   1 
ATOM   854  C  CB  . VAL A 1 104 ? -6.532  2.202   5.811   1.00 15.15 ? 110 VAL A CB  1 
ATOM   855  C  CG1 . VAL A 1 104 ? -6.020  3.452   5.140   1.00 16.30 ? 110 VAL A CG1 1 
ATOM   856  C  CG2 . VAL A 1 104 ? -5.666  1.939   7.044   1.00 15.30 ? 110 VAL A CG2 1 
ATOM   857  N  N   . LEU A 1 105 ? -9.268  2.196   4.183   1.00 14.74 ? 111 LEU A N   1 
ATOM   858  C  CA  . LEU A 1 105 ? -9.976  2.710   3.000   1.00 15.37 ? 111 LEU A CA  1 
ATOM   859  C  C   . LEU A 1 105 ? -11.410 3.162   3.332   1.00 17.04 ? 111 LEU A C   1 
ATOM   860  O  O   . LEU A 1 105 ? -12.040 3.815   2.457   1.00 18.50 ? 111 LEU A O   1 
ATOM   861  C  CB  . LEU A 1 105 ? -9.897  1.711   1.846   1.00 17.24 ? 111 LEU A CB  1 
ATOM   862  C  CG  . LEU A 1 105 ? -8.460  1.430   1.350   1.00 18.26 ? 111 LEU A CG  1 
ATOM   863  C  CD1 . LEU A 1 105 ? -8.402  0.182   0.483   1.00 18.83 ? 111 LEU A CD1 1 
ATOM   864  C  CD2 . LEU A 1 105 ? -7.931  2.638   0.620   1.00 19.82 ? 111 LEU A CD2 1 
ATOM   865  N  N   . GLN A 1 106 ? -11.865 2.934   4.561   1.00 18.09 ? 112 GLN A N   1 
ATOM   866  C  CA  . GLN A 1 106 ? -13.186 3.471   5.024   1.00 21.44 ? 112 GLN A CA  1 
ATOM   867  C  C   . GLN A 1 106 ? -13.168 4.903   5.477   1.00 22.29 ? 112 GLN A C   1 
ATOM   868  O  O   . GLN A 1 106 ? -14.223 5.514   5.696   1.00 25.48 ? 112 GLN A O   1 
ATOM   869  C  CB  . GLN A 1 106 ? -13.778 2.613   6.142   1.00 22.10 ? 112 GLN A CB  1 
ATOM   870  C  CG  . GLN A 1 106 ? -14.104 1.201   5.710   1.00 25.92 ? 112 GLN A CG  1 
ATOM   871  C  CD  . GLN A 1 106 ? -14.386 0.266   6.887   1.00 29.07 ? 112 GLN A CD  1 
ATOM   872  O  OE1 . GLN A 1 106 ? -14.464 0.687   8.036   1.00 40.52 ? 112 GLN A OE1 1 
ATOM   873  N  NE2 . GLN A 1 106 ? -14.513 -1.019  6.592   1.00 38.49 ? 112 GLN A NE2 1 
ATOM   874  N  N   . SER A 1 107 ? -11.979 5.479   5.614   1.00 19.30 ? 113 SER A N   1 
ATOM   875  C  CA  . SER A 1 107 ? -11.833 6.791   6.178   1.00 19.15 ? 113 SER A CA  1 
ATOM   876  C  C   . SER A 1 107 ? -11.527 7.863   5.152   1.00 19.97 ? 113 SER A C   1 
ATOM   877  O  O   . SER A 1 107 ? -10.531 7.790   4.470   1.00 18.17 ? 113 SER A O   1 
ATOM   878  C  CB  . SER A 1 107 ? -10.708 6.770   7.191   1.00 20.10 ? 113 SER A CB  1 
ATOM   879  O  OG  . SER A 1 107 ? -10.388 8.079   7.647   1.00 19.11 ? 113 SER A OG  1 
ATOM   880  N  N   . VAL A 1 108 ? -12.376 8.883   5.048   1.00 19.79 ? 114 VAL A N   1 
ATOM   881  C  CA  A VAL A 1 108 ? -12.157 9.943   4.082   0.50 19.57 ? 114 VAL A CA  1 
ATOM   882  C  CA  B VAL A 1 108 ? -12.144 9.957   4.089   0.50 19.52 ? 114 VAL A CA  1 
ATOM   883  C  C   . VAL A 1 108 ? -10.876 10.706  4.431   1.00 18.45 ? 114 VAL A C   1 
ATOM   884  O  O   . VAL A 1 108 ? -10.156 11.177  3.540   1.00 20.04 ? 114 VAL A O   1 
ATOM   885  C  CB  A VAL A 1 108 ? -13.418 10.853  3.933   0.50 20.22 ? 114 VAL A CB  1 
ATOM   886  C  CB  B VAL A 1 108 ? -13.333 10.939  4.007   0.50 20.26 ? 114 VAL A CB  1 
ATOM   887  C  CG1 A VAL A 1 108 ? -14.653 9.988   3.778   0.50 20.73 ? 114 VAL A CG1 1 
ATOM   888  C  CG1 B VAL A 1 108 ? -12.887 12.263  3.391   0.50 19.16 ? 114 VAL A CG1 1 
ATOM   889  C  CG2 A VAL A 1 108 ? -13.590 11.804  5.109   0.50 19.73 ? 114 VAL A CG2 1 
ATOM   890  C  CG2 B VAL A 1 108 ? -14.431 10.316  3.181   0.50 20.76 ? 114 VAL A CG2 1 
ATOM   891  N  N   . VAL A 1 109 ? -10.598 10.809  5.719   1.00 18.95 ? 115 VAL A N   1 
ATOM   892  C  CA  . VAL A 1 109 ? -9.389  11.482  6.170   1.00 18.96 ? 115 VAL A CA  1 
ATOM   893  C  C   . VAL A 1 109 ? -8.135  10.709  5.749   1.00 17.73 ? 115 VAL A C   1 
ATOM   894  O  O   . VAL A 1 109 ? -7.211  11.310  5.190   1.00 17.04 ? 115 VAL A O   1 
ATOM   895  C  CB  . VAL A 1 109 ? -9.402  11.728  7.677   1.00 20.70 ? 115 VAL A CB  1 
ATOM   896  C  CG1 . VAL A 1 109 ? -8.073  12.266  8.145   1.00 20.19 ? 115 VAL A CG1 1 
ATOM   897  C  CG2 . VAL A 1 109 ? -10.454 12.785  7.990   1.00 21.42 ? 115 VAL A CG2 1 
ATOM   898  N  N   . LEU A 1 110 ? -8.125  9.401   5.969   1.00 18.58 ? 116 LEU A N   1 
ATOM   899  C  CA  . LEU A 1 110 ? -6.952  8.585   5.585   1.00 16.37 ? 116 LEU A CA  1 
ATOM   900  C  C   . LEU A 1 110 ? -6.823  8.548   4.065   1.00 16.21 ? 116 LEU A C   1 
ATOM   901  O  O   . LEU A 1 110 ? -5.709  8.589   3.531   1.00 15.81 ? 116 LEU A O   1 
ATOM   902  C  CB  . LEU A 1 110 ? -6.970  7.200   6.215   1.00 16.07 ? 116 LEU A CB  1 
ATOM   903  C  CG  . LEU A 1 110 ? -7.035  7.204   7.758   1.00 17.53 ? 116 LEU A CG  1 
ATOM   904  C  CD1 . LEU A 1 110 ? -6.984  5.798   8.301   1.00 18.72 ? 116 LEU A CD1 1 
ATOM   905  C  CD2 . LEU A 1 110 ? -5.874  8.024   8.346   1.00 18.13 ? 116 LEU A CD2 1 
ATOM   906  N  N   . LEU A 1 111 ? -7.953  8.580   3.373   1.00 15.68 ? 117 LEU A N   1 
ATOM   907  C  CA  . LEU A 1 111 ? -7.906  8.614   1.907   1.00 16.21 ? 117 LEU A CA  1 
ATOM   908  C  C   . LEU A 1 111 ? -7.354  9.889   1.299   1.00 15.83 ? 117 LEU A C   1 
ATOM   909  O  O   . LEU A 1 111 ? -7.044  9.889   0.116   1.00 17.00 ? 117 LEU A O   1 
ATOM   910  C  CB  . LEU A 1 111 ? -9.320  8.438   1.317   1.00 16.54 ? 117 LEU A CB  1 
ATOM   911  C  CG  . LEU A 1 111 ? -9.856  7.025   1.413   1.00 18.89 ? 117 LEU A CG  1 
ATOM   912  C  CD1 . LEU A 1 111 ? -11.263 7.048   0.840   1.00 21.09 ? 117 LEU A CD1 1 
ATOM   913  C  CD2 . LEU A 1 111 ? -8.989  6.027   0.667   1.00 20.60 ? 117 LEU A CD2 1 
ATOM   914  N  N   . SER A 1 112 ? -7.211  10.956  2.097   1.00 15.46 ? 118 SER A N   1 
ATOM   915  C  CA  . SER A 1 112 ? -6.674  12.211  1.662   1.00 17.03 ? 118 SER A CA  1 
ATOM   916  C  C   . SER A 1 112 ? -5.137  12.235  1.764   1.00 17.52 ? 118 SER A C   1 
ATOM   917  O  O   . SER A 1 112 ? -4.516  13.252  1.430   1.00 19.55 ? 118 SER A O   1 
ATOM   918  C  CB  . SER A 1 112 ? -7.267  13.366  2.492   1.00 19.23 ? 118 SER A CB  1 
ATOM   919  O  OG  . SER A 1 112 ? -6.618  13.467  3.722   1.00 22.09 ? 118 SER A OG  1 
ATOM   920  N  N   . ASP A 1 113 ? -4.526  11.144  2.271   1.00 16.34 ? 119 ASP A N   1 
ATOM   921  C  CA  . ASP A 1 113 ? -3.088  11.132  2.511   1.00 16.52 ? 119 ASP A CA  1 
ATOM   922  C  C   . ASP A 1 113 ? -2.360  10.624  1.279   1.00 13.60 ? 119 ASP A C   1 
ATOM   923  O  O   . ASP A 1 113 ? -2.489  9.466   0.889   1.00 13.28 ? 119 ASP A O   1 
ATOM   924  C  CB  . ASP A 1 113 ? -2.748  10.291  3.741   1.00 17.97 ? 119 ASP A CB  1 
ATOM   925  C  CG  . ASP A 1 113 ? -1.318  10.497  4.223   1.00 22.64 ? 119 ASP A CG  1 
ATOM   926  O  OD1 . ASP A 1 113 ? -0.433  10.601  3.361   1.00 23.11 ? 119 ASP A OD1 1 
ATOM   927  O  OD2 . ASP A 1 113 ? -1.052  10.608  5.452   1.00 20.65 ? 119 ASP A OD2 1 
ATOM   928  N  N   . SER A 1 114 ? -1.588  11.474  0.616   1.00 14.03 ? 120 SER A N   1 
ATOM   929  C  CA  A SER A 1 114 ? -0.911  11.038  -0.605  0.50 13.61 ? 120 SER A CA  1 
ATOM   930  C  CA  B SER A 1 114 ? -0.872  11.067  -0.599  0.50 13.64 ? 120 SER A CA  1 
ATOM   931  C  C   . SER A 1 114 ? 0.091   9.917   -0.420  1.00 12.39 ? 120 SER A C   1 
ATOM   932  O  O   . SER A 1 114 ? 0.353   9.212   -1.386  1.00 12.54 ? 120 SER A O   1 
ATOM   933  C  CB  A SER A 1 114 ? -0.187  12.177  -1.295  0.50 14.72 ? 120 SER A CB  1 
ATOM   934  C  CB  B SER A 1 114 ? -0.055  12.207  -1.190  0.50 14.84 ? 120 SER A CB  1 
ATOM   935  O  OG  A SER A 1 114 ? 0.592   12.883  -0.351  0.50 15.92 ? 120 SER A OG  1 
ATOM   936  O  OG  B SER A 1 114 ? -0.865  13.326  -1.489  0.50 15.86 ? 120 SER A OG  1 
ATOM   937  N  N   . GLN A 1 115 ? 0.626   9.747   0.790   1.00 12.19 ? 121 GLN A N   1 
ATOM   938  C  CA  . GLN A 1 115 ? 1.527   8.645   1.056   1.00 13.29 ? 121 GLN A CA  1 
ATOM   939  C  C   . GLN A 1 115 ? 0.818   7.294   0.866   1.00 12.05 ? 121 GLN A C   1 
ATOM   940  O  O   . GLN A 1 115 ? 1.395   6.350   0.313   1.00 12.65 ? 121 GLN A O   1 
ATOM   941  C  CB  . GLN A 1 115 ? 2.201   8.740   2.437   1.00 16.04 ? 121 GLN A CB  1 
ATOM   942  C  CG  . GLN A 1 115 ? 3.203   9.927   2.431   1.00 16.65 ? 121 GLN A CG  1 
ATOM   943  C  CD  . GLN A 1 115 ? 4.174   9.998   3.608   1.00 21.41 ? 121 GLN A CD  1 
ATOM   944  O  OE1 . GLN A 1 115 ? 3.772   10.252  4.709   1.00 24.31 ? 121 GLN A OE1 1 
ATOM   945  N  NE2 . GLN A 1 115 ? 5.470   9.890   3.332   1.00 24.31 ? 121 GLN A NE2 1 
ATOM   946  N  N   . LEU A 1 116 ? -0.436  7.238   1.251   1.00 11.18 ? 122 LEU A N   1 
ATOM   947  C  CA  . LEU A 1 116 ? -1.257  6.059   0.984   1.00 11.50 ? 122 LEU A CA  1 
ATOM   948  C  C   . LEU A 1 116 ? -1.426  5.760   -0.477  1.00 11.26 ? 122 LEU A C   1 
ATOM   949  O  O   . LEU A 1 116 ? -1.325  4.602   -0.902  1.00 11.75 ? 122 LEU A O   1 
ATOM   950  C  CB  . LEU A 1 116 ? -2.635  6.219   1.697   1.00 12.48 ? 122 LEU A CB  1 
ATOM   951  C  CG  . LEU A 1 116 ? -3.572  5.049   1.528   1.00 11.84 ? 122 LEU A CG  1 
ATOM   952  C  CD1 . LEU A 1 116 ? -3.071  3.723   2.183   1.00 12.65 ? 122 LEU A CD1 1 
ATOM   953  C  CD2 . LEU A 1 116 ? -4.895  5.469   2.187   1.00 14.10 ? 122 LEU A CD2 1 
ATOM   954  N  N   . HIS A 1 117 ? -1.705  6.795   -1.261  1.00 10.64 ? 123 HIS A N   1 
ATOM   955  C  CA  . HIS A 1 117 ? -1.889  6.597   -2.669  1.00 11.44 ? 123 HIS A CA  1 
ATOM   956  C  C   . HIS A 1 117 ? -0.659  6.159   -3.349  1.00 10.53 ? 123 HIS A C   1 
ATOM   957  O  O   . HIS A 1 117 ? -0.732  5.314   -4.234  1.00 11.22 ? 123 HIS A O   1 
ATOM   958  C  CB  . HIS A 1 117 ? -2.471  7.868   -3.284  1.00 11.99 ? 123 HIS A CB  1 
ATOM   959  C  CG  . HIS A 1 117 ? -3.894  8.108   -2.849  1.00 12.60 ? 123 HIS A CG  1 
ATOM   960  N  ND1 . HIS A 1 117 ? -4.901  7.574   -3.491  1.00 14.99 ? 123 HIS A ND1 1 
ATOM   961  C  CD2 . HIS A 1 117 ? -4.425  8.704   -1.719  1.00 13.80 ? 123 HIS A CD2 1 
ATOM   962  C  CE1 . HIS A 1 117 ? -6.034  7.791   -2.848  1.00 13.98 ? 123 HIS A CE1 1 
ATOM   963  N  NE2 . HIS A 1 117 ? -5.782  8.533   -1.785  1.00 14.05 ? 123 HIS A NE2 1 
ATOM   964  N  N   . LEU A 1 118 ? 0.509   6.665   -2.962  1.00 11.36 ? 124 LEU A N   1 
ATOM   965  C  CA  . LEU A 1 118 ? 1.730   6.216   -3.612  1.00 11.35 ? 124 LEU A CA  1 
ATOM   966  C  C   . LEU A 1 118 ? 2.144   4.800   -3.178  1.00 10.64 ? 124 LEU A C   1 
ATOM   967  O  O   . LEU A 1 118 ? 2.703   4.061   -3.943  1.00 10.73 ? 124 LEU A O   1 
ATOM   968  C  CB  . LEU A 1 118 ? 2.916   7.168   -3.362  1.00 11.33 ? 124 LEU A CB  1 
ATOM   969  C  CG  . LEU A 1 118 ? 2.762   8.548   -4.032  1.00 11.92 ? 124 LEU A CG  1 
ATOM   970  C  CD1 . LEU A 1 118 ? 3.851   9.503   -3.436  1.00 13.31 ? 124 LEU A CD1 1 
ATOM   971  C  CD2 . LEU A 1 118 ? 2.904   8.413   -5.546  1.00 11.85 ? 124 LEU A CD2 1 
ATOM   972  N  N   . PHE A 1 119 ? 1.809   4.437   -1.954  1.00 9.89  ? 125 PHE A N   1 
ATOM   973  C  CA  . PHE A 1 119 ? 2.020   3.070   -1.403  1.00 10.62 ? 125 PHE A CA  1 
ATOM   974  C  C   . PHE A 1 119 ? 1.187   2.076   -2.220  1.00 10.19 ? 125 PHE A C   1 
ATOM   975  O  O   . PHE A 1 119 ? 1.673   1.014   -2.582  1.00 10.02 ? 125 PHE A O   1 
ATOM   976  C  CB  . PHE A 1 119 ? 1.623   3.043   0.037   1.00 11.01 ? 125 PHE A CB  1 
ATOM   977  C  CG  . PHE A 1 119 ? 1.690   1.679   0.670   1.00 12.32 ? 125 PHE A CG  1 
ATOM   978  C  CD1 . PHE A 1 119 ? 2.806   1.248   1.326   1.00 11.79 ? 125 PHE A CD1 1 
ATOM   979  C  CD2 . PHE A 1 119 ? 0.571   0.887   0.677   1.00 11.92 ? 125 PHE A CD2 1 
ATOM   980  C  CE1 . PHE A 1 119 ? 2.809   0.027   1.977   1.00 11.89 ? 125 PHE A CE1 1 
ATOM   981  C  CE2 . PHE A 1 119 ? 0.570   -0.338  1.275   1.00 12.70 ? 125 PHE A CE2 1 
ATOM   982  C  CZ  . PHE A 1 119 ? 1.702   -0.782  1.920   1.00 12.24 ? 125 PHE A CZ  1 
ATOM   983  N  N   . LEU A 1 120 ? -0.062  2.401   -2.507  1.00 10.19 ? 126 LEU A N   1 
ATOM   984  C  CA  . LEU A 1 120 ? -0.995  1.480   -3.149  1.00 10.50 ? 126 LEU A CA  1 
ATOM   985  C  C   . LEU A 1 120 ? -0.899  1.501   -4.687  1.00 11.18 ? 126 LEU A C   1 
ATOM   986  O  O   . LEU A 1 120 ? -1.146  0.496   -5.340  1.00 11.21 ? 126 LEU A O   1 
ATOM   987  C  CB  . LEU A 1 120 ? -2.437  1.871   -2.776  1.00 11.51 ? 126 LEU A CB  1 
ATOM   988  C  CG  . LEU A 1 120 ? -2.832  1.661   -1.333  1.00 12.82 ? 126 LEU A CG  1 
ATOM   989  C  CD1 . LEU A 1 120 ? -4.229  2.254   -1.099  1.00 13.98 ? 126 LEU A CD1 1 
ATOM   990  C  CD2 . LEU A 1 120 ? -2.803  0.156   -0.950  1.00 14.68 ? 126 LEU A CD2 1 
ATOM   991  N  N   . GLN A 1 121 ? -0.581  2.675   -5.270  1.00 10.02 ? 127 GLN A N   1 
ATOM   992  C  CA  . GLN A 1 121 ? -0.721  2.829   -6.723  1.00 10.44 ? 127 GLN A CA  1 
ATOM   993  C  C   . GLN A 1 121 ? 0.524   3.263   -7.437  1.00 12.27 ? 127 GLN A C   1 
ATOM   994  O  O   . GLN A 1 121 ? 0.466   3.659   -8.605  1.00 12.85 ? 127 GLN A O   1 
ATOM   995  C  CB  . GLN A 1 121 ? -1.863  3.783   -7.057  1.00 10.65 ? 127 GLN A CB  1 
ATOM   996  C  CG  . GLN A 1 121 ? -3.222  3.436   -6.422  1.00 11.01 ? 127 GLN A CG  1 
ATOM   997  C  CD  . GLN A 1 121 ? -4.399  3.824   -7.333  1.00 11.05 ? 127 GLN A CD  1 
ATOM   998  O  OE1 . GLN A 1 121 ? -4.566  4.997   -7.631  1.00 11.81 ? 127 GLN A OE1 1 
ATOM   999  N  NE2 . GLN A 1 121 ? -5.250  2.840   -7.722  1.00 11.67 ? 127 GLN A NE2 1 
ATOM   1000 N  N   . SER A 1 122 ? 1.675   3.059   -6.793  1.00 11.62 ? 128 SER A N   1 
ATOM   1001 C  CA  . SER A 1 122 ? 2.950   3.171   -7.434  1.00 11.32 ? 128 SER A CA  1 
ATOM   1002 C  C   . SER A 1 122 ? 3.864   2.120   -6.832  1.00 11.19 ? 128 SER A C   1 
ATOM   1003 O  O   . SER A 1 122 ? 3.535   1.520   -5.816  1.00 10.67 ? 128 SER A O   1 
ATOM   1004 C  CB  . SER A 1 122 ? 3.600   4.568   -7.246  1.00 10.58 ? 128 SER A CB  1 
ATOM   1005 O  OG  . SER A 1 122 ? 4.260   4.692   -5.980  1.00 11.01 ? 128 SER A OG  1 
ATOM   1006 N  N   . GLN A 1 123 ? 4.999   1.924   -7.462  1.00 11.75 ? 129 GLN A N   1 
ATOM   1007 C  CA  . GLN A 1 123 ? 6.012   1.068   -6.902  1.00 13.51 ? 129 GLN A CA  1 
ATOM   1008 C  C   . GLN A 1 123 ? 7.206   1.890   -6.469  1.00 14.76 ? 129 GLN A C   1 
ATOM   1009 O  O   . GLN A 1 123 ? 8.355   1.387   -6.331  1.00 15.03 ? 129 GLN A O   1 
ATOM   1010 C  CB  . GLN A 1 123 ? 6.402   -0.025  -7.875  1.00 15.02 ? 129 GLN A CB  1 
ATOM   1011 C  CG  . GLN A 1 123 ? 7.117   -1.187  -7.256  1.00 16.69 ? 129 GLN A CG  1 
ATOM   1012 C  CD  . GLN A 1 123 ? 6.270   -1.977  -6.314  1.00 16.02 ? 129 GLN A CD  1 
ATOM   1013 O  OE1 . GLN A 1 123 ? 5.276   -2.660  -6.707  1.00 18.95 ? 129 GLN A OE1 1 
ATOM   1014 N  NE2 . GLN A 1 123 ? 6.652   -1.901  -5.057  1.00 16.88 ? 129 GLN A NE2 1 
ATOM   1015 N  N   . LEU A 1 124 ? 6.990   3.139   -6.126  1.00 13.78 ? 130 LEU A N   1 
ATOM   1016 C  CA  A LEU A 1 124 ? 8.050   3.926   -5.499  0.50 13.96 ? 130 LEU A CA  1 
ATOM   1017 C  CA  B LEU A 1 124 ? 8.040   3.944   -5.493  0.50 13.79 ? 130 LEU A CA  1 
ATOM   1018 C  C   . LEU A 1 124 ? 8.468   3.291   -4.162  1.00 13.06 ? 130 LEU A C   1 
ATOM   1019 O  O   . LEU A 1 124 ? 7.657   2.806   -3.377  1.00 13.33 ? 130 LEU A O   1 
ATOM   1020 C  CB  A LEU A 1 124 ? 7.594   5.348   -5.224  0.50 13.63 ? 130 LEU A CB  1 
ATOM   1021 C  CB  B LEU A 1 124 ? 7.562   5.371   -5.205  0.50 13.27 ? 130 LEU A CB  1 
ATOM   1022 C  CG  A LEU A 1 124 ? 7.210   6.208   -6.431  0.50 13.46 ? 130 LEU A CG  1 
ATOM   1023 C  CG  B LEU A 1 124 ? 7.700   6.456   -6.293  0.50 12.84 ? 130 LEU A CG  1 
ATOM   1024 C  CD1 A LEU A 1 124 ? 6.832   7.609   -5.956  0.50 13.71 ? 130 LEU A CD1 1 
ATOM   1025 C  CD1 B LEU A 1 124 ? 6.941   6.097   -7.576  0.50 12.89 ? 130 LEU A CD1 1 
ATOM   1026 C  CD2 A LEU A 1 124 ? 8.332   6.187   -7.482  0.50 13.95 ? 130 LEU A CD2 1 
ATOM   1027 C  CD2 B LEU A 1 124 ? 7.297   7.842   -5.775  0.50 13.23 ? 130 LEU A CD2 1 
ATOM   1028 N  N   . SER A 1 125 ? 9.769   3.340   -3.876  1.00 14.16 ? 131 SER A N   1 
ATOM   1029 C  CA  . SER A 1 125 ? 10.299  2.944   -2.573  1.00 12.45 ? 131 SER A CA  1 
ATOM   1030 C  C   . SER A 1 125 ? 9.838   3.902   -1.511  1.00 11.17 ? 131 SER A C   1 
ATOM   1031 O  O   . SER A 1 125 ? 9.427   5.028   -1.822  1.00 11.58 ? 131 SER A O   1 
ATOM   1032 C  CB  . SER A 1 125 ? 11.822  2.935   -2.584  1.00 13.32 ? 131 SER A CB  1 
ATOM   1033 O  OG  . SER A 1 125 ? 12.312  4.216   -2.641  1.00 14.36 ? 131 SER A OG  1 
ATOM   1034 N  N   . VAL A 1 126 ? 9.840   3.450   -0.272  1.00 12.31 ? 132 VAL A N   1 
ATOM   1035 C  CA  . VAL A 1 126 ? 9.569   4.368   0.836   1.00 13.08 ? 132 VAL A CA  1 
ATOM   1036 C  C   . VAL A 1 126 ? 10.349  5.704   0.805   1.00 13.29 ? 132 VAL A C   1 
ATOM   1037 O  O   . VAL A 1 126 ? 9.733   6.770   0.858   1.00 13.76 ? 132 VAL A O   1 
ATOM   1038 C  CB  . VAL A 1 126 ? 9.611   3.667   2.198   1.00 13.29 ? 132 VAL A CB  1 
ATOM   1039 C  CG1 . VAL A 1 126 ? 9.697   4.687   3.340   1.00 15.01 ? 132 VAL A CG1 1 
ATOM   1040 C  CG2 . VAL A 1 126 ? 8.381   2.722   2.310   1.00 14.61 ? 132 VAL A CG2 1 
ATOM   1041 N  N   . PRO A 1 127 ? 11.668  5.670   0.591   1.00 13.35 ? 133 PRO A N   1 
ATOM   1042 C  CA  . PRO A 1 127 ? 12.373  6.926   0.510   1.00 13.82 ? 133 PRO A CA  1 
ATOM   1043 C  C   . PRO A 1 127 ? 11.911  7.778   -0.659  1.00 12.12 ? 133 PRO A C   1 
ATOM   1044 O  O   . PRO A 1 127 ? 11.854  8.982   -0.520  1.00 14.03 ? 133 PRO A O   1 
ATOM   1045 C  CB  . PRO A 1 127 ? 13.826  6.476   0.358   1.00 14.31 ? 133 PRO A CB  1 
ATOM   1046 C  CG  . PRO A 1 127 ? 13.866  5.183   1.049   1.00 15.85 ? 133 PRO A CG  1 
ATOM   1047 C  CD  . PRO A 1 127 ? 12.561  4.530   0.737   1.00 13.84 ? 133 PRO A CD  1 
ATOM   1048 N  N   . GLU A 1 128 ? 11.578  7.154   -1.785  1.00 11.97 ? 134 GLU A N   1 
ATOM   1049 C  CA  . GLU A 1 128 ? 11.039  7.860   -2.951  1.00 12.91 ? 134 GLU A CA  1 
ATOM   1050 C  C   . GLU A 1 128 ? 9.675   8.508   -2.650  1.00 13.02 ? 134 GLU A C   1 
ATOM   1051 O  O   . GLU A 1 128 ? 9.375   9.649   -3.084  1.00 12.83 ? 134 GLU A O   1 
ATOM   1052 C  CB  . GLU A 1 128 ? 10.985  6.959   -4.174  1.00 14.43 ? 134 GLU A CB  1 
ATOM   1053 C  CG  . GLU A 1 128 ? 12.321  6.621   -4.842  1.00 17.45 ? 134 GLU A CG  1 
ATOM   1054 C  CD  . GLU A 1 128 ? 12.199  5.590   -5.937  1.00 21.29 ? 134 GLU A CD  1 
ATOM   1055 O  OE1 . GLU A 1 128 ? 11.391  4.642   -5.890  1.00 18.66 ? 134 GLU A OE1 1 
ATOM   1056 O  OE2 . GLU A 1 128 ? 13.000  5.707   -6.873  1.00 25.72 ? 134 GLU A OE2 1 
ATOM   1057 N  N   . ILE A 1 129 ? 8.830   7.770   -1.932  1.00 11.88 ? 135 ILE A N   1 
ATOM   1058 C  CA  . ILE A 1 129 ? 7.506   8.303   -1.576  1.00 11.81 ? 135 ILE A CA  1 
ATOM   1059 C  C   . ILE A 1 129 ? 7.637   9.556   -0.693  1.00 11.78 ? 135 ILE A C   1 
ATOM   1060 O  O   . ILE A 1 129 ? 7.007   10.561  -0.966  1.00 13.06 ? 135 ILE A O   1 
ATOM   1061 C  CB  . ILE A 1 129 ? 6.642   7.265   -0.817  1.00 11.96 ? 135 ILE A CB  1 
ATOM   1062 C  CG1 . ILE A 1 129 ? 6.303   6.077   -1.713  1.00 11.66 ? 135 ILE A CG1 1 
ATOM   1063 C  CG2 . ILE A 1 129 ? 5.389   8.004   -0.255  1.00 12.65 ? 135 ILE A CG2 1 
ATOM   1064 C  CD1 . ILE A 1 129 ? 5.513   4.992   -0.980  1.00 11.76 ? 135 ILE A CD1 1 
ATOM   1065 N  N   . GLU A 1 130 ? 8.509   9.465   0.309   1.00 12.94 ? 136 GLU A N   1 
ATOM   1066 C  CA  . GLU A 1 130 ? 8.779   10.552  1.208   1.00 15.28 ? 136 GLU A CA  1 
ATOM   1067 C  C   . GLU A 1 130 ? 9.276   11.810  0.438   1.00 15.55 ? 136 GLU A C   1 
ATOM   1068 O  O   . GLU A 1 130 ? 8.797   12.928  0.615   1.00 16.00 ? 136 GLU A O   1 
ATOM   1069 C  CB  . GLU A 1 130 ? 9.772   10.094  2.247   1.00 17.10 ? 136 GLU A CB  1 
ATOM   1070 C  CG  . GLU A 1 130 ? 9.118   9.185   3.303   1.00 18.41 ? 136 GLU A CG  1 
ATOM   1071 C  CD  . GLU A 1 130 ? 10.020  8.789   4.454   1.00 24.70 ? 136 GLU A CD  1 
ATOM   1072 O  OE1 . GLU A 1 130 ? 11.252  8.908   4.327   1.00 31.82 ? 136 GLU A OE1 1 
ATOM   1073 O  OE2 . GLU A 1 130 ? 9.510   8.305   5.477   1.00 26.16 ? 136 GLU A OE2 1 
ATOM   1074 N  N   . ALA A 1 131 ? 10.204  11.579  -0.483  1.00 14.95 ? 137 ALA A N   1 
ATOM   1075 C  CA  . ALA A 1 131 ? 10.701  12.675  -1.306  1.00 15.67 ? 137 ALA A CA  1 
ATOM   1076 C  C   . ALA A 1 131 ? 9.639   13.289  -2.159  1.00 15.15 ? 137 ALA A C   1 
ATOM   1077 O  O   . ALA A 1 131 ? 9.585   14.477  -2.320  1.00 15.61 ? 137 ALA A O   1 
ATOM   1078 C  CB  . ALA A 1 131 ? 11.886  12.186  -2.187  1.00 17.01 ? 137 ALA A CB  1 
ATOM   1079 N  N   . CYS A 1 132 ? 8.784   12.450  -2.749  1.00 14.25 ? 138 CYS A N   1 
ATOM   1080 C  CA  . CYS A 1 132 ? 7.760   12.856  -3.662  1.00 14.92 ? 138 CYS A CA  1 
ATOM   1081 C  C   . CYS A 1 132 ? 6.762   13.710  -2.946  1.00 16.07 ? 138 CYS A C   1 
ATOM   1082 O  O   . CYS A 1 132 ? 6.449   14.832  -3.430  1.00 17.69 ? 138 CYS A O   1 
ATOM   1083 C  CB  . CYS A 1 132 ? 7.093   11.628  -4.316  1.00 15.03 ? 138 CYS A CB  1 
ATOM   1084 S  SG  . CYS A 1 132 ? 5.830   12.113  -5.510  1.00 19.18 ? 138 CYS A SG  1 
ATOM   1085 N  N   . VAL A 1 133 ? 6.270   13.274  -1.775  1.00 16.36 ? 139 VAL A N   1 
ATOM   1086 C  CA  . VAL A 1 133 ? 5.296   14.095  -1.088  1.00 17.51 ? 139 VAL A CA  1 
ATOM   1087 C  C   . VAL A 1 133 ? 5.867   15.355  -0.424  1.00 20.45 ? 139 VAL A C   1 
ATOM   1088 O  O   . VAL A 1 133 ? 5.101   16.318  -0.172  1.00 22.04 ? 139 VAL A O   1 
ATOM   1089 C  CB  . VAL A 1 133 ? 4.473   13.282  -0.050  1.00 18.67 ? 139 VAL A CB  1 
ATOM   1090 C  CG1 . VAL A 1 133 ? 3.881   12.016  -0.630  1.00 17.74 ? 139 VAL A CG1 1 
ATOM   1091 C  CG2 . VAL A 1 133 ? 5.297   12.952  1.160   1.00 17.00 ? 139 VAL A CG2 1 
ATOM   1092 N  N   . GLN A 1 134 ? 7.183   15.395  -0.237  1.00 19.52 ? 140 GLN A N   1 
ATOM   1093 C  CA  . GLN A 1 134 ? 7.907   16.555  0.296   1.00 21.67 ? 140 GLN A CA  1 
ATOM   1094 C  C   . GLN A 1 134 ? 8.342   17.486  -0.822  1.00 21.27 ? 140 GLN A C   1 
ATOM   1095 O  O   . GLN A 1 134 ? 8.945   18.530  -0.558  1.00 24.71 ? 140 GLN A O   1 
ATOM   1096 C  CB  . GLN A 1 134 ? 9.037   16.110  1.209   1.00 25.74 ? 140 GLN A CB  1 
ATOM   1097 C  CG  . GLN A 1 134 ? 8.481   15.671  2.558   1.00 28.52 ? 140 GLN A CG  1 
ATOM   1098 C  CD  . GLN A 1 134 ? 9.475   14.989  3.496   1.00 35.75 ? 140 GLN A CD  1 
ATOM   1099 O  OE1 . GLN A 1 134 ? 10.510  15.561  3.862   1.00 39.58 ? 140 GLN A OE1 1 
ATOM   1100 N  NE2 . GLN A 1 134 ? 9.146   13.771  3.917   1.00 38.83 ? 140 GLN A NE2 1 
ATOM   1101 N  N   . GLY A 1 135 ? 8.024   17.150  -2.050  1.00 17.15 ? 141 GLY A N   1 
ATOM   1102 C  CA  . GLY A 1 135 ? 8.234   18.050  -3.197  1.00 20.16 ? 141 GLY A CA  1 
ATOM   1103 C  C   . GLY A 1 135 ? 9.667   18.025  -3.709  1.00 20.76 ? 141 GLY A C   1 
ATOM   1104 O  O   . GLY A 1 135 ? 10.055  18.909  -4.497  1.00 22.38 ? 141 GLY A O   1 
ATOM   1105 N  N   . ARG A 1 136 ? 10.424  16.986  -3.365  1.00 19.96 ? 142 ARG A N   1 
ATOM   1106 C  CA  A ARG A 1 136 ? 11.823  16.924  -3.765  0.50 19.90 ? 142 ARG A CA  1 
ATOM   1107 C  CA  B ARG A 1 136 ? 11.849  16.858  -3.717  0.50 19.06 ? 142 ARG A CA  1 
ATOM   1108 C  C   . ARG A 1 136 ? 12.058  16.064  -5.017  1.00 20.47 ? 142 ARG A C   1 
ATOM   1109 O  O   . ARG A 1 136 ? 13.161  16.067  -5.582  1.00 19.33 ? 142 ARG A O   1 
ATOM   1110 C  CB  A ARG A 1 136 ? 12.666  16.455  -2.589  0.50 20.84 ? 142 ARG A CB  1 
ATOM   1111 C  CB  B ARG A 1 136 ? 12.640  16.146  -2.603  0.50 19.02 ? 142 ARG A CB  1 
ATOM   1112 C  CG  A ARG A 1 136 ? 12.744  17.473  -1.448  0.50 22.69 ? 142 ARG A CG  1 
ATOM   1113 C  CG  B ARG A 1 136 ? 12.610  16.769  -1.208  0.50 19.37 ? 142 ARG A CG  1 
ATOM   1114 C  CD  A ARG A 1 136 ? 13.803  17.040  -0.465  0.50 24.56 ? 142 ARG A CD  1 
ATOM   1115 C  CD  B ARG A 1 136 ? 13.695  16.164  -0.323  0.50 21.09 ? 142 ARG A CD  1 
ATOM   1116 N  NE  A ARG A 1 136 ? 14.200  18.053  0.520   0.50 27.30 ? 142 ARG A NE  1 
ATOM   1117 N  NE  B ARG A 1 136 ? 13.353  14.879  0.288   0.50 22.69 ? 142 ARG A NE  1 
ATOM   1118 C  CZ  A ARG A 1 136 ? 13.551  18.298  1.659   0.50 28.83 ? 142 ARG A CZ  1 
ATOM   1119 C  CZ  B ARG A 1 136 ? 12.644  14.770  1.409   0.50 24.94 ? 142 ARG A CZ  1 
ATOM   1120 N  NH1 A ARG A 1 136 ? 12.442  17.632  1.968   0.50 29.68 ? 142 ARG A NH1 1 
ATOM   1121 N  NH1 B ARG A 1 136 ? 12.250  15.879  2.037   0.50 28.32 ? 142 ARG A NH1 1 
ATOM   1122 N  NH2 A ARG A 1 136 ? 14.021  19.213  2.489   0.50 30.34 ? 142 ARG A NH2 1 
ATOM   1123 N  NH2 B ARG A 1 136 ? 12.341  13.574  1.916   0.50 25.20 ? 142 ARG A NH2 1 
ATOM   1124 N  N   . SER A 1 137 ? 11.027  15.348  -5.479  1.00 19.99 ? 143 SER A N   1 
ATOM   1125 C  CA  A SER A 1 137 ? 11.143  14.500  -6.654  0.50 19.93 ? 143 SER A CA  1 
ATOM   1126 C  CA  B SER A 1 137 ? 11.114  14.496  -6.660  0.50 20.01 ? 143 SER A CA  1 
ATOM   1127 C  C   . SER A 1 137 ? 10.900  15.313  -7.924  1.00 18.99 ? 143 SER A C   1 
ATOM   1128 O  O   . SER A 1 137 ? 10.320  16.362  -7.899  1.00 20.25 ? 143 SER A O   1 
ATOM   1129 C  CB  A SER A 1 137 ? 10.134  13.331  -6.580  0.50 21.09 ? 143 SER A CB  1 
ATOM   1130 C  CB  B SER A 1 137 ? 10.039  13.376  -6.610  0.50 21.13 ? 143 SER A CB  1 
ATOM   1131 O  OG  A SER A 1 137 ? 10.531  12.291  -7.448  0.50 22.42 ? 143 SER A OG  1 
ATOM   1132 O  OG  B SER A 1 137 ? 8.758   13.869  -6.975  0.50 22.89 ? 143 SER A OG  1 
ATOM   1133 N  N   . THR A 1 138 ? 11.320  14.760  -9.063  1.00 19.36 ? 144 THR A N   1 
ATOM   1134 C  CA  . THR A 1 138 ? 11.070  15.404  -10.335 1.00 20.64 ? 144 THR A CA  1 
ATOM   1135 C  C   . THR A 1 138 ? 9.605   15.335  -10.858 1.00 21.48 ? 144 THR A C   1 
ATOM   1136 O  O   . THR A 1 138 ? 9.253   16.050  -11.790 1.00 27.19 ? 144 THR A O   1 
ATOM   1137 C  CB  . THR A 1 138 ? 12.039  14.851  -11.409 1.00 20.92 ? 144 THR A CB  1 
ATOM   1138 O  OG1 . THR A 1 138 ? 11.928  13.419  -11.442 1.00 26.32 ? 144 THR A OG1 1 
ATOM   1139 C  CG2 . THR A 1 138 ? 13.501  15.187  -11.137 1.00 22.02 ? 144 THR A CG2 1 
ATOM   1140 N  N   . MET A 1 139 ? 8.770   14.518  -10.181 1.00 25.36 ? 145 MET A N   1 
ATOM   1141 C  CA  A MET A 1 139 ? 7.374   14.407  -10.607 0.50 23.05 ? 145 MET A CA  1 
ATOM   1142 C  CA  B MET A 1 139 ? 7.402   14.140  -10.548 0.50 25.26 ? 145 MET A CA  1 
ATOM   1143 C  C   . MET A 1 139 ? 6.472   14.522  -9.414  1.00 22.55 ? 145 MET A C   1 
ATOM   1144 O  O   . MET A 1 139 ? 6.885   14.320  -8.252  1.00 20.74 ? 145 MET A O   1 
ATOM   1145 C  CB  A MET A 1 139 ? 7.048   13.119  -11.383 0.50 22.19 ? 145 MET A CB  1 
ATOM   1146 C  CB  B MET A 1 139 ? 7.356   12.611  -10.569 0.50 28.28 ? 145 MET A CB  1 
ATOM   1147 C  CG  A MET A 1 139 ? 6.960   11.842  -10.530 0.50 22.49 ? 145 MET A CG  1 
ATOM   1148 C  CG  B MET A 1 139 ? 6.568   11.938  -11.661 0.50 29.48 ? 145 MET A CG  1 
ATOM   1149 S  SD  A MET A 1 139 ? 8.452   11.561  -9.586  0.50 22.32 ? 145 MET A SD  1 
ATOM   1150 S  SD  B MET A 1 139 ? 7.369   10.323  -11.712 0.50 34.95 ? 145 MET A SD  1 
ATOM   1151 C  CE  A MET A 1 139 ? 8.340   9.882   -8.921  0.50 24.09 ? 145 MET A CE  1 
ATOM   1152 C  CE  B MET A 1 139 ? 8.979   10.799  -11.042 0.50 31.37 ? 145 MET A CE  1 
ATOM   1153 N  N   . THR A 1 140 ? 5.265   14.923  -9.770  1.00 22.10 ? 146 THR A N   1 
ATOM   1154 C  CA  . THR A 1 140 ? 4.165   15.079  -8.849  1.00 21.15 ? 146 THR A CA  1 
ATOM   1155 C  C   . THR A 1 140 ? 3.683   13.701  -8.382  1.00 18.61 ? 146 THR A C   1 
ATOM   1156 O  O   . THR A 1 140 ? 3.911   12.671  -9.010  1.00 17.00 ? 146 THR A O   1 
ATOM   1157 C  CB  . THR A 1 140 ? 3.009   15.863  -9.478  1.00 22.14 ? 146 THR A CB  1 
ATOM   1158 O  OG1 . THR A 1 140 ? 2.348   15.174  -10.517 1.00 22.14 ? 146 THR A OG1 1 
ATOM   1159 C  CG2 . THR A 1 140 ? 3.518   17.242  -10.045 1.00 26.04 ? 146 THR A CG2 1 
ATOM   1160 N  N   . VAL A 1 141 ? 2.988   13.699  -7.257  1.00 16.66 ? 147 VAL A N   1 
ATOM   1161 C  CA  . VAL A 1 141 ? 2.239   12.487  -6.845  1.00 16.25 ? 147 VAL A CA  1 
ATOM   1162 C  C   . VAL A 1 141 ? 1.383   11.911  -7.997  1.00 15.55 ? 147 VAL A C   1 
ATOM   1163 O  O   . VAL A 1 141 ? 1.406   10.713  -8.306  1.00 13.57 ? 147 VAL A O   1 
ATOM   1164 C  CB  . VAL A 1 141 ? 1.375   12.801  -5.611  1.00 16.06 ? 147 VAL A CB  1 
ATOM   1165 C  CG1 . VAL A 1 141 ? 0.463   11.624  -5.242  1.00 15.64 ? 147 VAL A CG1 1 
ATOM   1166 C  CG2 . VAL A 1 141 ? 2.222   13.176  -4.449  1.00 17.39 ? 147 VAL A CG2 1 
ATOM   1167 N  N   . SER A 1 142 ? 0.563   12.753  -8.642  1.00 17.15 ? 148 SER A N   1 
ATOM   1168 C  CA  . SER A 1 142 ? -0.261  12.312  -9.785  1.00 18.16 ? 148 SER A CA  1 
ATOM   1169 C  C   . SER A 1 142 ? 0.556   11.706  -10.921 1.00 16.63 ? 148 SER A C   1 
ATOM   1170 O  O   . SER A 1 142 ? 0.239   10.631  -11.496 1.00 17.91 ? 148 SER A O   1 
ATOM   1171 C  CB  . SER A 1 142 ? -1.037  13.544  -10.294 1.00 21.54 ? 148 SER A CB  1 
ATOM   1172 O  OG  . SER A 1 142 ? -1.710  13.219  -11.513 1.00 25.91 ? 148 SER A OG  1 
ATOM   1173 N  N   . ASP A 1 143 ? 1.646   12.344  -11.262 1.00 16.81 ? 149 ASP A N   1 
ATOM   1174 C  CA  . ASP A 1 143 ? 2.418   11.794  -12.362 1.00 20.05 ? 149 ASP A CA  1 
ATOM   1175 C  C   . ASP A 1 143 ? 3.118   10.474  -12.030 1.00 16.10 ? 149 ASP A C   1 
ATOM   1176 O  O   . ASP A 1 143 ? 3.190   9.615   -12.900 1.00 17.31 ? 149 ASP A O   1 
ATOM   1177 C  CB  . ASP A 1 143 ? 3.332   12.856  -12.957 1.00 22.87 ? 149 ASP A CB  1 
ATOM   1178 C  CG  . ASP A 1 143 ? 2.572   13.866  -13.819 1.00 27.51 ? 149 ASP A CG  1 
ATOM   1179 O  OD1 . ASP A 1 143 ? 1.468   13.580  -14.395 1.00 25.44 ? 149 ASP A OD1 1 
ATOM   1180 O  OD2 . ASP A 1 143 ? 3.134   14.959  -13.963 1.00 32.37 ? 149 ASP A OD2 1 
ATOM   1181 N  N   . ALA A 1 144 ? 3.517   10.289  -10.764 1.00 14.68 ? 150 ALA A N   1 
ATOM   1182 C  CA  . ALA A 1 144 ? 4.097   9.024   -10.331 1.00 14.04 ? 150 ALA A CA  1 
ATOM   1183 C  C   . ALA A 1 144 ? 3.064   7.885   -10.538 1.00 12.82 ? 150 ALA A C   1 
ATOM   1184 O  O   . ALA A 1 144 ? 3.388   6.810   -11.054 1.00 12.55 ? 150 ALA A O   1 
ATOM   1185 C  CB  . ALA A 1 144 ? 4.572   9.054   -8.875  1.00 14.17 ? 150 ALA A CB  1 
ATOM   1186 N  N   . ILE A 1 145 ? 1.820   8.186   -10.103 1.00 13.09 ? 151 ILE A N   1 
ATOM   1187 C  CA  . ILE A 1 145 ? 0.733   7.218   -10.178 1.00 13.21 ? 151 ILE A CA  1 
ATOM   1188 C  C   . ILE A 1 145 ? 0.286   6.957   -11.630 1.00 11.99 ? 151 ILE A C   1 
ATOM   1189 O  O   . ILE A 1 145 ? 0.157   5.812   -12.086 1.00 14.25 ? 151 ILE A O   1 
ATOM   1190 C  CB  . ILE A 1 145 ? -0.414  7.642   -9.302  1.00 12.48 ? 151 ILE A CB  1 
ATOM   1191 C  CG1 . ILE A 1 145 ? 0.002   7.567   -7.827  1.00 12.64 ? 151 ILE A CG1 1 
ATOM   1192 C  CG2 . ILE A 1 145 ? -1.642  6.708   -9.514  1.00 12.44 ? 151 ILE A CG2 1 
ATOM   1193 C  CD1 . ILE A 1 145 ? -0.834  8.270   -6.814  1.00 13.98 ? 151 ILE A CD1 1 
ATOM   1194 N  N   . LEU A 1 146 ? 0.205   8.023   -12.410 1.00 14.03 ? 152 LEU A N   1 
ATOM   1195 C  CA  . LEU A 1 146 ? -0.116  7.839   -13.816 1.00 14.79 ? 152 LEU A CA  1 
ATOM   1196 C  C   . LEU A 1 146 ? 0.910   7.144   -14.628 1.00 14.34 ? 152 LEU A C   1 
ATOM   1197 O  O   . LEU A 1 146 ? 0.598   6.329   -15.499 1.00 15.20 ? 152 LEU A O   1 
ATOM   1198 C  CB  . LEU A 1 146 ? -0.486  9.182   -14.433 1.00 17.21 ? 152 LEU A CB  1 
ATOM   1199 C  CG  . LEU A 1 146 ? -1.624  9.941   -13.765 1.00 20.02 ? 152 LEU A CG  1 
ATOM   1200 C  CD1 . LEU A 1 146 ? -1.611  11.415  -14.211 1.00 22.72 ? 152 LEU A CD1 1 
ATOM   1201 C  CD2 . LEU A 1 146 ? -2.911  9.247   -14.094 1.00 23.24 ? 152 LEU A CD2 1 
ATOM   1202 N  N   . ARG A 1 147 ? 2.201   7.416   -14.384 1.00 15.25 ? 153 ARG A N   1 
ATOM   1203 C  CA  . ARG A 1 147 ? 3.241   6.736   -15.065 1.00 16.46 ? 153 ARG A CA  1 
ATOM   1204 C  C   . ARG A 1 147 ? 3.238   5.239   -14.763 1.00 16.85 ? 153 ARG A C   1 
ATOM   1205 O  O   . ARG A 1 147 ? 3.446   4.438   -15.651 1.00 19.30 ? 153 ARG A O   1 
ATOM   1206 C  CB  . ARG A 1 147 ? 4.613   7.375   -14.733 1.00 16.86 ? 153 ARG A CB  1 
ATOM   1207 C  CG  . ARG A 1 147 ? 4.726   8.777   -15.345 1.00 18.52 ? 153 ARG A CG  1 
ATOM   1208 C  CD  . ARG A 1 147 ? 6.003   9.514   -14.933 1.00 19.18 ? 153 ARG A CD  1 
ATOM   1209 N  NE  . ARG A 1 147 ? 5.872   10.923  -15.251 1.00 22.51 ? 153 ARG A NE  1 
ATOM   1210 C  CZ  . ARG A 1 147 ? 6.837   11.817  -15.020 1.00 23.93 ? 153 ARG A CZ  1 
ATOM   1211 N  NH1 . ARG A 1 147 ? 7.961   11.405  -14.486 1.00 24.10 ? 153 ARG A NH1 1 
ATOM   1212 N  NH2 . ARG A 1 147 ? 6.669   13.085  -15.343 1.00 27.38 ? 153 ARG A NH2 1 
ATOM   1213 N  N   . TYR A 1 148 ? 2.989   4.881   -13.496 1.00 15.10 ? 154 TYR A N   1 
ATOM   1214 C  CA  . TYR A 1 148 ? 2.930   3.509   -13.131 1.00 16.04 ? 154 TYR A CA  1 
ATOM   1215 C  C   . TYR A 1 148 ? 1.739   2.856   -13.825 1.00 17.29 ? 154 TYR A C   1 
ATOM   1216 O  O   . TYR A 1 148 ? 1.851   1.727   -14.295 1.00 19.88 ? 154 TYR A O   1 
ATOM   1217 C  CB  . TYR A 1 148 ? 2.792   3.371   -11.612 1.00 14.91 ? 154 TYR A CB  1 
ATOM   1218 C  CG  . TYR A 1 148 ? 2.898   1.921   -11.192 1.00 14.23 ? 154 TYR A CG  1 
ATOM   1219 C  CD1 . TYR A 1 148 ? 4.093   1.252   -11.209 1.00 14.37 ? 154 TYR A CD1 1 
ATOM   1220 C  CD2 . TYR A 1 148 ? 1.769   1.231   -10.782 1.00 13.63 ? 154 TYR A CD2 1 
ATOM   1221 C  CE1 . TYR A 1 148 ? 4.185   -0.070  -10.814 1.00 15.51 ? 154 TYR A CE1 1 
ATOM   1222 C  CE2 . TYR A 1 148 ? 1.847   -0.133  -10.424 1.00 14.76 ? 154 TYR A CE2 1 
ATOM   1223 C  CZ  . TYR A 1 148 ? 3.062   -0.755  -10.439 1.00 15.03 ? 154 TYR A CZ  1 
ATOM   1224 O  OH  . TYR A 1 148 ? 3.171   -2.093  -10.093 1.00 17.92 ? 154 TYR A OH  1 
ATOM   1225 N  N   . ALA A 1 149 ? 0.618   3.541   -13.858 1.00 17.58 ? 155 ALA A N   1 
ATOM   1226 C  CA  . ALA A 1 149 ? -0.587  2.985   -14.494 1.00 20.28 ? 155 ALA A CA  1 
ATOM   1227 C  C   . ALA A 1 149 ? -0.320  2.711   -15.955 1.00 27.80 ? 155 ALA A C   1 
ATOM   1228 O  O   . ALA A 1 149 ? -0.606  1.606   -16.435 1.00 28.69 ? 155 ALA A O   1 
ATOM   1229 C  CB  . ALA A 1 149 ? -1.765  3.895   -14.345 1.00 21.63 ? 155 ALA A CB  1 
ATOM   1230 N  N   . MET A 1 150 ? 0.238   3.699   -16.643 1.00 28.32 ? 156 MET A N   1 
ATOM   1231 C  CA  A MET A 1 150 ? 0.438   3.587   -18.086 0.50 31.40 ? 156 MET A CA  1 
ATOM   1232 C  CA  B MET A 1 150 ? 0.453   3.595   -18.093 0.50 34.17 ? 156 MET A CA  1 
ATOM   1233 C  C   . MET A 1 150 ? 1.535   2.583   -18.442 1.00 34.60 ? 156 MET A C   1 
ATOM   1234 O  O   . MET A 1 150 ? 1.541   2.040   -19.535 1.00 39.28 ? 156 MET A O   1 
ATOM   1235 C  CB  A MET A 1 150 ? 0.730   4.958   -18.694 0.50 29.14 ? 156 MET A CB  1 
ATOM   1236 C  CB  B MET A 1 150 ? 0.799   4.953   -18.717 0.50 35.89 ? 156 MET A CB  1 
ATOM   1237 C  CG  A MET A 1 150 ? -0.397  5.971   -18.525 0.50 29.37 ? 156 MET A CG  1 
ATOM   1238 C  CG  B MET A 1 150 ? 0.478   5.023   -20.210 0.50 40.39 ? 156 MET A CG  1 
ATOM   1239 S  SD  A MET A 1 150 ? -2.040  5.459   -19.098 0.50 31.87 ? 156 MET A SD  1 
ATOM   1240 S  SD  B MET A 1 150 ? 1.351   6.312   -21.129 0.50 47.11 ? 156 MET A SD  1 
ATOM   1241 C  CE  A MET A 1 150 ? -1.639  5.264   -20.837 0.50 29.82 ? 156 MET A CE  1 
ATOM   1242 C  CE  B MET A 1 150 ? 0.653   6.060   -22.761 0.50 43.94 ? 156 MET A CE  1 
ATOM   1243 N  N   . SER A 1 151 ? 2.466   2.330   -17.517 1.00 35.34 ? 157 SER A N   1 
ATOM   1244 C  CA  . SER A 1 151 ? 3.446   1.270   -17.716 1.00 39.10 ? 157 SER A CA  1 
ATOM   1245 C  C   . SER A 1 151 ? 2.674   -0.034  -17.533 1.00 44.82 ? 157 SER A C   1 
ATOM   1246 O  O   . SER A 1 151 ? 1.532   -0.027  -17.060 1.00 45.99 ? 157 SER A O   1 
ATOM   1247 C  CB  . SER A 1 151 ? 4.592   1.349   -16.709 1.00 37.34 ? 157 SER A CB  1 
ATOM   1248 O  OG  . SER A 1 151 ? 4.260   0.702   -15.479 1.00 33.16 ? 157 SER A OG  1 
ATOM   1249 N  N   . ASN A 1 152 ? 3.287   -1.152  -17.878 1.00 51.72 ? 158 ASN A N   1 
ATOM   1250 C  CA  . ASN A 1 152 ? 2.597   -2.438  -17.727 1.00 60.02 ? 158 ASN A CA  1 
ATOM   1251 C  C   . ASN A 1 152 ? 3.102   -3.219  -16.508 1.00 61.39 ? 158 ASN A C   1 
ATOM   1252 O  O   . ASN A 1 152 ? 2.898   -4.433  -16.422 1.00 63.48 ? 158 ASN A O   1 
ATOM   1253 C  CB  . ASN A 1 152 ? 2.774   -3.273  -19.010 1.00 63.66 ? 158 ASN A CB  1 
ATOM   1254 C  CG  . ASN A 1 152 ? 1.539   -4.094  -19.372 1.00 65.38 ? 158 ASN A CG  1 
ATOM   1255 O  OD1 . ASN A 1 152 ? 1.325   -4.411  -20.542 1.00 67.55 ? 158 ASN A OD1 1 
ATOM   1256 N  ND2 . ASN A 1 152 ? 0.723   -4.436  -18.377 1.00 65.77 ? 158 ASN A ND2 1 
ATOM   1257 N  N   . CYS A 1 153 ? 3.733   -2.523  -15.556 1.00 64.36 ? 159 CYS A N   1 
ATOM   1258 C  CA  . CYS A 1 153 ? 4.510   -3.191  -14.489 1.00 64.98 ? 159 CYS A CA  1 
ATOM   1259 C  C   . CYS A 1 153 ? 3.678   -4.023  -13.509 1.00 65.50 ? 159 CYS A C   1 
ATOM   1260 O  O   . CYS A 1 153 ? 4.113   -5.105  -13.100 1.00 64.97 ? 159 CYS A O   1 
ATOM   1261 C  CB  . CYS A 1 153 ? 5.354   -2.178  -13.711 1.00 67.18 ? 159 CYS A CB  1 
ATOM   1262 S  SG  . CYS A 1 153 ? 6.653   -1.435  -14.719 1.00 71.00 ? 159 CYS A SG  1 
ATOM   1263 N  N   . GLY A 1 154 ? 2.500   -3.526  -13.134 1.00 60.92 ? 160 GLY A N   1 
ATOM   1264 C  CA  . GLY A 1 154 ? 1.625   -4.234  -12.192 1.00 62.47 ? 160 GLY A CA  1 
ATOM   1265 C  C   . GLY A 1 154 ? 1.392   -5.705  -12.511 1.00 62.00 ? 160 GLY A C   1 
ATOM   1266 O  O   . GLY A 1 154 ? 1.391   -6.107  -13.677 1.00 65.82 ? 160 GLY A O   1 
HETATM 1267 CL CL  . CL  B 2 .   ? -4.648  10.542  -5.408  1.00 65.13 ? 201 CL  A CL  1 
HETATM 1268 CL CL  . CL  C 2 .   ? -7.382  -1.682  14.644  1.00 61.03 ? 202 CL  A CL  1 
HETATM 1269 CL CL  . CL  D 2 .   ? -7.378  -9.902  -7.999  1.00 59.36 ? 203 CL  A CL  1 
HETATM 1270 NA NA  . NA  E 3 .   ? 3.343   7.933   -18.867 1.00 37.58 ? 204 NA  A NA  1 
HETATM 1271 NA NA  . NA  F 3 .   ? -13.024 13.888  -9.949  1.00 38.71 ? 205 NA  A NA  1 
HETATM 1272 NA NA  . NA  G 3 .   ? 7.799   7.635   -11.239 1.00 41.37 ? 206 NA  A NA  1 
HETATM 1273 NA NA  . NA  H 3 .   ? 8.036   -12.742 6.675   1.00 34.67 ? 207 NA  A NA  1 
HETATM 1274 O  O   . HOH I 4 .   ? -4.445  7.371   -6.277  1.00 13.02 ? 301 HOH A O   1 
HETATM 1275 O  O   . HOH I 4 .   ? -2.916  -1.572  -5.544  1.00 13.71 ? 302 HOH A O   1 
HETATM 1276 O  O   . HOH I 4 .   ? -2.195  1.333   -11.888 1.00 19.71 ? 303 HOH A O   1 
HETATM 1277 O  O   . HOH I 4 .   ? 7.191   -8.939  4.603   1.00 16.94 ? 304 HOH A O   1 
HETATM 1278 O  O   . HOH I 4 .   ? -1.062  3.484   -10.795 1.00 14.65 ? 305 HOH A O   1 
HETATM 1279 O  O   . HOH I 4 .   ? 10.419  0.705   0.195   1.00 18.14 ? 306 HOH A O   1 
HETATM 1280 O  O   . HOH I 4 .   ? 6.332   3.373   -9.673  1.00 18.34 ? 307 HOH A O   1 
HETATM 1281 O  O   . HOH I 4 .   ? 22.386  -17.280 -0.299  1.00 20.81 ? 308 HOH A O   1 
HETATM 1282 O  O   . HOH I 4 .   ? -1.076  -1.272  -11.850 1.00 20.24 ? 309 HOH A O   1 
HETATM 1283 O  O   . HOH I 4 .   ? -2.181  14.205  13.255  1.00 21.74 ? 310 HOH A O   1 
HETATM 1284 O  O   . HOH I 4 .   ? 17.132  -17.567 -4.867  1.00 24.04 ? 311 HOH A O   1 
HETATM 1285 O  O   . HOH I 4 .   ? 6.115   8.411   17.053  1.00 21.54 ? 312 HOH A O   1 
HETATM 1286 O  O   . HOH I 4 .   ? 3.622   1.251   12.540  1.00 21.80 ? 313 HOH A O   1 
HETATM 1287 O  O   . HOH I 4 .   ? 9.228   -5.870  -2.606  1.00 24.99 ? 314 HOH A O   1 
HETATM 1288 O  O   . HOH I 4 .   ? -12.167 -4.652  -0.340  1.00 22.27 ? 315 HOH A O   1 
HETATM 1289 O  O   . HOH I 4 .   ? 5.974   5.793   -11.155 1.00 21.31 ? 316 HOH A O   1 
HETATM 1290 O  O   . HOH I 4 .   ? -4.880  8.516   14.805  1.00 24.26 ? 317 HOH A O   1 
HETATM 1291 O  O   . HOH I 4 .   ? -3.007  10.423  7.306   1.00 21.34 ? 318 HOH A O   1 
HETATM 1292 O  O   . HOH I 4 .   ? 2.651   16.313  -5.865  1.00 25.97 ? 319 HOH A O   1 
HETATM 1293 O  O   . HOH I 4 .   ? 9.196   0.242   8.940   1.00 27.33 ? 320 HOH A O   1 
HETATM 1294 O  O   . HOH I 4 .   ? -0.117  15.523  -7.680  1.00 25.34 ? 321 HOH A O   1 
HETATM 1295 O  O   . HOH I 4 .   ? -4.790  12.235  6.511   1.00 23.75 ? 322 HOH A O   1 
HETATM 1296 O  O   . HOH I 4 .   ? 15.020  -17.216 2.244   1.00 23.71 ? 323 HOH A O   1 
HETATM 1297 O  O   . HOH I 4 .   ? 1.618   -10.344 11.250  1.00 33.98 ? 324 HOH A O   1 
HETATM 1298 O  O   . HOH I 4 .   ? 1.733   9.373   -17.526 1.00 27.00 ? 325 HOH A O   1 
HETATM 1299 O  O   . HOH I 4 .   ? 9.260   -0.466  -4.466  1.00 27.89 ? 326 HOH A O   1 
HETATM 1300 O  O   . HOH I 4 .   ? -8.461  -12.254 3.261   1.00 32.52 ? 327 HOH A O   1 
HETATM 1301 O  O   . HOH I 4 .   ? -11.189 -11.328 -5.099  1.00 40.00 ? 328 HOH A O   1 
HETATM 1302 O  O   . HOH I 4 .   ? -12.949 -0.834  2.734   1.00 29.72 ? 329 HOH A O   1 
HETATM 1303 O  O   . HOH I 4 .   ? 14.793  18.278  -4.903  1.00 23.06 ? 330 HOH A O   1 
HETATM 1304 O  O   . HOH I 4 .   ? 10.040  -11.083 5.206   1.00 26.85 ? 331 HOH A O   1 
HETATM 1305 O  O   . HOH I 4 .   ? -4.212  6.001   15.510  1.00 25.77 ? 332 HOH A O   1 
HETATM 1306 O  O   . HOH I 4 .   ? -0.560  -1.581  14.596  1.00 34.64 ? 333 HOH A O   1 
HETATM 1307 O  O   . HOH I 4 .   ? -12.586 10.042  8.226   1.00 26.82 ? 334 HOH A O   1 
HETATM 1308 O  O   . HOH I 4 .   ? -14.100 9.121   -9.722  1.00 27.33 ? 335 HOH A O   1 
HETATM 1309 O  O   . HOH I 4 .   ? 12.157  -14.647 3.652   1.00 33.56 ? 336 HOH A O   1 
HETATM 1310 O  O   . HOH I 4 .   ? -8.450  14.516  11.372  1.00 29.88 ? 337 HOH A O   1 
HETATM 1311 O  O   . HOH I 4 .   ? 0.948   -18.904 3.049   1.00 28.33 ? 338 HOH A O   1 
HETATM 1312 O  O   . HOH I 4 .   ? -11.886 -1.983  0.861   1.00 29.52 ? 339 HOH A O   1 
HETATM 1313 O  O   . HOH I 4 .   ? 4.864   16.113  -12.622 1.00 34.74 ? 340 HOH A O   1 
HETATM 1314 O  O   . HOH I 4 .   ? 1.208   12.916  2.569   1.00 29.75 ? 341 HOH A O   1 
HETATM 1315 O  O   . HOH I 4 .   ? 7.968   -23.371 8.873   1.00 35.12 ? 342 HOH A O   1 
HETATM 1316 O  O   . HOH I 4 .   ? -1.299  14.127  1.725   1.00 31.04 ? 343 HOH A O   1 
HETATM 1317 O  O   . HOH I 4 .   ? 14.997  4.615   -3.136  1.00 30.94 ? 344 HOH A O   1 
HETATM 1318 O  O   . HOH I 4 .   ? -7.103  11.962  -2.601  1.00 27.07 ? 345 HOH A O   1 
HETATM 1319 O  O   . HOH I 4 .   ? -14.454 7.445   -2.040  1.00 34.02 ? 346 HOH A O   1 
HETATM 1320 O  O   . HOH I 4 .   ? 6.488   4.319   -13.633 1.00 30.99 ? 347 HOH A O   1 
HETATM 1321 O  O   . HOH I 4 .   ? 2.540   -1.270  13.772  1.00 34.34 ? 348 HOH A O   1 
HETATM 1322 O  O   . HOH I 4 .   ? 7.017   12.269  4.263   1.00 34.00 ? 349 HOH A O   1 
HETATM 1323 O  O   . HOH I 4 .   ? 0.039   -24.906 14.295  1.00 25.53 ? 350 HOH A O   1 
HETATM 1324 O  O   . HOH I 4 .   ? 8.136   15.744  -5.507  1.00 31.59 ? 351 HOH A O   1 
HETATM 1325 O  O   . HOH I 4 .   ? -4.671  12.487  -1.763  1.00 38.71 ? 352 HOH A O   1 
HETATM 1326 O  O   . HOH I 4 .   ? -0.882  -16.896 2.229   1.00 30.63 ? 353 HOH A O   1 
HETATM 1327 O  O   . HOH I 4 .   ? 10.176  0.639   5.178   1.00 35.02 ? 354 HOH A O   1 
HETATM 1328 O  O   . HOH I 4 .   ? 0.080   -22.857 12.401  1.00 39.11 ? 355 HOH A O   1 
HETATM 1329 O  O   . HOH I 4 .   ? 16.467  18.463  -2.857  1.00 27.56 ? 356 HOH A O   1 
HETATM 1330 O  O   . HOH I 4 .   ? -10.876 12.607  -9.080  1.00 31.21 ? 357 HOH A O   1 
HETATM 1331 O  O   . HOH I 4 .   ? 2.200   3.060   14.182  1.00 27.94 ? 358 HOH A O   1 
HETATM 1332 O  O   . HOH I 4 .   ? 23.483  -13.456 1.199   1.00 28.56 ? 359 HOH A O   1 
HETATM 1333 O  O   . HOH I 4 .   ? -11.697 -6.048  -11.054 1.00 29.83 ? 360 HOH A O   1 
HETATM 1334 O  O   . HOH I 4 .   ? 2.367   14.590  13.596  1.00 30.62 ? 361 HOH A O   1 
HETATM 1335 O  O   . HOH I 4 .   ? 2.090   -16.747 -3.825  1.00 37.22 ? 362 HOH A O   1 
HETATM 1336 O  O   . HOH I 4 .   ? -3.116  -15.374 -2.091  1.00 34.17 ? 363 HOH A O   1 
HETATM 1337 O  O   . HOH I 4 .   ? 13.714  -12.578 -5.959  1.00 28.78 ? 364 HOH A O   1 
HETATM 1338 O  O   . HOH I 4 .   ? 8.713   -8.072  -5.783  1.00 32.71 ? 365 HOH A O   1 
HETATM 1339 O  O   . HOH I 4 .   ? -13.136 -4.529  -14.969 1.00 29.48 ? 366 HOH A O   1 
HETATM 1340 O  O   . HOH I 4 .   ? 7.308   -11.799 -7.308  1.00 40.10 ? 367 HOH A O   1 
HETATM 1341 O  O   . HOH I 4 .   ? 5.829   -23.531 5.983   1.00 33.24 ? 368 HOH A O   1 
HETATM 1342 O  O   . HOH I 4 .   ? -10.669 11.723  0.807   1.00 32.20 ? 369 HOH A O   1 
HETATM 1343 O  O   . HOH I 4 .   ? -4.289  12.837  -10.454 1.00 34.97 ? 370 HOH A O   1 
HETATM 1344 O  O   . HOH I 4 .   ? 12.031  11.931  -9.147  1.00 28.61 ? 371 HOH A O   1 
HETATM 1345 O  O   . HOH I 4 .   ? -4.300  14.093  17.365  1.00 41.38 ? 372 HOH A O   1 
HETATM 1346 O  O   . HOH I 4 .   ? -14.816 8.942   7.040   1.00 31.60 ? 373 HOH A O   1 
HETATM 1347 O  O   . HOH I 4 .   ? -3.049  2.803   18.152  1.00 39.92 ? 374 HOH A O   1 
HETATM 1348 O  O   . HOH I 4 .   ? 7.864   -17.788 -2.645  1.00 33.16 ? 375 HOH A O   1 
HETATM 1349 O  O   . HOH I 4 .   ? 7.747   1.387   -11.459 1.00 37.14 ? 376 HOH A O   1 
HETATM 1350 O  O   . HOH I 4 .   ? 21.691  -10.636 -0.141  1.00 37.90 ? 377 HOH A O   1 
HETATM 1351 O  O   . HOH I 4 .   ? -5.108  -6.090  10.942  1.00 31.62 ? 378 HOH A O   1 
HETATM 1352 O  O   . HOH I 4 .   ? 0.211   16.285  -12.286 1.00 42.90 ? 379 HOH A O   1 
HETATM 1353 O  O   . HOH I 4 .   ? -12.782 9.970   -0.239  1.00 38.65 ? 380 HOH A O   1 
HETATM 1354 O  O   . HOH I 4 .   ? -6.572  -3.740  11.218  1.00 35.89 ? 381 HOH A O   1 
HETATM 1355 O  O   . HOH I 4 .   ? 5.176   -3.573  -9.079  1.00 36.78 ? 382 HOH A O   1 
HETATM 1356 O  O   . HOH I 4 .   ? 3.679   -18.767 1.578   1.00 37.92 ? 383 HOH A O   1 
HETATM 1357 O  O   . HOH I 4 .   ? 10.950  5.268   -9.662  1.00 47.80 ? 384 HOH A O   1 
HETATM 1358 O  O   . HOH I 4 .   ? 1.373   16.797  -15.462 1.00 35.48 ? 385 HOH A O   1 
HETATM 1359 O  O   . HOH I 4 .   ? 8.386   -5.021  -6.740  1.00 40.31 ? 386 HOH A O   1 
HETATM 1360 O  O   . HOH I 4 .   ? -10.944 -11.054 0.296   1.00 37.99 ? 387 HOH A O   1 
HETATM 1361 O  O   . HOH I 4 .   ? 15.636  -4.971  -0.565  1.00 43.75 ? 388 HOH A O   1 
HETATM 1362 O  O   . HOH I 4 .   ? 1.192   -1.047  -13.657 1.00 34.39 ? 389 HOH A O   1 
HETATM 1363 O  O   . HOH I 4 .   ? 7.499   10.018  15.306  1.00 32.70 ? 390 HOH A O   1 
HETATM 1364 O  O   . HOH I 4 .   ? 12.696  20.542  -4.385  1.00 36.59 ? 391 HOH A O   1 
HETATM 1365 O  O   . HOH I 4 .   ? 0.892   -13.058 11.478  1.00 39.01 ? 392 HOH A O   1 
HETATM 1366 O  O   . HOH I 4 .   ? -14.212 1.457   1.668   1.00 39.91 ? 393 HOH A O   1 
HETATM 1367 O  O   . HOH I 4 .   ? 8.539   2.381   10.441  1.00 41.36 ? 394 HOH A O   1 
HETATM 1368 O  O   . HOH I 4 .   ? 7.515   15.883  -14.051 1.00 37.43 ? 395 HOH A O   1 
HETATM 1369 O  O   . HOH I 4 .   ? -19.520 -0.738  -8.777  1.00 49.87 ? 396 HOH A O   1 
HETATM 1370 O  O   . HOH I 4 .   ? -1.902  -17.169 -0.348  1.00 41.67 ? 397 HOH A O   1 
HETATM 1371 O  O   . HOH I 4 .   ? -10.416 4.236   11.761  1.00 43.80 ? 398 HOH A O   1 
HETATM 1372 O  O   . HOH I 4 .   ? -8.575  -10.565 5.370   1.00 36.49 ? 399 HOH A O   1 
HETATM 1373 O  O   . HOH I 4 .   ? 8.425   2.202   12.993  1.00 37.93 ? 400 HOH A O   1 
HETATM 1374 O  O   . HOH I 4 .   ? 5.399   -17.470 0.724   1.00 41.60 ? 401 HOH A O   1 
HETATM 1375 O  O   . HOH I 4 .   ? 9.154   4.753   9.629   1.00 41.49 ? 402 HOH A O   1 
HETATM 1376 O  O   . HOH I 4 .   ? 16.184  -15.419 -5.662  1.00 36.26 ? 403 HOH A O   1 
HETATM 1377 O  O   . HOH I 4 .   ? -4.693  14.688  -8.165  1.00 57.17 ? 404 HOH A O   1 
HETATM 1378 O  O   . HOH I 4 .   ? 1.368   15.382  -1.346  1.00 36.15 ? 405 HOH A O   1 
HETATM 1379 O  O   . HOH I 4 .   ? -4.221  -11.460 11.223  1.00 49.95 ? 406 HOH A O   1 
HETATM 1380 O  O   . HOH I 4 .   ? 9.363   -8.589  -13.349 1.00 57.27 ? 407 HOH A O   1 
HETATM 1381 O  O   . HOH I 4 .   ? -8.895  12.895  -0.996  1.00 34.62 ? 408 HOH A O   1 
HETATM 1382 O  O   . HOH I 4 .   ? 11.398  0.382   2.885   1.00 33.95 ? 409 HOH A O   1 
HETATM 1383 O  O   . HOH I 4 .   ? -13.755 10.516  -2.488  1.00 47.65 ? 410 HOH A O   1 
HETATM 1384 O  O   . HOH I 4 .   ? 2.940   -9.343  -8.674  1.00 39.13 ? 411 HOH A O   1 
HETATM 1385 O  O   . HOH I 4 .   ? -6.759  10.142  -13.165 1.00 35.03 ? 412 HOH A O   1 
HETATM 1386 O  O   . HOH I 4 .   ? -6.992  -16.450 -0.789  1.00 53.73 ? 413 HOH A O   1 
HETATM 1387 O  O   . HOH I 4 .   ? -17.273 3.066   4.932   1.00 52.31 ? 414 HOH A O   1 
HETATM 1388 O  O   . HOH I 4 .   ? -14.493 13.381  8.065   1.00 50.69 ? 415 HOH A O   1 
HETATM 1389 O  O   . HOH I 4 .   ? -15.851 0.455   -0.631  1.00 28.83 ? 416 HOH A O   1 
HETATM 1390 O  O   . HOH I 4 .   ? 12.258  -2.086  2.082   1.00 45.86 ? 417 HOH A O   1 
HETATM 1391 O  O   . HOH I 4 .   ? -13.271 11.858  10.019  1.00 41.71 ? 418 HOH A O   1 
HETATM 1392 O  O   . HOH I 4 .   ? 10.753  -0.527  -2.385  1.00 37.42 ? 419 HOH A O   1 
HETATM 1393 O  O   . HOH I 4 .   ? 1.449   3.976   17.312  1.00 31.90 ? 420 HOH A O   1 
HETATM 1394 O  O   . HOH I 4 .   ? 12.681  10.839  3.762   1.00 36.80 ? 421 HOH A O   1 
HETATM 1395 O  O   . HOH I 4 .   ? -15.564 -3.876  -2.287  1.00 40.95 ? 422 HOH A O   1 
HETATM 1396 O  O   . HOH I 4 .   ? -0.764  3.639   17.735  1.00 38.69 ? 423 HOH A O   1 
HETATM 1397 O  O   . HOH I 4 .   ? -4.791  -21.073 4.655   1.00 39.64 ? 424 HOH A O   1 
HETATM 1398 O  O   . HOH I 4 .   ? -2.798  11.865  -3.503  1.00 39.43 ? 425 HOH A O   1 
HETATM 1399 O  O   . HOH I 4 .   ? 0.722   17.297  -10.653 1.00 47.38 ? 426 HOH A O   1 
HETATM 1400 O  O   . HOH I 4 .   ? 6.149   2.278   13.913  1.00 43.48 ? 427 HOH A O   1 
HETATM 1401 O  O   . HOH I 4 .   ? -4.285  14.574  19.732  1.00 43.10 ? 428 HOH A O   1 
HETATM 1402 O  O   . HOH I 4 .   ? 3.148   11.703  -16.195 1.00 36.17 ? 429 HOH A O   1 
HETATM 1403 O  O   . HOH I 4 .   ? -5.325  -14.344 -1.079  1.00 56.49 ? 430 HOH A O   1 
HETATM 1404 O  O   . HOH I 4 .   ? 5.622   19.335  -0.735  1.00 44.82 ? 431 HOH A O   1 
HETATM 1405 O  O   . HOH I 4 .   ? 3.485   -3.677  13.677  1.00 34.58 ? 432 HOH A O   1 
HETATM 1406 O  O   . HOH I 4 .   ? -5.394  14.722  7.347   1.00 44.72 ? 433 HOH A O   1 
HETATM 1407 O  O   . HOH I 4 .   ? 4.758   5.193   -17.842 1.00 37.46 ? 434 HOH A O   1 
HETATM 1408 O  O   . HOH I 4 .   ? 2.181   -6.491  -8.829  1.00 39.00 ? 435 HOH A O   1 
HETATM 1409 O  O   . HOH I 4 .   ? -11.356 12.877  -2.761  1.00 42.23 ? 436 HOH A O   1 
HETATM 1410 O  O   . HOH I 4 .   ? -8.075  15.436  -0.875  1.00 49.08 ? 437 HOH A O   1 
HETATM 1411 O  O   . HOH I 4 .   ? -20.597 6.255   -1.586  1.00 48.84 ? 438 HOH A O   1 
HETATM 1412 O  O   . HOH I 4 .   ? -6.415  2.424   16.236  1.00 42.76 ? 439 HOH A O   1 
HETATM 1413 O  O   . HOH I 4 .   ? 8.412   -1.092  -10.548 1.00 40.84 ? 440 HOH A O   1 
HETATM 1414 O  O   . HOH I 4 .   ? -0.920  -20.820 2.726   1.00 41.98 ? 441 HOH A O   1 
HETATM 1415 O  O   . HOH I 4 .   ? 4.529   -5.677  -9.208  1.00 47.55 ? 442 HOH A O   1 
HETATM 1416 O  O   . HOH I 4 .   ? -11.347 3.470   9.361   1.00 39.81 ? 443 HOH A O   1 
HETATM 1417 O  O   . HOH I 4 .   ? 2.947   13.868  4.572   1.00 41.80 ? 444 HOH A O   1 
HETATM 1418 O  O   . HOH I 4 .   ? -3.192  -21.283 7.059   1.00 39.68 ? 445 HOH A O   1 
HETATM 1419 O  O   . HOH I 4 .   ? -30.991 -4.477  -7.998  1.00 18.18 ? 446 HOH A O   1 
HETATM 1420 O  O   . HOH I 4 .   ? 13.622  10.421  0.963   1.00 28.50 ? 447 HOH A O   1 
HETATM 1421 O  O   . HOH I 4 .   ? 1.801   10.592  5.079   1.00 37.70 ? 448 HOH A O   1 
HETATM 1422 O  O   . HOH I 4 .   ? -1.709  6.632   -16.749 1.00 34.68 ? 449 HOH A O   1 
HETATM 1423 O  O   . HOH I 4 .   ? -28.462 1.860   -1.467  1.00 51.80 ? 450 HOH A O   1 
HETATM 1424 O  O   . HOH I 4 .   ? -21.652 -0.906  -3.526  1.00 44.08 ? 451 HOH A O   1 
HETATM 1425 O  O   . HOH I 4 .   ? 17.623  -16.373 3.931   1.00 41.28 ? 452 HOH A O   1 
HETATM 1426 O  O   . HOH I 4 .   ? 15.512  -9.667  -6.460  1.00 48.21 ? 453 HOH A O   1 
HETATM 1427 O  O   . HOH I 4 .   ? 9.192   3.103   -9.523  1.00 43.78 ? 454 HOH A O   1 
HETATM 1428 O  O   . HOH I 4 .   ? 9.331   13.342  12.599  1.00 51.45 ? 455 HOH A O   1 
HETATM 1429 O  O   . HOH I 4 .   ? -2.442  14.587  -6.238  1.00 43.81 ? 456 HOH A O   1 
HETATM 1430 O  O   . HOH I 4 .   ? 8.148   -19.899 18.926  1.00 51.09 ? 457 HOH A O   1 
HETATM 1431 O  O   . HOH I 4 .   ? 7.685   18.453  -9.593  1.00 55.93 ? 458 HOH A O   1 
# 
